data_8VGW
#
_entry.id   8VGW
#
_cell.length_a   1.00
_cell.length_b   1.00
_cell.length_c   1.00
_cell.angle_alpha   90.00
_cell.angle_beta   90.00
_cell.angle_gamma   90.00
#
_symmetry.space_group_name_H-M   'P 1'
#
loop_
_entity.id
_entity.type
_entity.pdbx_description
1 polymer 'CH848 DE3 SOSIP gp120'
2 polymer 'CH848 DE3 SOSIP gp41'
3 polymer 'VRC01 Fab Heavy Chain'
4 polymer 'VRC01 Fab Light Chain'
#
loop_
_entity_poly.entity_id
_entity_poly.type
_entity_poly.pdbx_seq_one_letter_code
_entity_poly.pdbx_strand_id
1 'polypeptide(L)'
;AENLWVTVYYGVPVWKEAKTTLFCASDARAYEKEVHNVWATHACVPTDPSPQELVLGNVTENFNMWKNDMVDQMHEDIIS
LWDQSLKPCVKLTPLCVTLICSNATVKNGTVEEMKNCSFNTTTEIRDKEKKEYALFYKPDIVPLSETNNTSEYRLINCNT
SACTQACPKVTFEPIPIHYCAPAGYAILKCNDETFNGTGPCSNVSTVQCTHGIRPVVSTQLLLNGSLAEKEIVIRSENLT
NNAKIIIVHLHTPVEIVCTRPNNNTRKSVRIGPGQTFYATGDIIGDIKQAHCNISEEKWNDTLQKVGIELQKHFPNKTIK
YNQSAGGDMEITTHSFNCGGEFFYCNTSNLFNGTYNGTYISTNSSANSTSTITLQCRIKQIINMWQGVGRCMYAPPIAGN
ITCRSNITGLLLTRDGGTNSNETETFRPAGGDMRDNWRSELYKYKVVKIEPLGVAPTRCKRRVVGRRRRRR
;
A,E,I
2 'polypeptide(L)'
;AVGIGAVFLGFLGAAGSTMGAASMTLTVQARNLLSGIVQQQSNLLRAIEAQQHMLKLTVWGIKQLQARVLAVERYLRDQQ
LLGIWGCSGKLICCTNVPWNSSWSNRNLSEIWDNMTWLQWDKEISNYTQIIYGLLEESQNQQEKNEQDLLALD
;
B,F,J
3 'polypeptide(L)'
;QVQLVQSGGQMKKPGESMRISCRASGYEFIDCTLNWIRLAPGKRPEWMGWLKPRGGAVNYARPLQGRVTMTRDVYSDTAF
LELRSLTVDDTAVYFCTRGKNCDYNWDFEHWGRGTPVIVSS
;
C,G,K
4 'polypeptide(L)'
;EIVLTQSPGTLSLSPGETAIISCRTSQYGSLAWYQQRPGQAPRLVIYSGSTRAAGIPDRFSGSRWGPDYNLTISNLESGD
FGVYYCQQYEFFGQGTKVQVD
;
D,H,L
#
# COMPACT_ATOMS: atom_id res chain seq x y z
N ALA A 1 -34.32 19.98 47.08
CA ALA A 1 -34.16 20.15 45.65
C ALA A 1 -33.75 21.59 45.32
N GLU A 2 -33.47 21.85 44.06
CA GLU A 2 -33.06 23.18 43.63
C GLU A 2 -33.39 23.34 42.14
N ASN A 3 -33.51 24.60 41.72
CA ASN A 3 -33.71 24.92 40.31
C ASN A 3 -32.39 24.70 39.58
N LEU A 4 -32.39 23.78 38.60
CA LEU A 4 -31.19 23.40 37.88
C LEU A 4 -31.44 23.47 36.38
N TRP A 5 -30.37 23.76 35.64
CA TRP A 5 -30.42 23.91 34.20
C TRP A 5 -29.24 23.17 33.56
N VAL A 6 -29.39 22.82 32.29
CA VAL A 6 -28.41 22.01 31.59
C VAL A 6 -27.10 22.78 31.47
N THR A 7 -25.99 22.05 31.41
CA THR A 7 -24.66 22.62 31.25
C THR A 7 -23.82 21.68 30.41
N VAL A 8 -22.77 22.22 29.80
CA VAL A 8 -21.86 21.49 28.93
C VAL A 8 -20.45 21.67 29.43
N TYR A 9 -19.65 20.59 29.42
CA TYR A 9 -18.41 20.54 30.18
C TYR A 9 -17.20 20.00 29.42
N TYR A 10 -17.30 19.77 28.11
CA TYR A 10 -16.48 18.73 27.50
C TYR A 10 -15.02 19.13 27.44
N GLY A 11 -14.16 18.11 27.47
CA GLY A 11 -12.85 18.17 28.11
C GLY A 11 -12.84 17.30 29.36
N VAL A 12 -13.90 16.51 29.57
CA VAL A 12 -14.17 15.81 30.83
C VAL A 12 -13.32 14.54 30.89
N PRO A 13 -12.88 14.08 32.10
CA PRO A 13 -12.07 12.84 32.19
C PRO A 13 -12.87 11.56 32.45
N VAL A 14 -13.53 11.03 31.41
CA VAL A 14 -14.21 9.74 31.49
C VAL A 14 -14.02 8.99 30.18
N TRP A 15 -14.04 7.66 30.28
CA TRP A 15 -13.66 6.76 29.21
C TRP A 15 -14.75 5.72 28.96
N LYS A 16 -14.59 4.97 27.87
CA LYS A 16 -15.47 3.87 27.51
C LYS A 16 -14.64 2.76 26.89
N GLU A 17 -15.22 1.57 26.84
CA GLU A 17 -14.52 0.41 26.29
C GLU A 17 -14.44 0.52 24.77
N ALA A 18 -13.31 0.07 24.22
CA ALA A 18 -13.09 0.13 22.77
C ALA A 18 -11.84 -0.68 22.44
N LYS A 19 -11.60 -0.84 21.15
CA LYS A 19 -10.43 -1.55 20.64
C LYS A 19 -9.96 -0.87 19.37
N THR A 20 -8.64 -0.68 19.26
CA THR A 20 -8.05 -0.01 18.09
C THR A 20 -6.65 -0.54 17.84
N THR A 21 -6.15 -0.26 16.65
CA THR A 21 -4.77 -0.58 16.31
C THR A 21 -3.82 0.32 17.10
N LEU A 22 -2.71 -0.24 17.56
CA LEU A 22 -1.82 0.40 18.51
C LEU A 22 -0.44 0.58 17.90
N PHE A 23 0.11 1.79 18.04
CA PHE A 23 1.47 2.07 17.60
C PHE A 23 2.48 1.36 18.51
N CYS A 24 3.62 1.02 17.92
CA CYS A 24 4.72 0.35 18.63
C CYS A 24 5.85 1.34 18.90
N ALA A 25 6.53 1.14 20.02
CA ALA A 25 7.68 1.95 20.41
C ALA A 25 8.70 1.06 21.10
N SER A 26 9.95 1.13 20.65
CA SER A 26 11.02 0.27 21.14
C SER A 26 11.91 1.04 22.12
N ASP A 27 12.46 0.31 23.09
CA ASP A 27 13.18 0.94 24.18
C ASP A 27 14.56 1.41 23.73
N ALA A 28 14.99 2.56 24.25
CA ALA A 28 16.33 3.10 24.04
C ALA A 28 16.62 3.30 22.55
N ARG A 29 17.89 3.22 22.15
CA ARG A 29 18.27 3.32 20.74
C ARG A 29 18.15 2.01 19.99
N ALA A 30 17.40 1.04 20.51
CA ALA A 30 17.20 -0.21 19.81
C ALA A 30 16.46 -0.02 18.48
N TYR A 31 15.74 1.09 18.31
CA TYR A 31 15.10 1.36 17.03
C TYR A 31 16.13 1.51 15.92
N GLU A 32 17.35 1.94 16.26
CA GLU A 32 18.43 2.04 15.27
C GLU A 32 18.97 0.68 14.85
N LYS A 33 18.95 -0.31 15.74
CA LYS A 33 19.23 -1.70 15.36
C LYS A 33 17.99 -2.39 14.81
N GLU A 34 16.80 -1.90 15.16
CA GLU A 34 15.56 -2.59 14.83
C GLU A 34 15.32 -2.65 13.32
N VAL A 35 15.92 -1.75 12.56
CA VAL A 35 15.75 -1.72 11.10
C VAL A 35 16.22 -3.03 10.48
N HIS A 36 17.21 -3.68 11.11
CA HIS A 36 17.76 -4.95 10.64
C HIS A 36 17.28 -6.12 11.47
N ASN A 37 16.04 -6.10 11.94
CA ASN A 37 15.49 -7.13 12.82
C ASN A 37 14.14 -7.62 12.32
N VAL A 38 13.84 -8.87 12.69
CA VAL A 38 12.51 -9.45 12.57
C VAL A 38 12.16 -10.00 13.94
N TRP A 39 10.86 -10.05 14.23
CA TRP A 39 10.26 -9.87 15.55
C TRP A 39 10.40 -8.42 16.03
N ALA A 40 10.79 -7.51 15.14
CA ALA A 40 10.88 -6.09 15.43
C ALA A 40 10.73 -5.35 14.10
N THR A 41 10.12 -4.18 14.17
CA THR A 41 9.65 -3.50 12.96
C THR A 41 10.81 -2.80 12.25
N HIS A 42 10.50 -1.87 11.34
CA HIS A 42 11.49 -1.16 10.53
C HIS A 42 11.26 0.36 10.52
N ALA A 43 11.13 1.01 11.68
CA ALA A 43 11.37 0.63 13.08
C ALA A 43 10.36 1.32 13.99
N CYS A 44 10.25 0.82 15.23
CA CYS A 44 9.35 1.40 16.22
C CYS A 44 10.00 2.59 16.91
N VAL A 45 9.94 3.75 16.26
CA VAL A 45 10.64 4.95 16.75
C VAL A 45 9.81 5.62 17.84
N PRO A 46 10.33 5.86 19.05
CA PRO A 46 9.59 6.67 20.02
C PRO A 46 9.82 8.16 19.79
N THR A 47 8.85 8.97 20.24
CA THR A 47 8.94 10.42 20.16
C THR A 47 9.24 11.07 21.50
N ASP A 48 8.92 10.42 22.61
CA ASP A 48 9.15 10.91 23.95
C ASP A 48 9.75 9.79 24.78
N PRO A 49 10.45 10.13 25.89
CA PRO A 49 11.05 9.06 26.70
C PRO A 49 10.00 8.27 27.46
N SER A 50 9.36 7.33 26.77
CA SER A 50 8.37 6.46 27.38
C SER A 50 9.04 5.41 28.26
N PRO A 51 8.30 4.80 29.21
CA PRO A 51 6.91 5.04 29.63
C PRO A 51 6.77 6.07 30.74
N GLN A 52 5.55 6.56 30.97
CA GLN A 52 5.24 7.44 32.09
C GLN A 52 3.90 7.01 32.66
N GLU A 53 3.68 7.30 33.94
CA GLU A 53 2.54 6.74 34.66
C GLU A 53 1.99 7.76 35.64
N LEU A 54 0.69 7.63 35.91
CA LEU A 54 0.00 8.37 36.97
C LEU A 54 -0.96 7.42 37.68
N VAL A 55 -0.91 7.41 39.01
CA VAL A 55 -1.84 6.61 39.78
C VAL A 55 -3.17 7.34 39.89
N LEU A 56 -4.27 6.63 39.67
CA LEU A 56 -5.62 7.18 39.76
C LEU A 56 -6.22 6.73 41.09
N GLY A 57 -6.42 7.68 42.00
CA GLY A 57 -7.02 7.34 43.28
C GLY A 57 -8.51 7.08 43.15
N ASN A 58 -9.01 6.14 43.96
CA ASN A 58 -10.43 5.84 44.07
C ASN A 58 -11.02 5.24 42.81
N VAL A 59 -10.18 4.84 41.85
CA VAL A 59 -10.67 4.27 40.60
C VAL A 59 -10.62 2.75 40.68
N THR A 60 -11.75 2.11 40.38
CA THR A 60 -11.83 0.67 40.21
C THR A 60 -12.39 0.36 38.83
N GLU A 61 -11.68 -0.49 38.09
CA GLU A 61 -12.05 -0.85 36.74
C GLU A 61 -12.01 -2.37 36.60
N ASN A 62 -12.89 -2.89 35.76
CA ASN A 62 -13.03 -4.32 35.55
C ASN A 62 -12.05 -4.77 34.47
N PHE A 63 -11.25 -5.79 34.78
CA PHE A 63 -10.23 -6.31 33.88
C PHE A 63 -10.55 -7.75 33.51
N ASN A 64 -9.98 -8.18 32.37
CA ASN A 64 -10.10 -9.56 31.92
C ASN A 64 -9.00 -9.82 30.92
N MET A 65 -8.14 -10.81 31.20
CA MET A 65 -7.01 -11.11 30.32
C MET A 65 -7.37 -12.09 29.21
N TRP A 66 -8.46 -12.84 29.34
CA TRP A 66 -8.75 -13.91 28.39
C TRP A 66 -9.56 -13.40 27.20
N LYS A 67 -10.40 -12.39 27.43
CA LYS A 67 -11.07 -11.66 26.36
C LYS A 67 -10.29 -10.42 25.94
N ASN A 68 -8.99 -10.39 26.18
CA ASN A 68 -8.19 -9.20 25.92
C ASN A 68 -8.11 -8.92 24.43
N ASP A 69 -8.22 -7.65 24.06
CA ASP A 69 -8.16 -7.26 22.64
C ASP A 69 -6.75 -6.98 22.17
N MET A 70 -5.79 -6.80 23.10
CA MET A 70 -4.42 -6.51 22.70
C MET A 70 -3.68 -7.75 22.23
N VAL A 71 -3.97 -8.92 22.81
CA VAL A 71 -3.23 -10.12 22.45
C VAL A 71 -3.51 -10.50 21.01
N ASP A 72 -4.76 -10.36 20.56
CA ASP A 72 -5.07 -10.60 19.15
C ASP A 72 -4.42 -9.53 18.27
N GLN A 73 -4.24 -8.32 18.81
CA GLN A 73 -3.61 -7.26 18.03
C GLN A 73 -2.13 -7.56 17.79
N MET A 74 -1.46 -8.17 18.78
CA MET A 74 -0.04 -8.44 18.64
C MET A 74 0.21 -9.69 17.78
N HIS A 75 -0.50 -10.78 18.07
CA HIS A 75 -0.25 -12.03 17.38
C HIS A 75 -0.57 -11.91 15.90
N GLU A 76 -1.66 -11.23 15.56
CA GLU A 76 -2.01 -11.02 14.16
C GLU A 76 -1.11 -10.00 13.47
N ASP A 77 -0.25 -9.30 14.21
CA ASP A 77 0.70 -8.35 13.64
C ASP A 77 2.13 -8.83 13.72
N ILE A 78 2.47 -9.69 14.67
CA ILE A 78 3.81 -10.29 14.70
C ILE A 78 3.97 -11.28 13.56
N ILE A 79 2.96 -12.13 13.34
CA ILE A 79 3.05 -13.08 12.24
C ILE A 79 3.00 -12.36 10.90
N SER A 80 2.29 -11.22 10.84
CA SER A 80 2.32 -10.41 9.62
C SER A 80 3.67 -9.71 9.46
N LEU A 81 4.29 -9.34 10.59
CA LEU A 81 5.64 -8.79 10.54
C LEU A 81 6.66 -9.88 10.22
N TRP A 82 6.37 -11.12 10.62
CA TRP A 82 7.33 -12.21 10.42
C TRP A 82 7.51 -12.54 8.96
N ASP A 83 6.40 -12.71 8.23
CA ASP A 83 6.49 -13.14 6.84
C ASP A 83 6.83 -11.99 5.89
N GLN A 84 6.71 -10.74 6.36
CA GLN A 84 7.14 -9.62 5.54
C GLN A 84 8.65 -9.58 5.40
N SER A 85 9.37 -9.77 6.51
CA SER A 85 10.83 -9.79 6.45
C SER A 85 11.33 -11.01 5.69
N LEU A 86 10.58 -12.12 5.74
CA LEU A 86 10.99 -13.34 5.06
C LEU A 86 10.63 -13.32 3.57
N LYS A 87 9.75 -12.42 3.15
CA LYS A 87 9.26 -12.44 1.77
C LYS A 87 10.35 -12.24 0.71
N PRO A 88 11.25 -11.27 0.80
CA PRO A 88 12.22 -11.07 -0.29
C PRO A 88 13.39 -12.05 -0.30
N CYS A 89 13.42 -13.03 0.59
CA CYS A 89 14.58 -13.91 0.71
C CYS A 89 14.46 -15.07 -0.27
N VAL A 90 15.58 -15.78 -0.46
CA VAL A 90 15.66 -16.83 -1.47
C VAL A 90 14.70 -17.97 -1.14
N LYS A 91 14.01 -18.48 -2.16
CA LYS A 91 13.20 -19.68 -2.02
C LYS A 91 14.02 -20.92 -2.37
N LEU A 92 13.69 -22.03 -1.72
CA LEU A 92 14.43 -23.29 -1.83
C LEU A 92 13.70 -24.32 -2.71
N THR A 93 13.01 -23.88 -3.75
CA THR A 93 12.48 -24.83 -4.72
C THR A 93 13.55 -25.69 -5.41
N PRO A 94 14.68 -25.16 -5.89
CA PRO A 94 15.58 -26.00 -6.68
C PRO A 94 16.36 -27.04 -5.89
N LEU A 95 16.25 -27.08 -4.56
CA LEU A 95 16.96 -28.08 -3.78
C LEU A 95 16.22 -29.41 -3.68
N CYS A 96 14.94 -29.47 -4.06
CA CYS A 96 14.18 -30.71 -3.96
C CYS A 96 14.63 -31.66 -5.08
N VAL A 97 15.75 -32.32 -4.81
CA VAL A 97 16.36 -33.25 -5.74
C VAL A 97 16.47 -34.58 -5.02
N THR A 98 16.68 -35.66 -5.78
CA THR A 98 16.83 -36.96 -5.15
C THR A 98 18.16 -36.99 -4.41
N LEU A 99 18.14 -36.62 -3.13
CA LEU A 99 19.36 -36.61 -2.33
C LEU A 99 19.86 -38.03 -2.12
N ILE A 100 21.17 -38.22 -2.28
CA ILE A 100 21.84 -39.47 -1.94
C ILE A 100 22.62 -39.24 -0.66
N CYS A 101 22.23 -39.91 0.41
CA CYS A 101 22.74 -39.63 1.75
C CYS A 101 23.46 -40.84 2.31
N SER A 102 24.48 -40.57 3.12
CA SER A 102 25.27 -41.59 3.77
C SER A 102 25.74 -41.05 5.11
N ASN A 103 26.47 -41.90 5.85
CA ASN A 103 26.90 -41.53 7.20
C ASN A 103 27.83 -40.32 7.16
N ALA A 104 27.64 -39.40 8.10
CA ALA A 104 28.45 -38.19 8.18
C ALA A 104 29.67 -38.48 9.03
N THR A 105 30.80 -38.75 8.37
CA THR A 105 32.04 -39.03 9.08
C THR A 105 32.76 -37.74 9.46
N VAL A 106 33.41 -37.77 10.62
CA VAL A 106 34.16 -36.63 11.16
C VAL A 106 35.51 -37.19 11.61
N LYS A 107 36.42 -36.29 12.00
CA LYS A 107 37.76 -36.66 12.46
C LYS A 107 37.74 -37.77 13.51
N ASN A 108 38.33 -38.92 13.15
CA ASN A 108 38.37 -40.14 13.97
C ASN A 108 37.05 -40.43 14.69
N GLY A 109 35.94 -40.28 13.98
CA GLY A 109 34.65 -40.56 14.56
C GLY A 109 33.53 -40.34 13.57
N THR A 110 32.30 -40.51 14.06
CA THR A 110 31.09 -40.29 13.27
C THR A 110 30.04 -39.65 14.16
N VAL A 111 29.16 -38.85 13.56
CA VAL A 111 28.13 -38.11 14.29
C VAL A 111 26.80 -38.79 14.05
N GLU A 112 26.08 -39.05 15.14
CA GLU A 112 24.83 -39.82 15.04
C GLU A 112 23.68 -38.97 14.52
N GLU A 113 23.71 -37.66 14.77
CA GLU A 113 22.56 -36.81 14.50
C GLU A 113 22.22 -36.71 13.02
N MET A 114 23.23 -36.62 12.14
CA MET A 114 23.04 -36.03 10.83
C MET A 114 23.57 -36.94 9.72
N LYS A 115 23.23 -36.56 8.49
CA LYS A 115 23.52 -37.32 7.29
C LYS A 115 24.28 -36.46 6.29
N ASN A 116 25.21 -37.07 5.56
CA ASN A 116 25.97 -36.39 4.52
C ASN A 116 25.29 -36.63 3.18
N CYS A 117 24.55 -35.64 2.70
CA CYS A 117 23.71 -35.77 1.52
C CYS A 117 24.31 -35.00 0.35
N SER A 118 24.24 -35.60 -0.84
CA SER A 118 24.76 -35.01 -2.07
C SER A 118 23.66 -34.97 -3.12
N PHE A 119 23.71 -33.94 -3.97
CA PHE A 119 22.66 -33.72 -4.95
C PHE A 119 23.22 -32.92 -6.12
N ASN A 120 22.56 -33.04 -7.27
CA ASN A 120 22.89 -32.24 -8.45
C ASN A 120 22.21 -30.90 -8.35
N THR A 121 22.98 -29.81 -8.50
CA THR A 121 22.48 -28.45 -8.37
C THR A 121 22.84 -27.67 -9.62
N THR A 122 21.96 -26.74 -9.99
CA THR A 122 22.18 -25.95 -11.21
C THR A 122 23.27 -24.92 -10.99
N THR A 123 24.14 -24.76 -11.99
CA THR A 123 25.19 -23.76 -11.94
C THR A 123 24.62 -22.41 -12.35
N GLU A 124 25.49 -21.43 -12.63
CA GLU A 124 25.01 -20.14 -13.12
C GLU A 124 24.22 -20.30 -14.40
N ILE A 125 24.67 -21.17 -15.30
CA ILE A 125 24.00 -21.48 -16.56
C ILE A 125 22.99 -22.59 -16.27
N ARG A 126 21.83 -22.52 -16.91
CA ARG A 126 20.75 -23.43 -16.56
C ARG A 126 20.90 -24.81 -17.19
N ASP A 127 21.66 -24.96 -18.28
CA ASP A 127 21.75 -26.24 -18.97
C ASP A 127 22.88 -27.13 -18.47
N LYS A 128 23.61 -26.73 -17.42
CA LYS A 128 24.68 -27.53 -16.83
C LYS A 128 24.47 -27.59 -15.33
N GLU A 129 24.81 -28.73 -14.74
CA GLU A 129 24.66 -28.98 -13.32
C GLU A 129 25.92 -29.63 -12.77
N LYS A 130 26.13 -29.48 -11.46
CA LYS A 130 27.31 -29.98 -10.78
C LYS A 130 26.91 -30.76 -9.53
N LYS A 131 27.76 -31.71 -9.15
CA LYS A 131 27.58 -32.40 -7.88
C LYS A 131 27.93 -31.46 -6.73
N GLU A 132 27.16 -31.56 -5.65
CA GLU A 132 27.36 -30.74 -4.47
C GLU A 132 26.90 -31.56 -3.27
N TYR A 133 27.42 -31.22 -2.09
CA TYR A 133 27.07 -31.93 -0.86
C TYR A 133 26.95 -30.95 0.29
N ALA A 134 26.28 -31.40 1.35
CA ALA A 134 26.11 -30.59 2.55
C ALA A 134 25.60 -31.47 3.66
N LEU A 135 26.04 -31.16 4.89
CA LEU A 135 25.60 -31.89 6.07
C LEU A 135 24.34 -31.22 6.61
N PHE A 136 23.17 -31.77 6.26
CA PHE A 136 21.92 -31.30 6.83
C PHE A 136 21.90 -31.76 8.28
N TYR A 137 22.12 -30.85 9.23
CA TYR A 137 22.31 -31.29 10.62
C TYR A 137 20.98 -31.60 11.31
N LYS A 138 20.22 -32.51 10.72
CA LYS A 138 19.09 -33.18 11.33
C LYS A 138 18.92 -34.48 10.57
N PRO A 139 18.52 -35.58 11.22
CA PRO A 139 18.13 -36.77 10.46
C PRO A 139 16.71 -36.70 9.96
N ASP A 140 16.05 -35.54 10.10
CA ASP A 140 14.67 -35.34 9.69
C ASP A 140 14.60 -35.01 8.21
N ILE A 141 15.03 -35.95 7.38
CA ILE A 141 14.84 -35.91 5.93
C ILE A 141 14.17 -37.22 5.54
N VAL A 142 13.01 -37.11 4.90
CA VAL A 142 12.15 -38.27 4.68
C VAL A 142 12.81 -39.18 3.65
N PRO A 143 12.94 -40.49 3.89
CA PRO A 143 13.39 -41.37 2.81
C PRO A 143 12.36 -41.40 1.69
N LEU A 144 12.84 -41.52 0.46
CA LEU A 144 11.98 -41.46 -0.71
C LEU A 144 11.34 -42.82 -0.94
N SER A 145 10.02 -42.83 -1.10
CA SER A 145 9.26 -44.07 -1.23
C SER A 145 9.34 -44.59 -2.66
N GLU A 146 8.58 -45.66 -2.93
CA GLU A 146 8.52 -46.29 -4.25
C GLU A 146 9.90 -46.77 -4.71
N THR A 147 10.70 -47.28 -3.77
CA THR A 147 11.98 -47.87 -4.11
C THR A 147 12.50 -48.65 -2.91
N ASN A 148 13.17 -49.77 -3.19
CA ASN A 148 13.80 -50.56 -2.14
C ASN A 148 15.12 -49.97 -1.66
N ASN A 149 15.65 -48.96 -2.35
CA ASN A 149 16.92 -48.37 -1.97
C ASN A 149 16.75 -47.51 -0.71
N THR A 150 17.59 -47.76 0.29
CA THR A 150 17.54 -47.04 1.54
C THR A 150 18.38 -45.77 1.56
N SER A 151 19.13 -45.49 0.49
CA SER A 151 20.08 -44.38 0.46
C SER A 151 19.58 -43.18 -0.36
N GLU A 152 18.32 -43.18 -0.78
CA GLU A 152 17.71 -42.04 -1.46
C GLU A 152 16.76 -41.33 -0.51
N TYR A 153 17.00 -40.04 -0.30
CA TYR A 153 16.23 -39.22 0.64
C TYR A 153 15.74 -37.98 -0.08
N ARG A 154 15.01 -37.14 0.65
CA ARG A 154 14.34 -35.99 0.07
C ARG A 154 14.00 -34.98 1.17
N LEU A 155 14.09 -33.69 0.83
CA LEU A 155 13.86 -32.64 1.80
C LEU A 155 12.37 -32.51 2.10
N ILE A 156 12.01 -32.44 3.38
CA ILE A 156 10.61 -32.62 3.79
C ILE A 156 9.71 -31.44 3.41
N ASN A 157 10.26 -30.37 2.83
CA ASN A 157 9.41 -29.27 2.39
C ASN A 157 8.45 -29.71 1.30
N CYS A 158 8.98 -30.35 0.25
CA CYS A 158 8.25 -30.47 -1.01
C CYS A 158 7.06 -31.42 -0.94
N ASN A 159 6.90 -32.21 0.12
CA ASN A 159 5.70 -33.01 0.22
C ASN A 159 4.45 -32.15 0.41
N THR A 160 4.59 -30.98 1.05
CA THR A 160 3.45 -30.15 1.39
C THR A 160 3.59 -28.70 0.93
N SER A 161 4.78 -28.12 0.99
CA SER A 161 4.93 -26.72 0.64
C SER A 161 6.41 -26.37 0.50
N ALA A 162 6.72 -25.55 -0.51
CA ALA A 162 8.07 -25.04 -0.67
C ALA A 162 8.36 -23.98 0.37
N CYS A 163 9.64 -23.83 0.72
CA CYS A 163 10.08 -23.01 1.83
C CYS A 163 11.02 -21.92 1.37
N THR A 164 11.28 -20.98 2.28
CA THR A 164 12.09 -19.80 2.03
C THR A 164 13.19 -19.73 3.07
N GLN A 165 14.36 -19.25 2.66
CA GLN A 165 15.46 -19.07 3.60
C GLN A 165 15.22 -17.87 4.49
N ALA A 166 15.77 -17.91 5.69
CA ALA A 166 15.88 -16.73 6.53
C ALA A 166 17.22 -16.07 6.21
N CYS A 167 17.15 -14.89 5.60
CA CYS A 167 18.35 -14.26 5.06
C CYS A 167 19.33 -13.95 6.20
N PRO A 168 20.65 -14.04 5.98
CA PRO A 168 21.59 -13.75 7.08
C PRO A 168 21.51 -12.33 7.61
N LYS A 169 21.00 -11.38 6.83
CA LYS A 169 20.97 -9.99 7.28
C LYS A 169 20.10 -9.84 8.52
N VAL A 170 18.86 -10.32 8.47
CA VAL A 170 17.93 -10.15 9.57
C VAL A 170 18.35 -11.06 10.71
N THR A 171 18.10 -10.61 11.94
CA THR A 171 18.47 -11.33 13.15
C THR A 171 17.22 -11.59 13.98
N PHE A 172 17.10 -12.80 14.51
CA PHE A 172 15.99 -13.16 15.39
C PHE A 172 16.33 -12.73 16.80
N GLU A 173 15.62 -11.72 17.32
CA GLU A 173 15.91 -11.14 18.62
C GLU A 173 14.60 -10.79 19.34
N PRO A 174 14.47 -11.09 20.64
CA PRO A 174 13.30 -10.57 21.38
C PRO A 174 13.55 -9.18 21.94
N ILE A 175 13.58 -8.19 21.05
CA ILE A 175 13.79 -6.80 21.47
C ILE A 175 12.56 -6.34 22.25
N PRO A 176 12.71 -5.65 23.39
CA PRO A 176 11.51 -5.15 24.07
C PRO A 176 10.78 -4.12 23.23
N ILE A 177 9.47 -4.29 23.09
CA ILE A 177 8.63 -3.48 22.22
C ILE A 177 7.46 -2.97 23.04
N HIS A 178 7.38 -1.66 23.22
CA HIS A 178 6.25 -1.05 23.90
C HIS A 178 5.12 -0.80 22.90
N TYR A 179 3.88 -0.83 23.39
CA TYR A 179 2.71 -0.45 22.61
C TYR A 179 2.09 0.81 23.21
N CYS A 180 1.82 1.78 22.34
CA CYS A 180 1.30 3.08 22.73
C CYS A 180 -0.03 3.31 22.00
N ALA A 181 -1.08 3.58 22.77
CA ALA A 181 -2.38 3.81 22.14
C ALA A 181 -2.39 5.19 21.48
N PRO A 182 -3.17 5.39 20.42
CA PRO A 182 -3.17 6.70 19.75
C PRO A 182 -3.90 7.74 20.58
N ALA A 183 -3.87 8.97 20.08
CA ALA A 183 -4.55 10.06 20.77
C ALA A 183 -6.05 9.81 20.78
N GLY A 184 -6.68 10.18 21.90
CA GLY A 184 -8.08 9.88 22.12
C GLY A 184 -8.33 8.59 22.87
N TYR A 185 -7.31 7.75 23.06
CA TYR A 185 -7.41 6.49 23.76
C TYR A 185 -6.31 6.45 24.82
N ALA A 186 -6.60 5.77 25.93
CA ALA A 186 -5.69 5.67 27.06
C ALA A 186 -5.56 4.23 27.51
N ILE A 187 -4.34 3.81 27.80
CA ILE A 187 -4.06 2.45 28.26
C ILE A 187 -4.07 2.46 29.78
N LEU A 188 -4.99 1.71 30.37
CA LEU A 188 -5.01 1.51 31.80
C LEU A 188 -4.03 0.40 32.18
N LYS A 189 -3.78 0.26 33.48
CA LYS A 189 -2.92 -0.78 34.01
C LYS A 189 -3.37 -1.12 35.42
N CYS A 190 -3.39 -2.41 35.74
CA CYS A 190 -3.79 -2.89 37.05
C CYS A 190 -2.55 -3.20 37.88
N ASN A 191 -2.32 -2.41 38.93
CA ASN A 191 -1.17 -2.61 39.80
C ASN A 191 -1.42 -3.65 40.88
N ASP A 192 -2.63 -4.18 41.00
CA ASP A 192 -2.96 -5.15 42.04
C ASP A 192 -2.17 -6.43 41.79
N GLU A 193 -1.12 -6.66 42.59
CA GLU A 193 -0.25 -7.80 42.41
C GLU A 193 -0.95 -9.14 42.63
N THR A 194 -2.07 -9.16 43.34
CA THR A 194 -2.82 -10.38 43.59
C THR A 194 -3.89 -10.66 42.54
N PHE A 195 -3.78 -10.05 41.36
CA PHE A 195 -4.79 -10.21 40.33
C PHE A 195 -4.67 -11.60 39.71
N ASN A 196 -5.77 -12.36 39.73
CA ASN A 196 -5.76 -13.74 39.24
C ASN A 196 -6.15 -13.88 37.77
N GLY A 197 -6.41 -12.77 37.07
CA GLY A 197 -6.69 -12.78 35.65
C GLY A 197 -8.02 -12.19 35.25
N THR A 198 -8.97 -12.11 36.18
CA THR A 198 -10.28 -11.55 35.90
C THR A 198 -10.81 -10.85 37.14
N GLY A 199 -11.81 -10.00 36.95
CA GLY A 199 -12.50 -9.37 38.05
C GLY A 199 -12.06 -7.94 38.30
N PRO A 200 -12.62 -7.32 39.34
CA PRO A 200 -12.27 -5.92 39.63
C PRO A 200 -10.80 -5.76 40.00
N CYS A 201 -10.25 -4.60 39.64
CA CYS A 201 -8.93 -4.15 40.10
C CYS A 201 -9.07 -2.74 40.64
N SER A 202 -8.64 -2.55 41.89
CA SER A 202 -8.89 -1.30 42.62
C SER A 202 -7.63 -0.47 42.82
N ASN A 203 -6.59 -0.67 41.98
CA ASN A 203 -5.36 0.12 42.04
C ASN A 203 -4.95 0.48 40.59
N VAL A 204 -5.92 0.97 39.82
CA VAL A 204 -5.71 1.25 38.41
C VAL A 204 -4.77 2.44 38.24
N SER A 205 -3.97 2.41 37.18
CA SER A 205 -3.16 3.55 36.78
C SER A 205 -3.06 3.58 35.26
N THR A 206 -2.90 4.78 34.72
CA THR A 206 -2.84 5.01 33.28
C THR A 206 -1.39 5.21 32.88
N VAL A 207 -1.05 4.78 31.66
CA VAL A 207 0.30 4.92 31.13
C VAL A 207 0.24 5.39 29.68
N GLN A 208 1.34 6.00 29.25
CA GLN A 208 1.50 6.36 27.84
C GLN A 208 1.66 5.11 26.98
N CYS A 209 2.50 4.18 27.43
CA CYS A 209 2.80 2.96 26.68
C CYS A 209 2.98 1.82 27.65
N THR A 210 2.87 0.60 27.12
CA THR A 210 3.09 -0.60 27.92
C THR A 210 4.58 -0.72 28.27
N HIS A 211 4.86 -1.61 29.22
CA HIS A 211 6.24 -1.85 29.60
C HIS A 211 6.98 -2.57 28.47
N GLY A 212 8.25 -2.85 28.70
CA GLY A 212 9.10 -3.42 27.67
C GLY A 212 8.80 -4.88 27.40
N ILE A 213 7.63 -5.16 26.82
CA ILE A 213 7.29 -6.52 26.44
C ILE A 213 8.16 -6.94 25.28
N ARG A 214 8.79 -8.11 25.40
CA ARG A 214 9.65 -8.66 24.34
C ARG A 214 8.96 -9.85 23.69
N PRO A 215 9.00 -9.99 22.36
CA PRO A 215 8.25 -11.09 21.70
C PRO A 215 9.05 -12.38 21.62
N VAL A 216 9.21 -13.05 22.76
CA VAL A 216 9.87 -14.35 22.78
C VAL A 216 8.86 -15.43 22.39
N VAL A 217 9.36 -16.48 21.74
CA VAL A 217 8.54 -17.60 21.27
C VAL A 217 9.15 -18.89 21.79
N SER A 218 8.37 -19.64 22.56
CA SER A 218 8.80 -20.92 23.12
C SER A 218 7.56 -21.72 23.52
N THR A 219 7.78 -22.96 23.94
CA THR A 219 6.71 -23.85 24.34
C THR A 219 7.11 -24.61 25.60
N GLN A 220 6.12 -24.82 26.46
CA GLN A 220 6.19 -25.55 27.72
C GLN A 220 6.93 -24.81 28.84
N LEU A 221 7.58 -23.70 28.53
CA LEU A 221 8.32 -22.91 29.52
C LEU A 221 8.50 -21.51 28.96
N LEU A 222 8.20 -20.51 29.77
CA LEU A 222 8.25 -19.11 29.35
C LEU A 222 9.60 -18.52 29.76
N LEU A 223 10.33 -18.00 28.78
CA LEU A 223 11.71 -17.57 28.95
C LEU A 223 11.83 -16.07 28.86
N ASN A 224 12.69 -15.49 29.70
CA ASN A 224 12.98 -14.05 29.69
C ASN A 224 11.71 -13.23 29.90
N GLY A 225 10.82 -13.70 30.75
CA GLY A 225 9.58 -13.00 31.04
C GLY A 225 9.72 -12.04 32.20
N SER A 226 8.61 -11.39 32.52
CA SER A 226 8.52 -10.47 33.65
C SER A 226 7.96 -11.23 34.85
N LEU A 227 8.71 -11.24 35.94
CA LEU A 227 8.39 -12.07 37.08
C LEU A 227 7.25 -11.47 37.90
N ALA A 228 6.59 -12.32 38.68
CA ALA A 228 5.59 -11.85 39.62
C ALA A 228 6.23 -11.03 40.72
N GLU A 229 5.45 -10.14 41.32
CA GLU A 229 6.00 -9.22 42.32
C GLU A 229 6.16 -9.90 43.68
N LYS A 230 5.06 -10.40 44.25
CA LYS A 230 5.09 -10.98 45.58
C LYS A 230 5.41 -12.46 45.59
N GLU A 231 4.59 -13.27 44.92
CA GLU A 231 4.68 -14.72 45.03
C GLU A 231 4.27 -15.35 43.71
N ILE A 232 4.28 -16.69 43.69
CA ILE A 232 3.87 -17.43 42.50
C ILE A 232 2.38 -17.21 42.27
N VAL A 233 2.00 -17.01 41.01
CA VAL A 233 0.62 -16.79 40.61
C VAL A 233 0.26 -17.78 39.52
N ILE A 234 -0.95 -18.32 39.63
CA ILE A 234 -1.51 -19.27 38.66
C ILE A 234 -2.77 -18.64 38.08
N ARG A 235 -2.87 -18.68 36.75
CA ARG A 235 -3.92 -17.98 36.02
C ARG A 235 -4.53 -18.90 34.98
N SER A 236 -5.84 -19.12 35.06
CA SER A 236 -6.56 -19.91 34.08
C SER A 236 -7.98 -19.37 33.99
N GLU A 237 -8.64 -19.66 32.87
CA GLU A 237 -10.03 -19.23 32.71
C GLU A 237 -10.92 -19.85 33.76
N ASN A 238 -10.83 -21.17 33.93
CA ASN A 238 -11.64 -21.87 34.92
C ASN A 238 -10.94 -23.17 35.29
N LEU A 239 -10.32 -23.23 36.47
CA LEU A 239 -9.48 -24.36 36.81
C LEU A 239 -10.25 -25.68 36.81
N THR A 240 -11.55 -25.63 37.12
CA THR A 240 -12.34 -26.86 37.08
C THR A 240 -12.45 -27.42 35.66
N ASN A 241 -12.37 -26.56 34.65
CA ASN A 241 -12.40 -27.00 33.26
C ASN A 241 -11.02 -27.55 32.89
N ASN A 242 -10.93 -28.87 32.71
CA ASN A 242 -9.63 -29.50 32.45
C ASN A 242 -9.04 -29.11 31.10
N ALA A 243 -9.81 -28.49 30.22
CA ALA A 243 -9.27 -27.85 29.03
C ALA A 243 -8.68 -26.50 29.47
N LYS A 244 -8.40 -25.61 28.52
CA LYS A 244 -7.74 -24.33 28.79
C LYS A 244 -6.30 -24.58 29.23
N ILE A 245 -5.58 -23.52 29.57
CA ILE A 245 -4.15 -23.59 29.83
C ILE A 245 -3.88 -22.87 31.14
N ILE A 246 -3.13 -23.53 32.03
CA ILE A 246 -2.89 -23.03 33.38
C ILE A 246 -1.56 -22.30 33.34
N ILE A 247 -1.60 -21.01 33.04
CA ILE A 247 -0.38 -20.22 32.95
C ILE A 247 0.10 -19.92 34.37
N VAL A 248 1.36 -20.25 34.65
CA VAL A 248 1.98 -20.04 35.95
C VAL A 248 3.00 -18.92 35.84
N HIS A 249 3.11 -18.10 36.87
CA HIS A 249 4.11 -17.04 36.96
C HIS A 249 5.02 -17.31 38.16
N LEU A 250 6.32 -17.36 37.90
CA LEU A 250 7.31 -17.49 38.97
C LEU A 250 7.77 -16.11 39.43
N HIS A 251 7.91 -15.95 40.75
CA HIS A 251 8.37 -14.68 41.31
C HIS A 251 9.89 -14.59 41.38
N THR A 252 10.60 -15.70 41.16
CA THR A 252 12.06 -15.68 41.10
C THR A 252 12.44 -16.74 40.06
N PRO A 253 13.38 -16.45 39.16
CA PRO A 253 13.62 -17.36 38.04
C PRO A 253 14.63 -18.46 38.37
N VAL A 254 14.75 -19.39 37.43
CA VAL A 254 15.77 -20.44 37.44
C VAL A 254 16.54 -20.33 36.13
N GLU A 255 17.85 -20.25 36.21
CA GLU A 255 18.66 -20.03 35.03
C GLU A 255 18.80 -21.32 34.23
N ILE A 256 18.41 -21.28 32.96
CA ILE A 256 18.56 -22.41 32.04
C ILE A 256 19.73 -22.10 31.13
N VAL A 257 20.71 -23.02 31.09
CA VAL A 257 21.89 -22.89 30.24
C VAL A 257 21.78 -23.94 29.15
N CYS A 258 21.87 -23.50 27.89
CA CYS A 258 21.78 -24.38 26.73
C CYS A 258 22.95 -24.09 25.80
N THR A 259 23.34 -25.10 25.03
CA THR A 259 24.54 -24.99 24.21
C THR A 259 24.49 -25.97 23.05
N ARG A 260 25.32 -25.69 22.03
CA ARG A 260 25.49 -26.53 20.85
C ARG A 260 26.98 -26.72 20.67
N PRO A 261 27.62 -27.61 21.44
CA PRO A 261 29.08 -27.59 21.55
C PRO A 261 29.84 -28.00 20.29
N ASN A 262 29.17 -28.46 19.24
CA ASN A 262 29.88 -28.77 18.00
C ASN A 262 30.40 -27.49 17.34
N ASN A 263 31.49 -27.64 16.60
CA ASN A 263 32.12 -26.53 15.88
C ASN A 263 31.86 -26.71 14.39
N ASN A 264 30.73 -26.17 13.94
CA ASN A 264 30.30 -26.32 12.55
C ASN A 264 30.81 -25.18 11.70
N THR A 265 30.87 -25.43 10.38
CA THR A 265 31.31 -24.45 9.40
C THR A 265 30.23 -24.22 8.36
N ARG A 266 29.96 -22.96 8.06
CA ARG A 266 28.99 -22.62 7.03
C ARG A 266 29.58 -22.77 5.64
N LYS A 267 28.78 -23.27 4.71
CA LYS A 267 29.18 -23.50 3.33
C LYS A 267 28.16 -22.86 2.41
N SER A 268 28.64 -22.16 1.39
CA SER A 268 27.78 -21.45 0.44
C SER A 268 27.62 -22.30 -0.81
N VAL A 269 26.37 -22.58 -1.17
CA VAL A 269 26.02 -23.36 -2.36
C VAL A 269 25.34 -22.43 -3.35
N ARG A 270 25.72 -22.54 -4.62
CA ARG A 270 25.28 -21.61 -5.66
C ARG A 270 24.16 -22.24 -6.47
N ILE A 271 22.94 -22.09 -5.95
CA ILE A 271 21.78 -22.72 -6.57
C ILE A 271 21.21 -21.92 -7.74
N GLY A 272 21.60 -20.65 -7.88
CA GLY A 272 21.07 -19.84 -8.96
C GLY A 272 21.82 -18.55 -9.17
N PRO A 273 21.36 -17.72 -10.12
CA PRO A 273 22.00 -16.44 -10.39
C PRO A 273 21.68 -15.40 -9.32
N GLY A 274 22.44 -15.39 -8.23
CA GLY A 274 22.22 -14.48 -7.13
C GLY A 274 21.64 -15.21 -5.93
N GLN A 275 20.77 -16.18 -6.19
CA GLN A 275 20.24 -17.02 -5.13
C GLN A 275 21.35 -17.91 -4.58
N THR A 276 21.55 -17.85 -3.26
CA THR A 276 22.62 -18.58 -2.59
C THR A 276 22.03 -19.38 -1.44
N PHE A 277 22.51 -20.61 -1.27
CA PHE A 277 22.02 -21.53 -0.26
C PHE A 277 23.15 -21.82 0.72
N TYR A 278 22.87 -21.65 2.02
CA TYR A 278 23.85 -21.85 3.07
C TYR A 278 23.54 -23.13 3.82
N ALA A 279 24.56 -23.98 3.98
CA ALA A 279 24.41 -25.27 4.64
C ALA A 279 25.67 -25.60 5.41
N THR A 280 25.53 -26.46 6.41
CA THR A 280 26.68 -26.85 7.22
C THR A 280 27.58 -27.76 6.40
N GLY A 281 28.82 -27.32 6.18
CA GLY A 281 29.72 -28.03 5.29
C GLY A 281 30.50 -29.14 5.95
N ASP A 282 31.06 -28.86 7.14
CA ASP A 282 31.88 -29.85 7.83
C ASP A 282 31.97 -29.45 9.30
N ILE A 283 32.47 -30.39 10.10
CA ILE A 283 32.72 -30.19 11.53
C ILE A 283 34.22 -30.17 11.72
N ILE A 284 34.73 -29.15 12.41
CA ILE A 284 36.16 -28.93 12.57
C ILE A 284 36.53 -29.03 14.04
N GLY A 285 35.83 -29.89 14.77
CA GLY A 285 36.13 -30.09 16.17
C GLY A 285 35.51 -31.37 16.67
N ASP A 286 35.83 -31.71 17.92
CA ASP A 286 35.25 -32.90 18.53
C ASP A 286 33.75 -32.71 18.73
N ILE A 287 33.02 -33.83 18.70
CA ILE A 287 31.57 -33.84 18.76
C ILE A 287 31.13 -34.19 20.18
N LYS A 288 30.19 -33.41 20.71
CA LYS A 288 29.70 -33.61 22.07
C LYS A 288 28.18 -33.50 22.21
N GLN A 289 27.44 -33.21 21.14
CA GLN A 289 25.98 -33.21 21.12
C GLN A 289 25.41 -32.05 21.95
N ALA A 290 24.29 -31.50 21.51
CA ALA A 290 23.66 -30.40 22.24
C ALA A 290 23.06 -30.89 23.54
N HIS A 291 22.87 -29.97 24.48
CA HIS A 291 22.25 -30.29 25.76
C HIS A 291 21.95 -28.98 26.48
N CYS A 292 21.25 -29.10 27.61
CA CYS A 292 20.97 -27.98 28.49
C CYS A 292 21.17 -28.39 29.94
N ASN A 293 21.48 -27.42 30.79
CA ASN A 293 21.75 -27.64 32.20
C ASN A 293 20.81 -26.77 33.03
N ILE A 294 20.17 -27.38 34.02
CA ILE A 294 19.28 -26.68 34.96
C ILE A 294 19.61 -27.18 36.36
N SER A 295 19.60 -26.25 37.32
CA SER A 295 19.97 -26.59 38.69
C SER A 295 18.98 -27.59 39.28
N GLU A 296 19.51 -28.62 39.95
CA GLU A 296 18.67 -29.61 40.60
C GLU A 296 17.88 -29.00 41.74
N GLU A 297 18.56 -28.27 42.63
CA GLU A 297 17.91 -27.77 43.83
C GLU A 297 16.93 -26.65 43.50
N LYS A 298 17.35 -25.69 42.68
CA LYS A 298 16.51 -24.52 42.43
C LYS A 298 15.23 -24.88 41.68
N TRP A 299 15.31 -25.76 40.67
CA TRP A 299 14.08 -26.17 40.00
C TRP A 299 13.23 -27.05 40.89
N ASN A 300 13.85 -27.95 41.66
CA ASN A 300 13.08 -28.81 42.57
C ASN A 300 12.33 -27.97 43.60
N ASP A 301 12.91 -26.84 44.00
CA ASP A 301 12.19 -25.93 44.89
C ASP A 301 10.99 -25.31 44.19
N THR A 302 11.11 -25.07 42.88
CA THR A 302 10.02 -24.43 42.15
C THR A 302 8.76 -25.28 42.14
N LEU A 303 8.91 -26.59 41.91
CA LEU A 303 7.73 -27.45 41.91
C LEU A 303 7.13 -27.58 43.30
N GLN A 304 7.98 -27.56 44.34
CA GLN A 304 7.44 -27.59 45.70
C GLN A 304 6.64 -26.33 46.00
N LYS A 305 7.15 -25.17 45.58
CA LYS A 305 6.42 -23.92 45.79
C LYS A 305 5.17 -23.87 44.94
N VAL A 306 5.28 -24.25 43.67
CA VAL A 306 4.12 -24.23 42.77
C VAL A 306 3.09 -25.25 43.23
N GLY A 307 3.54 -26.38 43.75
CA GLY A 307 2.62 -27.45 44.10
C GLY A 307 1.63 -27.04 45.18
N ILE A 308 2.13 -26.40 46.24
CA ILE A 308 1.23 -25.96 47.31
C ILE A 308 0.29 -24.87 46.81
N GLU A 309 0.76 -24.01 45.91
CA GLU A 309 -0.09 -22.94 45.41
C GLU A 309 -1.25 -23.50 44.59
N LEU A 310 -0.99 -24.51 43.77
CA LEU A 310 -2.08 -25.21 43.08
C LEU A 310 -2.99 -25.90 44.08
N GLN A 311 -2.43 -26.48 45.14
CA GLN A 311 -3.24 -27.23 46.10
C GLN A 311 -4.22 -26.35 46.85
N LYS A 312 -4.01 -25.03 46.86
CA LYS A 312 -5.00 -24.12 47.44
C LYS A 312 -6.32 -24.23 46.68
N HIS A 313 -6.27 -24.29 45.35
CA HIS A 313 -7.46 -24.45 44.54
C HIS A 313 -7.98 -25.88 44.53
N PHE A 314 -7.09 -26.87 44.61
CA PHE A 314 -7.44 -28.27 44.63
C PHE A 314 -7.15 -28.84 46.02
N PRO A 315 -8.03 -28.64 47.00
CA PRO A 315 -7.69 -28.99 48.38
C PRO A 315 -7.55 -30.50 48.59
N ASN A 316 -6.57 -30.86 49.41
CA ASN A 316 -6.34 -32.23 49.88
C ASN A 316 -6.09 -33.22 48.75
N LYS A 317 -5.58 -32.75 47.61
CA LYS A 317 -5.20 -33.61 46.50
C LYS A 317 -3.71 -33.46 46.25
N THR A 318 -2.97 -34.57 46.25
CA THR A 318 -1.54 -34.51 46.00
C THR A 318 -1.29 -34.20 44.54
N ILE A 319 -0.42 -33.23 44.28
CA ILE A 319 -0.16 -32.77 42.92
C ILE A 319 0.95 -33.63 42.32
N LYS A 320 0.64 -34.29 41.21
CA LYS A 320 1.59 -35.10 40.46
C LYS A 320 1.88 -34.42 39.13
N TYR A 321 3.15 -34.39 38.75
CA TYR A 321 3.57 -33.98 37.43
C TYR A 321 3.90 -35.21 36.60
N ASN A 322 3.87 -35.05 35.27
CA ASN A 322 4.18 -36.19 34.42
C ASN A 322 4.53 -35.70 33.01
N GLN A 323 5.06 -36.63 32.22
CA GLN A 323 5.58 -36.33 30.90
C GLN A 323 4.47 -35.83 29.98
N SER A 324 4.86 -35.14 28.90
CA SER A 324 3.90 -34.64 27.94
C SER A 324 3.13 -35.78 27.29
N ALA A 325 1.89 -35.51 26.90
CA ALA A 325 1.02 -36.58 26.40
C ALA A 325 1.32 -36.90 24.94
N GLY A 326 1.32 -35.90 24.07
CA GLY A 326 1.59 -36.15 22.66
C GLY A 326 1.38 -34.89 21.86
N GLY A 327 1.79 -34.98 20.60
CA GLY A 327 1.67 -33.88 19.66
C GLY A 327 2.86 -33.88 18.73
N ASP A 328 3.02 -32.77 18.02
CA ASP A 328 4.18 -32.60 17.17
C ASP A 328 5.44 -32.44 18.01
N MET A 329 6.58 -32.34 17.34
CA MET A 329 7.84 -32.06 18.04
C MET A 329 7.84 -30.66 18.63
N GLU A 330 6.98 -29.77 18.14
CA GLU A 330 6.98 -28.39 18.62
C GLU A 330 6.39 -28.25 20.02
N ILE A 331 5.53 -29.18 20.45
CA ILE A 331 4.86 -29.06 21.74
C ILE A 331 5.11 -30.23 22.67
N THR A 332 5.55 -31.39 22.19
CA THR A 332 5.94 -32.49 23.07
C THR A 332 7.37 -32.33 23.60
N THR A 333 8.10 -31.32 23.13
CA THR A 333 9.42 -30.99 23.64
C THR A 333 9.54 -29.49 23.79
N HIS A 334 10.27 -29.05 24.80
CA HIS A 334 10.47 -27.63 25.05
C HIS A 334 11.23 -27.01 23.89
N SER A 335 10.52 -26.24 23.07
CA SER A 335 11.08 -25.66 21.85
C SER A 335 11.39 -24.18 22.08
N PHE A 336 12.50 -23.72 21.52
CA PHE A 336 12.82 -22.30 21.57
C PHE A 336 13.91 -22.00 20.55
N ASN A 337 14.08 -20.71 20.28
CA ASN A 337 15.14 -20.21 19.42
C ASN A 337 16.18 -19.52 20.28
N CYS A 338 17.45 -19.67 19.90
CA CYS A 338 18.53 -19.01 20.62
C CYS A 338 19.77 -18.94 19.73
N GLY A 339 20.14 -17.72 19.34
CA GLY A 339 21.32 -17.52 18.53
C GLY A 339 21.19 -18.00 17.10
N GLY A 340 19.95 -18.09 16.61
CA GLY A 340 19.69 -18.55 15.26
C GLY A 340 19.46 -20.04 15.12
N GLU A 341 19.60 -20.81 16.19
CA GLU A 341 19.34 -22.25 16.20
C GLU A 341 18.04 -22.53 16.93
N PHE A 342 17.26 -23.46 16.41
CA PHE A 342 15.95 -23.81 16.97
C PHE A 342 16.09 -25.12 17.74
N PHE A 343 16.14 -25.02 19.06
CA PHE A 343 16.28 -26.20 19.91
C PHE A 343 14.93 -26.86 20.14
N TYR A 344 14.96 -28.16 20.45
CA TYR A 344 13.78 -28.93 20.83
C TYR A 344 14.23 -29.89 21.93
N CYS A 345 14.07 -29.47 23.18
CA CYS A 345 14.69 -30.13 24.32
C CYS A 345 13.74 -31.12 24.98
N ASN A 346 14.27 -32.31 25.29
CA ASN A 346 13.44 -33.45 25.66
C ASN A 346 12.71 -33.27 26.98
N THR A 347 13.16 -32.37 27.85
CA THR A 347 12.66 -32.31 29.23
C THR A 347 12.88 -33.66 29.90
N SER A 348 14.16 -34.05 30.07
CA SER A 348 14.49 -35.37 30.59
C SER A 348 14.02 -35.56 32.03
N ASN A 349 13.98 -34.49 32.83
CA ASN A 349 13.50 -34.58 34.19
C ASN A 349 12.69 -33.38 34.64
N LEU A 350 12.20 -32.54 33.72
CA LEU A 350 11.32 -31.44 34.12
C LEU A 350 9.86 -31.89 34.04
N PHE A 351 9.58 -33.11 34.53
CA PHE A 351 8.21 -33.61 34.56
C PHE A 351 7.91 -34.50 35.77
N ASN A 352 8.94 -35.01 36.42
CA ASN A 352 8.85 -36.31 37.08
C ASN A 352 8.50 -36.19 38.55
N GLY A 353 7.73 -37.16 39.03
CA GLY A 353 7.60 -37.42 40.44
C GLY A 353 6.47 -36.65 41.11
N THR A 354 5.94 -37.26 42.16
CA THR A 354 4.94 -36.60 43.00
C THR A 354 5.56 -35.38 43.66
N TYR A 355 4.76 -34.33 43.81
CA TYR A 355 5.18 -33.14 44.54
C TYR A 355 3.95 -32.62 45.30
N ASN A 356 3.84 -33.06 46.54
CA ASN A 356 2.67 -32.76 47.36
C ASN A 356 2.58 -31.29 47.71
N GLY A 357 3.70 -30.59 47.81
CA GLY A 357 3.72 -29.22 48.30
C GLY A 357 3.64 -29.08 49.80
N THR A 358 3.47 -30.18 50.54
CA THR A 358 3.40 -30.16 52.00
C THR A 358 4.75 -30.45 52.66
N TYR A 359 5.81 -30.70 51.90
CA TYR A 359 7.14 -30.97 52.43
C TYR A 359 7.18 -32.20 53.33
N ILE A 360 6.24 -33.12 53.19
CA ILE A 360 6.21 -34.31 54.05
C ILE A 360 7.25 -35.33 53.59
N THR A 371 22.86 -31.51 38.59
CA THR A 371 22.44 -30.75 37.42
C THR A 371 21.58 -31.61 36.51
N ILE A 372 20.33 -31.17 36.30
CA ILE A 372 19.43 -31.87 35.39
C ILE A 372 19.85 -31.56 33.96
N THR A 373 20.05 -32.61 33.17
CA THR A 373 20.54 -32.51 31.79
C THR A 373 19.43 -32.89 30.82
N LEU A 374 19.21 -32.04 29.84
CA LEU A 374 18.18 -32.24 28.82
C LEU A 374 18.86 -32.49 27.47
N GLN A 375 18.56 -33.65 26.87
CA GLN A 375 19.03 -33.91 25.51
C GLN A 375 18.13 -33.17 24.53
N CYS A 376 18.75 -32.44 23.61
CA CYS A 376 18.04 -31.52 22.73
C CYS A 376 18.34 -31.81 21.27
N ARG A 377 17.28 -31.88 20.47
CA ARG A 377 17.36 -32.00 19.02
C ARG A 377 17.32 -30.62 18.38
N ILE A 378 17.79 -30.55 17.14
CA ILE A 378 17.82 -29.31 16.37
C ILE A 378 17.27 -29.59 14.98
N LYS A 379 16.50 -28.63 14.46
CA LYS A 379 15.95 -28.67 13.12
C LYS A 379 16.33 -27.40 12.38
N GLN A 380 16.49 -27.53 11.06
CA GLN A 380 16.68 -26.39 10.19
C GLN A 380 15.37 -25.93 9.58
N ILE A 381 14.66 -26.83 8.89
CA ILE A 381 13.30 -26.53 8.45
C ILE A 381 12.40 -26.46 9.67
N ILE A 382 11.61 -25.38 9.76
CA ILE A 382 10.63 -25.20 10.80
C ILE A 382 9.31 -24.79 10.17
N ASN A 383 8.23 -25.47 10.54
CA ASN A 383 6.88 -24.98 10.32
C ASN A 383 6.55 -24.07 11.49
N MET A 384 6.20 -22.81 11.20
CA MET A 384 6.12 -21.80 12.24
C MET A 384 5.08 -22.19 13.30
N TRP A 385 5.31 -21.71 14.52
CA TRP A 385 4.65 -22.30 15.69
C TRP A 385 3.14 -22.24 15.64
N GLN A 386 2.56 -21.32 14.87
CA GLN A 386 1.11 -21.22 14.83
C GLN A 386 0.47 -22.40 14.11
N GLY A 387 1.26 -23.23 13.42
CA GLY A 387 0.87 -24.58 13.04
C GLY A 387 0.99 -24.87 11.55
N VAL A 388 0.39 -24.04 10.70
CA VAL A 388 0.20 -24.34 9.29
C VAL A 388 0.78 -23.21 8.46
N GLY A 389 1.80 -22.55 8.98
CA GLY A 389 2.30 -21.33 8.39
C GLY A 389 3.39 -21.56 7.37
N ARG A 390 4.14 -20.49 7.13
CA ARG A 390 5.23 -20.52 6.17
C ARG A 390 6.30 -21.53 6.60
N CYS A 391 6.82 -22.26 5.63
CA CYS A 391 8.01 -23.06 5.86
C CYS A 391 9.24 -22.17 5.79
N MET A 392 10.09 -22.21 6.81
CA MET A 392 11.31 -21.41 6.87
C MET A 392 12.51 -22.30 7.08
N TYR A 393 13.56 -22.07 6.29
CA TYR A 393 14.84 -22.73 6.44
C TYR A 393 15.78 -21.77 7.17
N ALA A 394 16.12 -22.11 8.40
CA ALA A 394 17.02 -21.27 9.18
C ALA A 394 18.46 -21.62 8.82
N PRO A 395 19.26 -20.69 8.28
CA PRO A 395 20.60 -21.07 7.83
C PRO A 395 21.49 -21.40 9.01
N PRO A 396 22.54 -22.18 8.80
CA PRO A 396 23.40 -22.58 9.93
C PRO A 396 24.16 -21.39 10.49
N ILE A 397 24.52 -21.50 11.77
CA ILE A 397 25.34 -20.51 12.46
C ILE A 397 26.67 -21.16 12.79
N ALA A 398 27.75 -20.59 12.26
CA ALA A 398 29.07 -21.16 12.44
C ALA A 398 29.52 -21.03 13.89
N GLY A 399 30.31 -22.02 14.34
CA GLY A 399 30.87 -21.99 15.67
C GLY A 399 29.89 -22.47 16.73
N ASN A 400 30.38 -22.46 17.96
CA ASN A 400 29.57 -22.89 19.10
C ASN A 400 28.45 -21.90 19.37
N ILE A 401 27.40 -22.40 20.02
CA ILE A 401 26.29 -21.60 20.48
C ILE A 401 26.12 -21.87 21.97
N THR A 402 25.87 -20.82 22.74
CA THR A 402 25.62 -20.94 24.17
C THR A 402 24.54 -19.94 24.57
N CYS A 403 23.72 -20.33 25.53
CA CYS A 403 22.54 -19.57 25.93
C CYS A 403 22.42 -19.53 27.44
N ARG A 404 21.86 -18.44 27.95
CA ARG A 404 21.56 -18.31 29.37
C ARG A 404 20.30 -17.46 29.50
N SER A 405 19.23 -18.06 30.03
CA SER A 405 17.92 -17.44 30.03
C SER A 405 17.22 -17.71 31.35
N ASN A 406 16.29 -16.83 31.69
CA ASN A 406 15.53 -16.94 32.94
C ASN A 406 14.15 -17.51 32.65
N ILE A 407 13.88 -18.72 33.14
CA ILE A 407 12.52 -19.24 33.10
C ILE A 407 11.69 -18.48 34.14
N THR A 408 10.53 -17.97 33.70
CA THR A 408 9.67 -17.16 34.55
C THR A 408 8.25 -17.68 34.66
N GLY A 409 7.84 -18.63 33.82
CA GLY A 409 6.50 -19.15 33.89
C GLY A 409 6.40 -20.48 33.20
N LEU A 410 5.50 -21.32 33.71
CA LEU A 410 5.24 -22.65 33.19
C LEU A 410 3.85 -22.70 32.59
N LEU A 411 3.73 -23.39 31.46
CA LEU A 411 2.45 -23.68 30.84
C LEU A 411 2.10 -25.13 31.17
N LEU A 412 0.89 -25.36 31.65
CA LEU A 412 0.46 -26.66 32.12
C LEU A 412 -0.94 -26.97 31.60
N THR A 413 -1.28 -28.25 31.65
CA THR A 413 -2.65 -28.71 31.40
C THR A 413 -2.86 -29.98 32.19
N ARG A 414 -4.12 -30.28 32.49
CA ARG A 414 -4.49 -31.23 33.52
C ARG A 414 -5.18 -32.43 32.90
N ASP A 415 -4.98 -33.61 33.50
CA ASP A 415 -5.68 -34.82 33.06
C ASP A 415 -6.90 -35.04 33.92
N GLY A 416 -8.02 -35.41 33.27
CA GLY A 416 -9.24 -35.73 33.97
C GLY A 416 -9.94 -36.89 33.29
N GLY A 417 -11.09 -37.29 33.84
CA GLY A 417 -11.80 -36.82 35.01
C GLY A 417 -11.77 -37.80 36.17
N THR A 418 -11.89 -39.09 35.85
CA THR A 418 -12.03 -40.11 36.89
C THR A 418 -10.70 -40.58 37.45
N ASN A 419 -9.84 -39.66 37.85
CA ASN A 419 -8.63 -40.04 38.57
C ASN A 419 -9.00 -40.43 40.00
N SER A 420 -8.05 -41.05 40.69
CA SER A 420 -8.22 -41.30 42.12
C SER A 420 -8.41 -39.97 42.83
N ASN A 421 -9.39 -39.93 43.74
CA ASN A 421 -9.86 -38.66 44.29
C ASN A 421 -8.79 -37.92 45.08
N GLU A 422 -7.70 -38.59 45.49
CA GLU A 422 -6.62 -37.96 46.23
C GLU A 422 -5.44 -37.55 45.35
N THR A 423 -5.55 -37.68 44.02
CA THR A 423 -4.44 -37.41 43.10
C THR A 423 -4.92 -36.59 41.93
N GLU A 424 -3.97 -35.87 41.31
CA GLU A 424 -4.24 -35.06 40.13
C GLU A 424 -2.95 -34.92 39.35
N THR A 425 -3.00 -35.14 38.04
CA THR A 425 -1.83 -35.19 37.18
C THR A 425 -1.78 -33.94 36.30
N PHE A 426 -0.62 -33.29 36.26
CA PHE A 426 -0.39 -32.10 35.47
C PHE A 426 0.74 -32.35 34.48
N ARG A 427 0.57 -31.87 33.25
CA ARG A 427 1.53 -32.07 32.17
C ARG A 427 1.79 -30.75 31.47
N PRO A 428 2.94 -30.60 30.80
CA PRO A 428 3.18 -29.35 30.06
C PRO A 428 2.21 -29.18 28.90
N ALA A 429 2.28 -28.01 28.28
CA ALA A 429 1.40 -27.66 27.17
C ALA A 429 2.10 -26.66 26.27
N GLY A 430 1.38 -26.18 25.27
CA GLY A 430 1.91 -25.19 24.35
C GLY A 430 1.25 -25.30 23.00
N GLY A 431 1.86 -24.63 22.03
CA GLY A 431 1.43 -24.69 20.64
C GLY A 431 0.75 -23.44 20.13
N ASP A 432 0.17 -22.63 21.01
CA ASP A 432 -0.50 -21.39 20.64
C ASP A 432 0.32 -20.22 21.18
N MET A 433 0.80 -19.37 20.27
CA MET A 433 1.70 -18.30 20.69
C MET A 433 0.98 -17.24 21.51
N ARG A 434 -0.35 -17.13 21.37
CA ARG A 434 -1.06 -16.07 22.09
C ARG A 434 -1.00 -16.29 23.59
N ASP A 435 -0.92 -17.53 24.05
CA ASP A 435 -0.83 -17.79 25.49
C ASP A 435 0.54 -17.49 26.05
N ASN A 436 1.58 -17.42 25.22
CA ASN A 436 2.87 -16.92 25.69
C ASN A 436 2.78 -15.43 25.99
N TRP A 437 2.21 -14.66 25.06
CA TRP A 437 2.16 -13.22 25.21
C TRP A 437 1.02 -12.77 26.12
N ARG A 438 -0.02 -13.59 26.26
CA ARG A 438 -1.09 -13.30 27.20
C ARG A 438 -0.62 -13.37 28.65
N SER A 439 0.55 -13.96 28.91
CA SER A 439 1.11 -13.99 30.26
C SER A 439 1.82 -12.69 30.63
N GLU A 440 2.16 -11.85 29.65
CA GLU A 440 2.83 -10.56 29.87
C GLU A 440 1.93 -9.38 29.59
N LEU A 441 0.97 -9.53 28.67
CA LEU A 441 0.11 -8.46 28.20
C LEU A 441 -1.24 -8.52 28.89
N TYR A 442 -1.23 -8.90 30.18
CA TYR A 442 -2.45 -9.15 30.94
C TYR A 442 -2.82 -8.00 31.87
N LYS A 443 -1.91 -7.08 32.14
CA LYS A 443 -2.20 -5.98 33.06
C LYS A 443 -3.02 -4.87 32.43
N TYR A 444 -3.12 -4.84 31.11
CA TYR A 444 -3.52 -3.63 30.39
C TYR A 444 -4.96 -3.71 29.89
N LYS A 445 -5.51 -2.54 29.59
CA LYS A 445 -6.73 -2.36 28.84
C LYS A 445 -6.53 -1.22 27.87
N VAL A 446 -7.44 -1.08 26.91
CA VAL A 446 -7.51 0.09 26.03
C VAL A 446 -8.93 0.63 26.10
N VAL A 447 -9.06 1.86 26.61
CA VAL A 447 -10.35 2.52 26.78
C VAL A 447 -10.31 3.85 26.04
N LYS A 448 -11.34 4.10 25.23
CA LYS A 448 -11.45 5.36 24.52
C LYS A 448 -11.94 6.44 25.47
N ILE A 449 -11.28 7.58 25.47
CA ILE A 449 -11.69 8.69 26.30
C ILE A 449 -12.83 9.42 25.61
N GLU A 450 -14.00 9.41 26.24
CA GLU A 450 -15.21 10.06 25.73
C GLU A 450 -15.60 11.17 26.71
N PRO A 451 -15.33 12.45 26.38
CA PRO A 451 -16.07 13.50 27.08
C PRO A 451 -17.56 13.29 26.89
N LEU A 452 -18.29 13.35 27.99
CA LEU A 452 -19.56 12.63 28.14
C LEU A 452 -20.70 13.47 27.58
N GLY A 453 -21.92 13.17 28.02
CA GLY A 453 -23.04 14.07 27.86
C GLY A 453 -23.05 15.16 28.93
N VAL A 454 -24.22 15.76 29.10
CA VAL A 454 -24.40 16.93 29.95
C VAL A 454 -24.29 16.58 31.43
N ALA A 455 -24.28 17.60 32.28
CA ALA A 455 -24.46 17.46 33.71
C ALA A 455 -25.14 18.72 34.24
N PRO A 456 -26.24 18.60 34.99
CA PRO A 456 -26.97 19.81 35.39
C PRO A 456 -26.20 20.65 36.39
N THR A 457 -26.50 21.95 36.37
CA THR A 457 -25.95 22.93 37.28
C THR A 457 -27.08 23.86 37.69
N ARG A 458 -26.80 24.75 38.66
CA ARG A 458 -27.79 25.73 39.09
C ARG A 458 -27.78 26.98 38.21
N CYS A 459 -27.30 26.86 36.97
CA CYS A 459 -27.24 27.98 36.05
C CYS A 459 -28.64 28.40 35.64
N LYS A 460 -28.71 29.44 34.80
CA LYS A 460 -29.97 29.98 34.32
C LYS A 460 -29.83 30.31 32.85
N ARG A 461 -30.98 30.45 32.18
CA ARG A 461 -31.01 30.73 30.75
C ARG A 461 -30.29 32.02 30.43
N ARG A 462 -29.33 31.94 29.51
CA ARG A 462 -28.58 33.10 29.03
C ARG A 462 -29.52 34.15 28.44
N VAL A 463 -29.31 35.40 28.82
CA VAL A 463 -30.23 36.48 28.46
C VAL A 463 -29.64 37.28 27.30
N VAL A 464 -30.17 37.04 26.11
CA VAL A 464 -29.90 37.85 24.92
C VAL A 464 -28.40 37.86 24.61
N GLY A 465 -27.81 36.68 24.49
CA GLY A 465 -26.44 36.54 24.01
C GLY A 465 -25.38 37.21 24.87
N ARG A 466 -25.67 37.53 26.12
CA ARG A 466 -24.71 38.22 26.96
C ARG A 466 -23.67 37.24 27.52
N ARG A 467 -22.47 37.75 27.77
CA ARG A 467 -21.41 36.95 28.37
C ARG A 467 -21.66 36.81 29.86
N ARG A 468 -20.90 35.91 30.49
CA ARG A 468 -21.12 35.61 31.90
C ARG A 468 -19.89 34.99 32.55
N ARG A 469 -19.61 35.48 33.77
CA ARG A 469 -18.61 34.96 34.68
C ARG A 469 -19.36 33.91 35.53
N ARG A 470 -18.94 33.64 36.77
CA ARG A 470 -19.22 32.45 37.57
C ARG A 470 -20.66 31.97 37.44
N ARG A 471 -20.80 30.63 37.49
CA ARG A 471 -22.05 29.84 37.36
C ARG A 471 -22.32 29.11 36.03
N ALA B 1 -7.18 18.74 39.87
CA ALA B 1 -6.15 19.28 40.74
C ALA B 1 -5.86 20.74 40.39
N VAL B 2 -5.50 21.53 41.40
CA VAL B 2 -5.17 22.93 41.16
C VAL B 2 -3.82 22.99 40.45
N GLY B 3 -3.76 23.73 39.34
CA GLY B 3 -2.64 23.77 38.43
C GLY B 3 -3.01 23.11 37.14
N ILE B 4 -2.72 23.80 36.04
CA ILE B 4 -3.28 23.45 34.73
C ILE B 4 -2.19 23.25 33.69
N GLY B 5 -0.96 23.70 33.98
CA GLY B 5 0.14 23.32 33.12
C GLY B 5 0.29 21.81 33.12
N ALA B 6 0.76 21.27 34.25
CA ALA B 6 0.66 19.86 34.64
C ALA B 6 1.05 18.93 33.49
N VAL B 7 0.49 17.72 33.47
CA VAL B 7 0.62 16.79 32.35
C VAL B 7 -0.72 16.07 32.25
N PHE B 8 -0.99 15.50 31.07
CA PHE B 8 -2.18 14.66 30.93
C PHE B 8 -2.17 13.53 31.94
N LEU B 9 -0.99 12.98 32.21
CA LEU B 9 -0.78 12.12 33.37
C LEU B 9 -0.35 12.96 34.57
N GLY B 10 -1.04 14.07 34.81
CA GLY B 10 -0.94 14.84 36.03
C GLY B 10 -2.29 15.20 36.64
N PHE B 11 -3.35 15.14 35.83
CA PHE B 11 -4.69 15.56 36.21
C PHE B 11 -5.69 14.41 36.19
N LEU B 12 -5.44 13.38 35.38
CA LEU B 12 -6.45 12.35 35.13
C LEU B 12 -6.83 11.58 36.39
N GLY B 13 -6.05 11.69 37.46
CA GLY B 13 -6.47 11.23 38.77
C GLY B 13 -7.75 11.86 39.28
N ALA B 14 -8.19 12.95 38.64
CA ALA B 14 -9.52 13.50 38.91
C ALA B 14 -10.64 12.55 38.49
N ALA B 15 -10.33 11.50 37.72
CA ALA B 15 -11.34 10.51 37.36
C ALA B 15 -11.98 9.86 38.58
N GLY B 16 -11.30 9.83 39.72
CA GLY B 16 -11.86 9.36 40.97
C GLY B 16 -12.17 10.47 41.96
N SER B 17 -11.68 11.68 41.70
CA SER B 17 -11.94 12.78 42.61
C SER B 17 -13.39 13.23 42.47
N THR B 18 -13.75 14.24 43.26
CA THR B 18 -15.13 14.73 43.26
C THR B 18 -15.47 15.34 41.92
N MET B 19 -16.73 15.15 41.50
CA MET B 19 -17.17 15.66 40.20
C MET B 19 -17.07 17.18 40.13
N GLY B 20 -17.21 17.86 41.26
CA GLY B 20 -17.02 19.30 41.31
C GLY B 20 -15.57 19.71 41.14
N ALA B 21 -14.66 19.01 41.82
CA ALA B 21 -13.25 19.38 41.75
C ALA B 21 -12.65 18.99 40.41
N ALA B 22 -13.17 17.96 39.76
CA ALA B 22 -12.67 17.54 38.47
C ALA B 22 -12.93 18.56 37.37
N SER B 23 -13.85 19.50 37.57
CA SER B 23 -14.12 20.54 36.59
C SER B 23 -12.96 21.51 36.44
N MET B 24 -12.09 21.64 37.44
CA MET B 24 -10.87 22.41 37.30
C MET B 24 -9.84 21.63 36.50
N THR B 25 -8.89 22.35 35.91
CA THR B 25 -7.90 21.77 35.02
C THR B 25 -8.54 20.99 33.88
N LEU B 26 -9.61 21.52 33.29
CA LEU B 26 -10.35 20.83 32.25
C LEU B 26 -9.70 20.98 30.88
N THR B 27 -8.69 21.85 30.75
CA THR B 27 -8.09 22.14 29.45
C THR B 27 -7.09 21.07 29.02
N VAL B 28 -6.54 20.30 29.96
CA VAL B 28 -5.46 19.37 29.62
C VAL B 28 -5.98 18.26 28.71
N GLN B 29 -7.21 17.80 28.92
CA GLN B 29 -7.78 16.82 28.01
C GLN B 29 -7.98 17.41 26.62
N ALA B 30 -8.44 18.66 26.54
CA ALA B 30 -8.61 19.30 25.24
C ALA B 30 -7.28 19.42 24.50
N ARG B 31 -6.18 19.55 25.23
CA ARG B 31 -4.87 19.55 24.59
C ARG B 31 -4.45 18.15 24.17
N ASN B 32 -4.77 17.15 25.00
CA ASN B 32 -4.21 15.82 24.79
C ASN B 32 -4.87 15.08 23.64
N LEU B 33 -6.15 15.37 23.38
CA LEU B 33 -6.88 14.62 22.36
C LEU B 33 -6.38 14.87 20.94
N LEU B 34 -5.53 15.88 20.72
CA LEU B 34 -5.15 16.23 19.36
C LEU B 34 -4.19 15.23 18.77
N SER B 35 -2.94 15.18 19.28
CA SER B 35 -1.87 14.42 18.64
C SER B 35 -1.28 13.39 19.60
N GLY B 36 -1.12 13.75 20.87
CA GLY B 36 -0.62 12.81 21.85
C GLY B 36 0.76 12.30 21.52
N ILE B 37 0.92 10.97 21.56
CA ILE B 37 2.20 10.35 21.25
C ILE B 37 2.49 10.26 19.76
N VAL B 38 1.45 10.19 18.92
CA VAL B 38 1.62 10.05 17.47
C VAL B 38 1.25 11.36 16.77
N LYS B 56 11.42 1.11 4.56
CA LYS B 56 10.32 0.66 3.72
C LYS B 56 9.02 0.56 4.51
N LEU B 57 7.90 0.51 3.81
CA LEU B 57 6.60 0.41 4.46
C LEU B 57 6.47 -0.93 5.16
N THR B 58 5.92 -0.90 6.37
CA THR B 58 5.57 -2.11 7.11
C THR B 58 4.39 -1.77 8.01
N VAL B 59 4.15 -2.61 9.03
CA VAL B 59 2.90 -2.56 9.78
C VAL B 59 2.73 -1.21 10.48
N TRP B 60 3.77 -0.72 11.15
CA TRP B 60 3.63 0.54 11.88
C TRP B 60 3.40 1.71 10.95
N GLY B 61 3.94 1.66 9.73
CA GLY B 61 3.78 2.77 8.81
C GLY B 61 2.33 3.01 8.43
N ILE B 62 1.61 1.95 8.09
CA ILE B 62 0.19 2.11 7.76
C ILE B 62 -0.62 2.44 9.02
N LYS B 63 -0.18 1.96 10.19
CA LYS B 63 -0.90 2.27 11.42
C LYS B 63 -0.86 3.76 11.74
N GLN B 64 0.22 4.45 11.33
CA GLN B 64 0.29 5.88 11.53
C GLN B 64 -0.66 6.66 10.63
N LEU B 65 -1.27 6.01 9.63
CA LEU B 65 -2.35 6.59 8.84
C LEU B 65 -3.71 6.08 9.28
N GLN B 66 -3.78 4.83 9.75
CA GLN B 66 -5.05 4.30 10.23
C GLN B 66 -5.50 5.00 11.50
N ALA B 67 -4.61 5.10 12.48
CA ALA B 67 -4.99 5.64 13.79
C ALA B 67 -5.00 7.17 13.78
N ARG B 68 -4.07 7.78 13.04
CA ARG B 68 -3.95 9.24 13.06
C ARG B 68 -5.20 9.90 12.49
N VAL B 69 -5.73 9.37 11.39
CA VAL B 69 -6.88 9.99 10.75
C VAL B 69 -8.13 9.86 11.61
N LEU B 70 -8.30 8.73 12.30
CA LEU B 70 -9.45 8.58 13.18
C LEU B 70 -9.34 9.49 14.40
N ALA B 71 -8.12 9.72 14.89
CA ALA B 71 -7.94 10.63 16.02
C ALA B 71 -8.37 12.04 15.64
N VAL B 72 -8.09 12.46 14.40
CA VAL B 72 -8.53 13.78 13.95
C VAL B 72 -10.04 13.82 13.83
N GLU B 73 -10.63 12.81 13.19
CA GLU B 73 -12.06 12.85 12.89
C GLU B 73 -12.89 12.79 14.16
N ARG B 74 -12.42 12.05 15.17
CA ARG B 74 -13.11 12.05 16.46
C ARG B 74 -13.10 13.42 17.09
N TYR B 75 -11.98 14.14 16.98
CA TYR B 75 -11.89 15.47 17.56
C TYR B 75 -12.85 16.43 16.88
N LEU B 76 -12.94 16.36 15.55
CA LEU B 76 -13.85 17.25 14.81
C LEU B 76 -15.30 16.98 15.17
N ARG B 77 -15.66 15.71 15.36
CA ARG B 77 -17.04 15.37 15.72
C ARG B 77 -17.43 15.99 17.06
N ASP B 78 -16.51 16.03 18.02
CA ASP B 78 -16.82 16.62 19.32
C ASP B 78 -16.93 18.13 19.23
N GLN B 79 -16.04 18.77 18.48
CA GLN B 79 -16.02 20.23 18.46
C GLN B 79 -17.24 20.80 17.76
N GLN B 80 -17.66 20.20 16.65
CA GLN B 80 -18.77 20.76 15.89
C GLN B 80 -20.07 20.69 16.68
N LEU B 81 -20.21 19.72 17.58
CA LEU B 81 -21.38 19.71 18.47
C LEU B 81 -21.37 20.94 19.37
N LEU B 82 -20.20 21.30 19.90
CA LEU B 82 -20.12 22.52 20.70
C LEU B 82 -20.43 23.75 19.84
N GLY B 83 -19.97 23.76 18.59
CA GLY B 83 -20.23 24.90 17.73
C GLY B 83 -21.71 25.10 17.44
N ILE B 84 -22.43 24.01 17.20
CA ILE B 84 -23.84 24.11 16.89
C ILE B 84 -24.63 24.52 18.13
N TRP B 85 -24.28 23.97 19.29
CA TRP B 85 -25.03 24.23 20.51
C TRP B 85 -24.84 25.66 21.03
N GLY B 86 -23.88 26.41 20.50
CA GLY B 86 -23.59 27.73 21.01
C GLY B 86 -22.54 27.75 22.11
N CYS B 87 -21.80 26.66 22.29
CA CYS B 87 -20.73 26.55 23.28
C CYS B 87 -19.36 26.53 22.61
N SER B 88 -19.19 27.25 21.52
CA SER B 88 -17.94 27.20 20.76
C SER B 88 -16.80 27.80 21.59
N GLY B 89 -15.73 27.02 21.73
CA GLY B 89 -14.52 27.53 22.34
C GLY B 89 -14.53 27.61 23.85
N LYS B 90 -15.62 27.21 24.50
CA LYS B 90 -15.75 27.27 25.96
C LYS B 90 -15.71 25.86 26.52
N LEU B 91 -14.89 25.65 27.55
CA LEU B 91 -14.86 24.36 28.22
C LEU B 91 -16.14 24.14 29.01
N ILE B 92 -16.40 25.00 29.99
CA ILE B 92 -17.71 25.05 30.64
C ILE B 92 -18.64 25.88 29.76
N CYS B 93 -19.93 25.59 29.81
CA CYS B 93 -20.89 26.36 29.02
C CYS B 93 -22.29 26.11 29.52
N CYS B 94 -22.97 27.18 29.93
CA CYS B 94 -24.39 27.10 30.23
C CYS B 94 -25.19 26.99 28.93
N THR B 95 -26.38 26.40 29.04
CA THR B 95 -27.30 26.31 27.92
C THR B 95 -28.72 26.54 28.41
N ASN B 96 -29.53 27.16 27.56
CA ASN B 96 -30.91 27.47 27.91
C ASN B 96 -31.79 26.24 27.67
N VAL B 97 -31.72 25.30 28.60
CA VAL B 97 -32.58 24.11 28.61
C VAL B 97 -32.94 23.82 30.07
N PRO B 98 -34.20 23.68 30.45
CA PRO B 98 -34.50 23.30 31.83
C PRO B 98 -34.28 21.82 32.06
N TRP B 99 -33.69 21.49 33.20
CA TRP B 99 -33.37 20.11 33.53
C TRP B 99 -34.65 19.38 33.94
N ASN B 100 -35.07 18.40 33.13
CA ASN B 100 -36.22 17.59 33.47
C ASN B 100 -35.87 16.64 34.60
N SER B 101 -36.73 16.60 35.62
CA SER B 101 -36.46 15.75 36.79
C SER B 101 -36.48 14.27 36.45
N SER B 102 -37.11 13.87 35.34
CA SER B 102 -37.14 12.48 34.96
C SER B 102 -35.75 11.94 34.62
N TRP B 103 -34.89 12.77 34.03
CA TRP B 103 -33.53 12.34 33.75
C TRP B 103 -32.75 12.05 35.02
N SER B 104 -32.89 12.91 36.02
CA SER B 104 -32.26 12.72 37.32
C SER B 104 -32.92 13.63 38.33
N ASN B 105 -32.72 13.32 39.60
CA ASN B 105 -33.28 14.16 40.67
C ASN B 105 -32.65 15.54 40.64
N ARG B 106 -33.46 16.54 41.00
CA ARG B 106 -33.01 17.94 40.98
C ARG B 106 -32.29 18.30 42.27
N ASN B 107 -31.26 17.52 42.62
CA ASN B 107 -30.45 17.83 43.80
C ASN B 107 -28.98 17.50 43.59
N LEU B 108 -28.49 17.52 42.35
CA LEU B 108 -27.09 17.17 42.10
C LEU B 108 -26.13 18.17 42.73
N SER B 109 -26.58 19.38 43.03
CA SER B 109 -25.75 20.35 43.74
C SER B 109 -25.27 19.82 45.08
N GLU B 110 -26.06 18.95 45.72
CA GLU B 110 -25.64 18.30 46.96
C GLU B 110 -24.75 17.08 46.72
N ILE B 111 -24.58 16.66 45.46
CA ILE B 111 -24.05 15.34 45.16
C ILE B 111 -22.76 15.37 44.34
N TRP B 112 -22.52 16.40 43.51
CA TRP B 112 -21.27 16.35 42.74
C TRP B 112 -20.02 16.47 43.62
N ASP B 113 -20.16 16.86 44.88
CA ASP B 113 -19.08 16.70 45.83
C ASP B 113 -18.82 15.24 46.18
N ASN B 114 -19.80 14.36 45.97
CA ASN B 114 -19.67 12.94 46.26
C ASN B 114 -19.30 12.14 45.01
N MET B 115 -20.14 12.20 43.97
CA MET B 115 -19.88 11.45 42.75
C MET B 115 -18.64 11.98 42.05
N THR B 116 -17.97 11.09 41.33
CA THR B 116 -16.96 11.47 40.36
C THR B 116 -17.57 11.49 38.97
N TRP B 117 -16.89 12.16 38.05
CA TRP B 117 -17.39 12.23 36.68
C TRP B 117 -17.53 10.84 36.06
N LEU B 118 -16.64 9.92 36.42
CA LEU B 118 -16.72 8.55 35.93
C LEU B 118 -18.01 7.87 36.39
N GLN B 119 -18.58 8.29 37.52
CA GLN B 119 -19.80 7.69 38.05
C GLN B 119 -21.05 8.40 37.58
N TRP B 120 -20.95 9.68 37.22
CA TRP B 120 -22.14 10.42 36.80
C TRP B 120 -22.69 9.88 35.48
N ASP B 121 -21.81 9.32 34.63
CA ASP B 121 -22.22 8.97 33.28
C ASP B 121 -23.33 7.92 33.26
N LYS B 122 -23.25 6.95 34.16
CA LYS B 122 -24.25 5.88 34.19
C LYS B 122 -25.65 6.38 34.57
N GLU B 123 -25.76 7.60 35.11
CA GLU B 123 -27.08 8.16 35.38
C GLU B 123 -27.82 8.49 34.08
N ILE B 124 -27.10 8.94 33.05
CA ILE B 124 -27.72 9.52 31.86
C ILE B 124 -27.31 8.76 30.60
N SER B 125 -27.04 7.46 30.73
CA SER B 125 -26.61 6.68 29.57
C SER B 125 -27.69 6.63 28.50
N ASN B 126 -28.93 6.38 28.90
CA ASN B 126 -30.02 6.30 27.93
C ASN B 126 -30.47 7.68 27.47
N TYR B 127 -30.34 8.69 28.33
CA TYR B 127 -30.93 9.99 28.08
C TYR B 127 -30.02 10.95 27.32
N THR B 128 -28.76 10.59 27.10
CA THR B 128 -27.81 11.54 26.52
C THR B 128 -28.20 11.91 25.09
N GLN B 129 -28.57 10.92 24.28
CA GLN B 129 -28.97 11.22 22.91
C GLN B 129 -30.28 11.99 22.85
N ILE B 130 -31.18 11.78 23.82
CA ILE B 130 -32.41 12.56 23.87
C ILE B 130 -32.11 14.00 24.24
N ILE B 131 -31.18 14.20 25.18
CA ILE B 131 -30.89 15.54 25.68
C ILE B 131 -30.28 16.42 24.60
N TYR B 132 -29.45 15.82 23.72
CA TYR B 132 -28.82 16.61 22.66
C TYR B 132 -29.86 17.24 21.75
N GLY B 133 -31.04 16.63 21.61
CA GLY B 133 -32.12 17.29 20.90
C GLY B 133 -32.55 18.58 21.57
N LEU B 134 -32.67 18.55 22.90
CA LEU B 134 -33.08 19.75 23.63
C LEU B 134 -32.04 20.85 23.53
N LEU B 135 -30.75 20.51 23.60
CA LEU B 135 -29.72 21.52 23.42
C LEU B 135 -29.79 22.14 22.03
N GLU B 136 -30.07 21.34 21.02
CA GLU B 136 -30.36 21.89 19.70
C GLU B 136 -31.60 22.76 19.74
N GLU B 137 -32.64 22.31 20.45
CA GLU B 137 -33.88 23.08 20.54
C GLU B 137 -33.64 24.42 21.21
N SER B 138 -32.66 24.49 22.11
CA SER B 138 -32.26 25.78 22.66
C SER B 138 -31.73 26.69 21.56
N GLN B 139 -31.07 26.11 20.56
CA GLN B 139 -30.49 26.93 19.50
C GLN B 139 -31.55 27.46 18.54
N ASN B 140 -32.66 26.73 18.37
CA ASN B 140 -33.75 27.28 17.56
C ASN B 140 -34.49 28.38 18.29
N GLN B 141 -34.35 28.49 19.61
CA GLN B 141 -34.79 29.71 20.28
C GLN B 141 -33.89 30.87 19.86
N GLN B 142 -32.65 30.57 19.46
CA GLN B 142 -31.81 31.57 18.81
C GLN B 142 -32.05 31.60 17.30
N GLU B 143 -32.27 30.44 16.67
CA GLU B 143 -32.44 30.44 15.22
C GLU B 143 -33.77 31.08 14.83
N LYS B 144 -34.81 30.92 15.66
CA LYS B 144 -36.05 31.66 15.46
C LYS B 144 -35.78 33.16 15.58
N ASN B 145 -34.98 33.55 16.58
CA ASN B 145 -34.57 34.94 16.75
C ASN B 145 -33.25 35.19 16.01
N GLU B 146 -33.23 34.90 14.71
CA GLU B 146 -32.15 35.30 13.82
C GLU B 146 -32.67 35.75 12.46
N GLN B 147 -33.94 36.15 12.37
CA GLN B 147 -34.50 36.67 11.12
C GLN B 147 -35.43 37.86 11.29
N ASP B 148 -35.85 38.22 12.51
CA ASP B 148 -37.05 39.04 12.62
C ASP B 148 -36.81 40.53 12.73
N LEU B 149 -36.21 41.03 13.83
CA LEU B 149 -36.29 42.45 14.15
C LEU B 149 -34.98 43.17 14.43
N LEU B 150 -34.15 42.63 15.34
CA LEU B 150 -33.26 43.49 16.13
C LEU B 150 -32.03 43.93 15.35
N ALA B 151 -31.68 43.22 14.28
CA ALA B 151 -30.38 43.44 13.64
C ALA B 151 -30.30 44.76 12.90
N LEU B 152 -31.39 45.54 12.86
CA LEU B 152 -31.29 46.92 12.41
C LEU B 152 -30.35 47.74 13.28
N ASP B 153 -30.17 47.36 14.54
CA ASP B 153 -29.21 47.99 15.43
C ASP B 153 -27.80 47.94 14.85
N GLN C 1 -22.48 -25.21 7.78
CA GLN C 1 -22.52 -26.55 7.21
C GLN C 1 -21.45 -27.46 7.81
N VAL C 2 -20.92 -27.09 8.98
CA VAL C 2 -19.86 -27.88 9.61
C VAL C 2 -20.45 -29.20 10.09
N GLN C 3 -19.94 -30.31 9.55
CA GLN C 3 -20.40 -31.64 9.91
C GLN C 3 -19.22 -32.59 9.83
N LEU C 4 -19.36 -33.71 10.55
CA LEU C 4 -18.27 -34.65 10.78
C LEU C 4 -18.61 -35.98 10.11
N VAL C 5 -17.83 -36.35 9.11
CA VAL C 5 -17.99 -37.60 8.38
C VAL C 5 -17.12 -38.65 9.05
N GLN C 6 -17.71 -39.75 9.46
CA GLN C 6 -17.05 -40.76 10.29
C GLN C 6 -17.22 -42.14 9.65
N SER C 7 -16.19 -42.97 9.81
CA SER C 7 -16.24 -44.35 9.33
C SER C 7 -15.31 -45.19 10.18
N GLY C 8 -15.64 -46.47 10.40
CA GLY C 8 -16.79 -47.24 9.95
C GLY C 8 -16.90 -48.52 10.77
N GLY C 9 -18.09 -49.13 10.75
CA GLY C 9 -18.36 -50.30 11.57
C GLY C 9 -17.42 -51.45 11.28
N GLN C 10 -17.02 -52.18 12.32
CA GLN C 10 -16.05 -53.25 12.15
C GLN C 10 -16.13 -54.22 13.32
N MET C 11 -15.61 -55.42 13.10
CA MET C 11 -15.55 -56.49 14.09
C MET C 11 -14.08 -56.76 14.42
N LYS C 12 -13.81 -57.17 15.66
CA LYS C 12 -12.45 -57.44 16.10
C LYS C 12 -12.45 -58.61 17.07
N LYS C 13 -11.25 -59.15 17.29
CA LYS C 13 -11.01 -60.13 18.34
C LYS C 13 -10.44 -59.43 19.57
N PRO C 14 -10.40 -60.10 20.72
CA PRO C 14 -9.69 -59.52 21.87
C PRO C 14 -8.20 -59.40 21.59
N GLY C 15 -7.58 -58.40 22.21
CA GLY C 15 -6.15 -58.24 22.16
C GLY C 15 -5.66 -57.35 21.03
N GLU C 16 -6.23 -57.49 19.85
CA GLU C 16 -5.75 -56.74 18.69
C GLU C 16 -6.22 -55.28 18.77
N SER C 17 -5.48 -54.41 18.09
CA SER C 17 -5.75 -52.99 18.11
C SER C 17 -6.82 -52.63 17.07
N MET C 18 -7.17 -51.35 17.03
CA MET C 18 -8.26 -50.86 16.21
C MET C 18 -8.01 -49.39 15.90
N ARG C 19 -8.47 -48.94 14.73
CA ARG C 19 -8.27 -47.57 14.28
C ARG C 19 -9.54 -47.05 13.61
N ILE C 20 -9.94 -45.84 14.00
CA ILE C 20 -11.15 -45.19 13.49
C ILE C 20 -10.76 -43.80 13.00
N SER C 21 -11.49 -43.30 12.01
CA SER C 21 -11.25 -42.00 11.41
C SER C 21 -12.42 -41.06 11.66
N CYS C 22 -12.21 -39.78 11.38
CA CYS C 22 -13.24 -38.76 11.47
C CYS C 22 -12.76 -37.55 10.68
N ARG C 23 -13.54 -37.13 9.68
CA ARG C 23 -13.20 -35.99 8.83
C ARG C 23 -14.14 -34.84 9.11
N ALA C 24 -13.58 -33.64 9.25
CA ALA C 24 -14.34 -32.42 9.47
C ALA C 24 -14.41 -31.63 8.16
N SER C 25 -15.63 -31.35 7.70
CA SER C 25 -15.85 -30.67 6.43
C SER C 25 -16.84 -29.54 6.65
N GLY C 26 -17.02 -28.73 5.60
CA GLY C 26 -17.84 -27.54 5.72
C GLY C 26 -17.33 -26.58 6.77
N TYR C 27 -16.02 -26.35 6.80
CA TYR C 27 -15.37 -25.73 7.96
C TYR C 27 -14.02 -25.24 7.50
N GLU C 28 -13.76 -23.94 7.65
CA GLU C 28 -12.65 -23.30 6.95
C GLU C 28 -11.30 -23.92 7.34
N PHE C 29 -11.06 -24.11 8.64
CA PHE C 29 -9.86 -24.76 9.10
C PHE C 29 -10.20 -25.49 10.39
N ILE C 30 -9.57 -26.65 10.60
CA ILE C 30 -9.74 -27.36 11.86
C ILE C 30 -8.88 -26.63 12.88
N ASP C 31 -9.51 -25.72 13.62
CA ASP C 31 -8.85 -24.87 14.61
C ASP C 31 -9.32 -25.12 16.04
N CYS C 32 -10.41 -25.88 16.21
CA CYS C 32 -11.09 -26.01 17.48
C CYS C 32 -11.07 -27.46 17.93
N THR C 33 -11.25 -27.68 19.23
CA THR C 33 -11.02 -28.99 19.81
C THR C 33 -12.02 -30.01 19.27
N LEU C 34 -11.63 -31.28 19.31
CA LEU C 34 -12.40 -32.37 18.76
C LEU C 34 -12.35 -33.54 19.73
N ASN C 35 -13.50 -33.92 20.27
CA ASN C 35 -13.60 -34.94 21.31
C ASN C 35 -13.89 -36.30 20.70
N TRP C 36 -13.86 -37.33 21.54
CA TRP C 36 -14.29 -38.68 21.18
C TRP C 36 -15.00 -39.29 22.38
N ILE C 37 -16.15 -39.91 22.14
CA ILE C 37 -17.05 -40.35 23.20
C ILE C 37 -17.52 -41.77 22.91
N ARG C 38 -17.68 -42.55 23.98
CA ARG C 38 -18.09 -43.95 23.92
C ARG C 38 -19.49 -44.06 24.49
N LEU C 39 -20.48 -44.29 23.62
CA LEU C 39 -21.86 -44.46 24.05
C LEU C 39 -22.20 -45.95 24.19
N ALA C 40 -21.71 -46.58 25.24
CA ALA C 40 -21.94 -48.00 25.42
C ALA C 40 -23.39 -48.25 25.84
N PRO C 41 -24.12 -49.17 25.18
CA PRO C 41 -25.47 -49.48 25.66
C PRO C 41 -25.45 -50.07 27.06
N GLY C 42 -26.44 -49.70 27.86
CA GLY C 42 -26.56 -50.22 29.21
C GLY C 42 -25.58 -49.65 30.21
N LYS C 43 -24.80 -48.64 29.83
CA LYS C 43 -23.80 -48.02 30.69
C LYS C 43 -23.84 -46.51 30.47
N ARG C 44 -23.31 -45.78 31.44
CA ARG C 44 -23.23 -44.34 31.29
C ARG C 44 -22.25 -44.01 30.15
N PRO C 45 -22.44 -42.90 29.44
CA PRO C 45 -21.45 -42.52 28.43
C PRO C 45 -20.09 -42.29 29.04
N GLU C 46 -19.06 -42.71 28.31
CA GLU C 46 -17.67 -42.53 28.69
C GLU C 46 -17.00 -41.61 27.67
N TRP C 47 -16.03 -40.85 28.14
CA TRP C 47 -15.38 -39.81 27.35
C TRP C 47 -13.91 -40.15 27.14
N MET C 48 -13.40 -39.79 25.96
CA MET C 48 -12.03 -40.03 25.55
C MET C 48 -11.42 -38.70 25.16
N GLY C 49 -10.09 -38.65 25.12
CA GLY C 49 -9.40 -37.36 25.19
C GLY C 49 -9.71 -36.47 24.00
N TRP C 50 -9.75 -35.16 24.28
CA TRP C 50 -9.92 -34.20 23.19
C TRP C 50 -8.67 -34.19 22.31
N LEU C 51 -8.75 -33.45 21.22
CA LEU C 51 -7.61 -33.26 20.33
C LEU C 51 -7.69 -31.84 19.78
N LYS C 52 -6.63 -31.07 19.99
CA LYS C 52 -6.55 -29.71 19.48
C LYS C 52 -5.82 -29.76 18.13
N PRO C 53 -6.52 -29.78 17.00
CA PRO C 53 -5.85 -30.09 15.72
C PRO C 53 -4.82 -29.07 15.30
N ARG C 54 -4.80 -27.88 15.89
CA ARG C 54 -3.82 -26.86 15.53
C ARG C 54 -2.41 -27.34 15.85
N GLY C 55 -2.13 -27.57 17.14
CA GLY C 55 -0.83 -28.07 17.56
C GLY C 55 -0.75 -29.56 17.79
N GLY C 56 -1.89 -30.25 17.82
CA GLY C 56 -1.92 -31.67 18.07
C GLY C 56 -1.95 -32.07 19.52
N ALA C 57 -2.06 -31.11 20.45
CA ALA C 57 -2.08 -31.44 21.86
C ALA C 57 -3.28 -32.30 22.19
N VAL C 58 -3.10 -33.24 23.12
CA VAL C 58 -4.07 -34.29 23.37
C VAL C 58 -4.09 -34.58 24.86
N ASN C 59 -5.25 -35.05 25.36
CA ASN C 59 -5.45 -35.23 26.80
C ASN C 59 -6.28 -36.51 27.04
N TYR C 60 -5.58 -37.65 27.15
CA TYR C 60 -6.27 -38.92 27.31
C TYR C 60 -6.86 -39.02 28.71
N ALA C 61 -8.09 -39.54 28.78
CA ALA C 61 -8.94 -39.19 29.90
C ALA C 61 -8.97 -40.18 31.07
N ARG C 62 -9.56 -41.33 30.83
CA ARG C 62 -9.97 -42.30 31.83
C ARG C 62 -8.78 -43.24 32.00
N PRO C 63 -8.88 -44.39 32.68
CA PRO C 63 -7.79 -45.38 32.61
C PRO C 63 -7.38 -45.82 31.20
N LEU C 64 -8.08 -45.39 30.14
CA LEU C 64 -7.63 -45.53 28.76
C LEU C 64 -6.33 -44.77 28.43
N GLN C 65 -5.75 -44.01 29.35
CA GLN C 65 -4.56 -43.24 29.00
C GLN C 65 -3.37 -44.12 28.67
N GLY C 66 -3.37 -45.38 29.12
CA GLY C 66 -2.34 -46.32 28.71
C GLY C 66 -2.59 -47.02 27.39
N ARG C 67 -3.78 -46.86 26.81
CA ARG C 67 -4.18 -47.58 25.61
C ARG C 67 -4.44 -46.67 24.42
N VAL C 68 -5.28 -45.65 24.59
CA VAL C 68 -5.69 -44.82 23.46
C VAL C 68 -4.52 -43.99 22.97
N THR C 69 -4.44 -43.79 21.65
CA THR C 69 -3.55 -42.82 21.04
C THR C 69 -4.27 -42.17 19.87
N MET C 70 -4.09 -40.86 19.72
CA MET C 70 -4.87 -40.05 18.80
C MET C 70 -3.93 -39.17 17.98
N THR C 71 -4.21 -39.07 16.68
CA THR C 71 -3.43 -38.26 15.76
C THR C 71 -4.38 -37.44 14.90
N ARG C 72 -3.81 -36.69 13.95
CA ARG C 72 -4.61 -35.93 13.00
C ARG C 72 -3.79 -35.73 11.73
N ASP C 73 -4.45 -35.18 10.72
CA ASP C 73 -3.83 -34.89 9.42
C ASP C 73 -4.43 -33.58 8.92
N VAL C 74 -3.68 -32.50 9.08
CA VAL C 74 -4.23 -31.16 8.80
C VAL C 74 -4.55 -31.01 7.33
N TYR C 75 -3.71 -31.54 6.45
CA TYR C 75 -3.88 -31.34 5.02
C TYR C 75 -5.03 -32.16 4.44
N SER C 76 -5.58 -33.12 5.19
CA SER C 76 -6.78 -33.84 4.82
C SER C 76 -7.97 -33.51 5.72
N ASP C 77 -7.77 -32.65 6.73
CA ASP C 77 -8.84 -32.25 7.65
C ASP C 77 -9.46 -33.46 8.34
N THR C 78 -8.62 -34.37 8.83
CA THR C 78 -9.05 -35.65 9.39
C THR C 78 -8.41 -35.86 10.75
N ALA C 79 -9.15 -36.53 11.64
CA ALA C 79 -8.66 -36.93 12.95
C ALA C 79 -8.87 -38.42 13.13
N PHE C 80 -7.94 -39.07 13.84
CA PHE C 80 -7.94 -40.52 14.01
C PHE C 80 -7.92 -40.87 15.49
N LEU C 81 -8.66 -41.91 15.85
CA LEU C 81 -8.59 -42.53 17.16
C LEU C 81 -8.06 -43.94 16.98
N GLU C 82 -7.14 -44.35 17.85
CA GLU C 82 -6.55 -45.68 17.82
C GLU C 82 -6.51 -46.22 19.23
N LEU C 83 -7.03 -47.43 19.41
CA LEU C 83 -7.14 -48.06 20.73
C LEU C 83 -6.44 -49.41 20.68
N ARG C 84 -5.50 -49.61 21.60
CA ARG C 84 -4.72 -50.84 21.67
C ARG C 84 -5.26 -51.74 22.77
N SER C 85 -5.00 -53.04 22.64
CA SER C 85 -5.35 -54.04 23.65
C SER C 85 -6.85 -54.05 23.91
N LEU C 86 -7.62 -54.36 22.87
CA LEU C 86 -9.07 -54.38 22.99
C LEU C 86 -9.51 -55.50 23.92
N THR C 87 -10.11 -55.15 25.05
CA THR C 87 -10.73 -56.12 25.92
C THR C 87 -12.11 -56.49 25.39
N VAL C 88 -12.77 -57.40 26.10
CA VAL C 88 -14.13 -57.79 25.71
C VAL C 88 -15.15 -56.71 26.06
N ASP C 89 -14.83 -55.83 27.01
CA ASP C 89 -15.79 -54.83 27.47
C ASP C 89 -15.82 -53.57 26.61
N ASP C 90 -14.94 -53.46 25.61
CA ASP C 90 -14.83 -52.23 24.82
C ASP C 90 -15.85 -52.15 23.68
N THR C 91 -16.83 -53.06 23.63
CA THR C 91 -17.86 -52.97 22.60
C THR C 91 -18.78 -51.79 22.91
N ALA C 92 -18.91 -50.88 21.94
CA ALA C 92 -19.71 -49.66 22.12
C ALA C 92 -19.71 -48.91 20.80
N VAL C 93 -20.41 -47.78 20.77
CA VAL C 93 -20.42 -46.87 19.63
C VAL C 93 -19.49 -45.71 19.94
N TYR C 94 -18.66 -45.34 18.96
CA TYR C 94 -17.62 -44.32 19.14
C TYR C 94 -17.99 -43.11 18.30
N PHE C 95 -18.18 -41.96 18.96
CA PHE C 95 -18.72 -40.77 18.34
C PHE C 95 -17.66 -39.69 18.26
N CYS C 96 -17.43 -39.17 17.06
CA CYS C 96 -16.54 -38.02 16.88
C CYS C 96 -17.35 -36.74 16.95
N THR C 97 -17.13 -35.96 18.00
CA THR C 97 -18.00 -34.82 18.31
C THR C 97 -17.20 -33.53 18.29
N ARG C 98 -17.93 -32.42 18.37
CA ARG C 98 -17.36 -31.09 18.45
C ARG C 98 -18.32 -30.23 19.25
N GLY C 99 -17.78 -29.19 19.89
CA GLY C 99 -18.60 -28.32 20.71
C GLY C 99 -19.47 -27.38 19.89
N LYS C 100 -20.32 -26.64 20.62
CA LYS C 100 -21.20 -25.69 19.97
C LYS C 100 -20.41 -24.59 19.28
N ASN C 101 -19.35 -24.10 19.92
CA ASN C 101 -18.49 -23.09 19.34
C ASN C 101 -17.12 -23.22 19.98
N CYS C 102 -16.13 -22.61 19.33
CA CYS C 102 -14.74 -22.87 19.69
C CYS C 102 -14.34 -22.28 21.03
N ASP C 103 -15.17 -21.43 21.64
CA ASP C 103 -14.83 -20.85 22.93
C ASP C 103 -15.08 -21.80 24.09
N TYR C 104 -16.03 -22.72 23.95
CA TYR C 104 -16.39 -23.64 25.03
C TYR C 104 -16.86 -24.94 24.38
N ASN C 105 -16.03 -25.98 24.47
CA ASN C 105 -16.25 -27.19 23.67
C ASN C 105 -17.08 -28.24 24.37
N TRP C 106 -17.45 -28.05 25.64
CA TRP C 106 -18.13 -29.10 26.39
C TRP C 106 -19.62 -29.16 26.13
N ASP C 107 -20.17 -28.31 25.26
CA ASP C 107 -21.54 -28.46 24.77
C ASP C 107 -21.46 -29.07 23.37
N PHE C 108 -21.40 -30.41 23.34
CA PHE C 108 -21.25 -31.13 22.09
C PHE C 108 -22.53 -31.03 21.26
N GLU C 109 -22.55 -30.13 20.29
CA GLU C 109 -23.71 -29.95 19.43
C GLU C 109 -23.61 -30.75 18.14
N HIS C 110 -22.39 -30.96 17.64
CA HIS C 110 -22.16 -31.65 16.38
C HIS C 110 -21.54 -33.00 16.66
N TRP C 111 -22.17 -34.06 16.15
CA TRP C 111 -21.74 -35.44 16.36
C TRP C 111 -21.58 -36.12 15.02
N GLY C 112 -20.75 -37.15 14.98
CA GLY C 112 -20.63 -37.98 13.80
C GLY C 112 -21.73 -39.02 13.74
N ARG C 113 -21.68 -39.84 12.70
CA ARG C 113 -22.69 -40.88 12.53
C ARG C 113 -22.66 -41.88 13.68
N GLY C 114 -21.46 -42.29 14.10
CA GLY C 114 -21.30 -43.34 15.09
C GLY C 114 -20.72 -44.59 14.50
N THR C 115 -19.58 -45.04 15.02
CA THR C 115 -18.86 -46.19 14.48
C THR C 115 -18.95 -47.35 15.46
N PRO C 116 -19.87 -48.32 15.28
CA PRO C 116 -19.95 -49.42 16.24
C PRO C 116 -18.76 -50.35 16.11
N VAL C 117 -18.13 -50.67 17.23
CA VAL C 117 -17.01 -51.60 17.31
C VAL C 117 -17.46 -52.77 18.17
N ILE C 118 -17.35 -53.98 17.63
CA ILE C 118 -17.77 -55.20 18.30
C ILE C 118 -16.54 -56.07 18.51
N VAL C 119 -16.39 -56.60 19.72
CA VAL C 119 -15.33 -57.54 20.07
C VAL C 119 -15.98 -58.88 20.41
N SER C 120 -15.59 -59.93 19.70
CA SER C 120 -16.16 -61.25 19.84
C SER C 120 -15.06 -62.22 20.29
N SER C 121 -15.31 -62.91 21.40
CA SER C 121 -14.35 -63.87 21.91
C SER C 121 -14.35 -65.14 21.07
N GLU D 1 -15.02 -37.73 43.67
CA GLU D 1 -16.38 -37.55 44.14
C GLU D 1 -17.27 -36.78 43.16
N ILE D 2 -16.75 -36.51 41.96
CA ILE D 2 -17.48 -35.74 40.96
C ILE D 2 -18.37 -36.72 40.20
N VAL D 3 -19.67 -36.70 40.51
CA VAL D 3 -20.63 -37.64 39.94
C VAL D 3 -21.91 -36.90 39.62
N LEU D 4 -22.53 -37.24 38.50
CA LEU D 4 -23.84 -36.75 38.12
C LEU D 4 -24.82 -37.92 38.17
N THR D 5 -25.90 -37.75 38.93
CA THR D 5 -26.87 -38.82 39.19
C THR D 5 -28.21 -38.42 38.59
N GLN D 6 -28.66 -39.16 37.58
CA GLN D 6 -29.98 -38.99 37.02
C GLN D 6 -30.97 -39.95 37.67
N SER D 7 -32.17 -39.45 37.94
CA SER D 7 -33.25 -40.27 38.49
C SER D 7 -34.57 -39.70 37.99
N PRO D 8 -35.61 -40.54 37.84
CA PRO D 8 -35.67 -42.00 38.04
C PRO D 8 -35.04 -42.75 36.88
N GLY D 9 -34.89 -44.08 37.00
CA GLY D 9 -34.22 -44.83 35.95
C GLY D 9 -34.94 -44.80 34.62
N THR D 10 -36.28 -44.91 34.65
CA THR D 10 -37.06 -44.92 33.43
C THR D 10 -38.45 -44.37 33.72
N LEU D 11 -39.04 -43.72 32.71
CA LEU D 11 -40.37 -43.15 32.80
C LEU D 11 -41.27 -43.84 31.78
N SER D 12 -42.46 -44.27 32.24
CA SER D 12 -43.51 -44.80 31.38
C SER D 12 -44.61 -43.75 31.28
N LEU D 13 -44.93 -43.35 30.05
CA LEU D 13 -45.85 -42.24 29.80
C LEU D 13 -46.85 -42.61 28.73
N SER D 14 -48.07 -42.13 28.88
CA SER D 14 -49.01 -42.09 27.77
C SER D 14 -48.66 -40.88 26.90
N PRO D 15 -48.55 -41.02 25.58
CA PRO D 15 -48.11 -39.87 24.77
C PRO D 15 -49.08 -38.71 24.85
N GLY D 16 -48.54 -37.52 25.13
CA GLY D 16 -49.31 -36.30 25.25
C GLY D 16 -49.31 -35.69 26.63
N GLU D 17 -48.67 -36.32 27.62
CA GLU D 17 -48.65 -35.84 28.99
C GLU D 17 -47.27 -35.29 29.35
N THR D 18 -47.16 -34.82 30.60
CA THR D 18 -45.93 -34.19 31.08
C THR D 18 -45.02 -35.22 31.72
N ALA D 19 -43.72 -34.89 31.81
CA ALA D 19 -42.74 -35.76 32.43
C ALA D 19 -41.56 -34.92 32.92
N ILE D 20 -40.83 -35.48 33.89
CA ILE D 20 -39.76 -34.78 34.58
C ILE D 20 -38.59 -35.74 34.76
N ILE D 21 -37.38 -35.23 34.53
CA ILE D 21 -36.14 -35.95 34.81
C ILE D 21 -35.22 -35.00 35.56
N SER D 22 -34.49 -35.54 36.54
CA SER D 22 -33.57 -34.76 37.37
C SER D 22 -32.12 -35.15 37.08
N CYS D 23 -31.20 -34.27 37.50
CA CYS D 23 -29.77 -34.53 37.41
C CYS D 23 -29.09 -33.83 38.58
N ARG D 24 -28.90 -34.56 39.68
CA ARG D 24 -28.15 -34.02 40.81
C ARG D 24 -26.67 -34.01 40.51
N THR D 25 -26.01 -32.93 40.92
CA THR D 25 -24.58 -32.74 40.70
C THR D 25 -23.88 -32.45 42.02
N SER D 26 -22.61 -32.83 42.11
CA SER D 26 -21.79 -32.64 43.29
C SER D 26 -20.68 -31.62 43.10
N GLN D 27 -20.72 -30.82 42.04
CA GLN D 27 -19.70 -29.81 41.77
C GLN D 27 -20.32 -28.63 41.04
N TYR D 28 -19.65 -27.49 41.13
CA TYR D 28 -20.10 -26.28 40.48
C TYR D 28 -19.66 -26.29 39.01
N GLY D 29 -20.63 -26.19 38.10
CA GLY D 29 -20.32 -26.22 36.69
C GLY D 29 -21.58 -26.11 35.86
N SER D 30 -21.38 -25.79 34.58
CA SER D 30 -22.50 -25.69 33.66
C SER D 30 -23.12 -27.06 33.45
N LEU D 31 -24.32 -27.06 32.86
CA LEU D 31 -25.09 -28.28 32.62
C LEU D 31 -25.66 -28.27 31.21
N ALA D 32 -25.91 -29.47 30.70
CA ALA D 32 -26.54 -29.64 29.40
C ALA D 32 -27.22 -31.01 29.37
N TRP D 33 -28.18 -31.16 28.47
CA TRP D 33 -28.96 -32.38 28.35
C TRP D 33 -29.00 -32.84 26.89
N TYR D 34 -29.05 -34.16 26.71
CA TYR D 34 -29.03 -34.80 25.41
C TYR D 34 -30.21 -35.75 25.29
N GLN D 35 -30.64 -35.98 24.05
CA GLN D 35 -31.74 -36.89 23.75
C GLN D 35 -31.26 -37.87 22.69
N GLN D 36 -31.47 -39.16 22.93
CA GLN D 36 -31.05 -40.22 22.02
C GLN D 36 -32.21 -41.18 21.79
N ARG D 37 -32.74 -41.19 20.57
CA ARG D 37 -33.51 -42.33 20.12
C ARG D 37 -32.54 -43.44 19.67
N PRO D 38 -32.98 -44.70 19.68
CA PRO D 38 -32.10 -45.76 19.19
C PRO D 38 -31.72 -45.54 17.73
N GLY D 39 -30.46 -45.81 17.40
CA GLY D 39 -30.00 -45.73 16.03
C GLY D 39 -29.78 -44.33 15.50
N GLN D 40 -29.30 -43.40 16.33
CA GLN D 40 -28.94 -42.08 15.86
C GLN D 40 -27.93 -41.45 16.81
N ALA D 41 -27.31 -40.38 16.35
CA ALA D 41 -26.44 -39.57 17.20
C ALA D 41 -27.30 -38.78 18.17
N PRO D 42 -26.95 -38.68 19.47
CA PRO D 42 -27.77 -37.88 20.38
C PRO D 42 -27.83 -36.42 19.98
N ARG D 43 -28.99 -35.79 20.23
CA ARG D 43 -29.16 -34.38 19.96
C ARG D 43 -28.74 -33.55 21.17
N LEU D 44 -28.54 -32.25 20.94
CA LEU D 44 -28.40 -31.29 22.03
C LEU D 44 -29.74 -30.60 22.26
N VAL D 45 -30.21 -30.63 23.50
CA VAL D 45 -31.54 -30.11 23.86
C VAL D 45 -31.42 -28.75 24.53
N ILE D 46 -30.74 -28.66 25.68
CA ILE D 46 -30.52 -27.42 26.39
C ILE D 46 -29.07 -27.36 26.83
N TYR D 47 -28.60 -26.16 27.14
CA TYR D 47 -27.23 -25.97 27.59
C TYR D 47 -27.15 -24.71 28.44
N SER D 48 -26.04 -24.59 29.15
CA SER D 48 -25.82 -23.48 30.09
C SER D 48 -26.95 -23.41 31.11
N GLY D 49 -27.41 -24.57 31.56
CA GLY D 49 -28.54 -24.63 32.47
C GLY D 49 -29.86 -24.73 31.75
N SER D 50 -30.55 -23.59 31.60
CA SER D 50 -31.93 -23.57 31.16
C SER D 50 -32.11 -23.17 29.69
N THR D 51 -31.12 -22.54 29.06
CA THR D 51 -31.29 -22.06 27.70
C THR D 51 -31.43 -23.23 26.74
N ARG D 52 -32.33 -23.08 25.76
CA ARG D 52 -32.63 -24.15 24.83
C ARG D 52 -31.67 -24.14 23.66
N ALA D 53 -31.49 -25.32 23.06
CA ALA D 53 -30.63 -25.46 21.89
C ALA D 53 -31.31 -24.89 20.66
N ALA D 54 -30.50 -24.63 19.63
CA ALA D 54 -31.02 -24.03 18.40
C ALA D 54 -31.90 -25.02 17.64
N GLY D 55 -33.10 -24.58 17.28
CA GLY D 55 -34.01 -25.37 16.50
C GLY D 55 -34.79 -26.41 17.26
N ILE D 56 -34.57 -26.56 18.56
CA ILE D 56 -35.27 -27.54 19.37
C ILE D 56 -36.68 -27.00 19.66
N PRO D 57 -37.72 -27.83 19.74
CA PRO D 57 -39.04 -27.29 20.10
C PRO D 57 -39.06 -26.68 21.50
N ASP D 58 -40.16 -26.00 21.80
CA ASP D 58 -40.33 -25.30 23.07
C ASP D 58 -40.84 -26.20 24.18
N ARG D 59 -41.04 -27.49 23.92
CA ARG D 59 -41.57 -28.40 24.95
C ARG D 59 -40.62 -28.57 26.12
N PHE D 60 -39.34 -28.26 25.96
CA PHE D 60 -38.29 -28.58 26.91
C PHE D 60 -37.95 -27.34 27.75
N SER D 61 -37.72 -27.56 29.05
CA SER D 61 -37.32 -26.48 29.94
C SER D 61 -36.61 -27.09 31.14
N GLY D 62 -35.80 -26.26 31.80
CA GLY D 62 -35.04 -26.71 32.96
C GLY D 62 -34.85 -25.59 33.95
N SER D 63 -34.60 -25.99 35.20
CA SER D 63 -34.46 -25.06 36.31
C SER D 63 -33.31 -25.48 37.20
N ARG D 64 -32.50 -24.51 37.61
CA ARG D 64 -31.34 -24.76 38.49
C ARG D 64 -31.78 -24.54 39.92
N TRP D 65 -32.18 -25.62 40.59
CA TRP D 65 -32.62 -25.51 41.98
C TRP D 65 -31.45 -25.26 42.94
N GLY D 66 -30.22 -25.50 42.51
CA GLY D 66 -29.05 -25.37 43.37
C GLY D 66 -28.02 -26.44 43.01
N PRO D 67 -27.59 -27.26 43.98
CA PRO D 67 -26.84 -28.46 43.60
C PRO D 67 -27.68 -29.52 42.92
N ASP D 68 -29.01 -29.37 42.92
CA ASP D 68 -29.91 -30.22 42.16
C ASP D 68 -30.40 -29.47 40.93
N TYR D 69 -30.49 -30.18 39.81
CA TYR D 69 -31.02 -29.65 38.57
C TYR D 69 -32.16 -30.55 38.10
N ASN D 70 -33.15 -29.94 37.45
CA ASN D 70 -34.35 -30.62 37.02
C ASN D 70 -34.65 -30.26 35.58
N LEU D 71 -35.13 -31.25 34.81
CA LEU D 71 -35.64 -31.06 33.46
C LEU D 71 -37.11 -31.45 33.45
N THR D 72 -37.94 -30.61 32.85
CA THR D 72 -39.37 -30.84 32.72
C THR D 72 -39.74 -30.76 31.24
N ILE D 73 -40.43 -31.78 30.75
CA ILE D 73 -40.84 -31.88 29.36
C ILE D 73 -42.36 -31.95 29.32
N SER D 74 -42.97 -31.11 28.50
CA SER D 74 -44.41 -30.86 28.54
C SER D 74 -45.07 -31.41 27.29
N ASN D 75 -46.08 -32.26 27.49
CA ASN D 75 -46.91 -32.81 26.41
C ASN D 75 -46.04 -33.52 25.38
N LEU D 76 -45.36 -34.58 25.83
CA LEU D 76 -44.37 -35.26 25.02
C LEU D 76 -45.08 -36.07 23.93
N GLU D 77 -44.84 -35.70 22.67
CA GLU D 77 -45.33 -36.48 21.55
C GLU D 77 -44.48 -37.74 21.38
N SER D 78 -44.95 -38.65 20.53
CA SER D 78 -44.29 -39.94 20.37
C SER D 78 -42.89 -39.78 19.79
N GLY D 79 -42.65 -38.75 19.00
CA GLY D 79 -41.37 -38.61 18.34
C GLY D 79 -40.22 -38.25 19.27
N ASP D 80 -40.54 -37.63 20.40
CA ASP D 80 -39.52 -37.13 21.32
C ASP D 80 -39.13 -38.14 22.39
N PHE D 81 -39.67 -39.36 22.37
CA PHE D 81 -39.28 -40.37 23.33
C PHE D 81 -37.88 -40.88 23.01
N GLY D 82 -37.14 -41.24 24.06
CA GLY D 82 -35.78 -41.71 23.89
C GLY D 82 -35.10 -41.87 25.24
N VAL D 83 -33.78 -41.72 25.23
CA VAL D 83 -32.95 -41.83 26.43
C VAL D 83 -32.27 -40.48 26.65
N TYR D 84 -32.34 -39.98 27.89
CA TYR D 84 -31.87 -38.64 28.23
C TYR D 84 -30.61 -38.71 29.08
N TYR D 85 -29.57 -37.98 28.65
CA TYR D 85 -28.27 -37.94 29.34
C TYR D 85 -28.02 -36.54 29.90
N CYS D 86 -27.46 -36.49 31.09
CA CYS D 86 -27.00 -35.24 31.70
C CYS D 86 -25.52 -35.05 31.37
N GLN D 87 -25.03 -33.82 31.51
CA GLN D 87 -23.63 -33.52 31.27
C GLN D 87 -23.20 -32.27 32.01
N GLN D 88 -21.96 -32.26 32.47
CA GLN D 88 -21.28 -31.10 33.03
C GLN D 88 -19.99 -30.91 32.25
N TYR D 89 -19.02 -30.15 32.76
CA TYR D 89 -17.65 -30.15 32.21
C TYR D 89 -17.17 -31.50 31.71
N GLU D 90 -17.62 -33.98 29.88
CA GLU D 90 -16.79 -35.07 30.35
C GLU D 90 -17.60 -36.05 31.18
N PHE D 91 -18.18 -35.55 32.27
CA PHE D 91 -18.95 -36.37 33.19
C PHE D 91 -20.40 -36.44 32.73
N PHE D 92 -20.88 -37.66 32.49
CA PHE D 92 -22.23 -37.91 31.98
C PHE D 92 -23.03 -38.69 33.01
N GLY D 93 -24.34 -38.49 32.99
CA GLY D 93 -25.21 -39.24 33.86
C GLY D 93 -25.46 -40.64 33.35
N GLN D 94 -26.09 -41.45 34.20
CA GLN D 94 -26.32 -42.85 33.87
C GLN D 94 -27.39 -43.06 32.81
N GLY D 95 -28.11 -42.02 32.41
CA GLY D 95 -29.11 -42.14 31.36
C GLY D 95 -30.47 -42.54 31.88
N THR D 96 -31.50 -41.82 31.44
CA THR D 96 -32.88 -42.08 31.82
C THR D 96 -33.69 -42.35 30.56
N LYS D 97 -34.39 -43.48 30.54
CA LYS D 97 -35.13 -43.91 29.36
C LYS D 97 -36.58 -43.47 29.47
N VAL D 98 -37.03 -42.69 28.48
CA VAL D 98 -38.41 -42.22 28.40
C VAL D 98 -39.15 -43.11 27.40
N GLN D 99 -40.22 -43.77 27.86
CA GLN D 99 -40.85 -44.84 27.13
C GLN D 99 -42.36 -44.64 27.08
N VAL D 100 -42.98 -45.12 25.99
CA VAL D 100 -44.43 -45.01 25.84
C VAL D 100 -45.11 -46.13 26.63
N ASP D 101 -46.41 -45.95 26.87
CA ASP D 101 -47.22 -47.00 27.50
C ASP D 101 -47.70 -48.00 26.45
N ALA E 1 10.92 52.90 30.12
CA ALA E 1 10.04 51.73 30.13
C ALA E 1 8.59 52.14 29.94
N GLU E 2 7.71 51.15 29.77
CA GLU E 2 6.29 51.42 29.57
C GLU E 2 5.50 50.20 30.03
N ASN E 3 4.22 50.43 30.32
CA ASN E 3 3.33 49.34 30.74
C ASN E 3 2.97 48.48 29.52
N LEU E 4 3.13 47.17 29.65
CA LEU E 4 2.91 46.24 28.55
C LEU E 4 2.30 44.95 29.08
N TRP E 5 1.53 44.28 28.22
CA TRP E 5 0.89 43.01 28.54
C TRP E 5 1.00 42.07 27.35
N VAL E 6 0.78 40.78 27.62
CA VAL E 6 0.91 39.76 26.60
C VAL E 6 -0.18 39.92 25.54
N THR E 7 0.12 39.49 24.32
CA THR E 7 -0.84 39.52 23.22
C THR E 7 -0.57 38.34 22.30
N VAL E 8 -1.61 37.90 21.60
CA VAL E 8 -1.55 36.76 20.69
C VAL E 8 -1.91 37.26 19.30
N TYR E 9 -1.22 36.75 18.28
CA TYR E 9 -1.18 37.36 16.95
C TYR E 9 -1.27 36.35 15.79
N TYR E 10 -1.42 35.06 16.06
CA TYR E 10 -0.71 34.07 15.26
C TYR E 10 -1.55 33.51 14.12
N GLY E 11 -1.52 34.30 13.05
CA GLY E 11 -1.36 33.85 11.68
C GLY E 11 -0.11 34.51 11.12
N VAL E 12 0.93 34.61 11.95
CA VAL E 12 2.13 35.43 11.74
C VAL E 12 3.04 34.83 10.67
N PRO E 13 3.81 35.66 9.91
CA PRO E 13 4.79 35.13 8.93
C PRO E 13 6.21 34.92 9.45
N VAL E 14 6.46 33.80 10.12
CA VAL E 14 7.81 33.39 10.50
C VAL E 14 7.93 31.88 10.33
N TRP E 15 9.15 31.45 9.98
CA TRP E 15 9.43 30.07 9.58
C TRP E 15 10.54 29.48 10.45
N LYS E 16 10.70 28.17 10.33
CA LYS E 16 11.75 27.43 11.02
C LYS E 16 12.25 26.32 10.10
N GLU E 17 13.45 25.83 10.40
CA GLU E 17 14.05 24.79 9.58
C GLU E 17 13.31 23.46 9.77
N ALA E 18 13.19 22.70 8.69
CA ALA E 18 12.51 21.42 8.73
C ALA E 18 12.77 20.67 7.43
N LYS E 19 12.31 19.43 7.38
CA LYS E 19 12.41 18.59 6.20
C LYS E 19 11.17 17.71 6.11
N THR E 20 10.60 17.59 4.91
CA THR E 20 9.39 16.81 4.71
C THR E 20 9.33 16.29 3.28
N THR E 21 8.44 15.33 3.08
CA THR E 21 8.20 14.79 1.75
C THR E 21 7.56 15.86 0.87
N LEU E 22 7.94 15.89 -0.41
CA LEU E 22 7.56 16.95 -1.32
C LEU E 22 6.82 16.38 -2.52
N PHE E 23 5.68 16.99 -2.86
CA PHE E 23 4.92 16.61 -4.02
C PHE E 23 5.64 17.05 -5.30
N CYS E 24 5.40 16.29 -6.38
CA CYS E 24 5.98 16.59 -7.69
C CYS E 24 4.92 17.18 -8.61
N ALA E 25 5.37 18.06 -9.50
CA ALA E 25 4.50 18.68 -10.49
C ALA E 25 5.30 18.85 -11.79
N SER E 26 4.72 18.38 -12.89
CA SER E 26 5.38 18.38 -14.19
C SER E 26 4.88 19.54 -15.05
N ASP E 27 5.77 20.08 -15.87
CA ASP E 27 5.46 21.29 -16.62
C ASP E 27 4.51 20.98 -17.78
N ALA E 28 3.59 21.93 -18.04
CA ALA E 28 2.69 21.87 -19.17
C ALA E 28 1.84 20.61 -19.16
N ARG E 29 1.41 20.12 -20.33
CA ARG E 29 0.65 18.89 -20.44
C ARG E 29 1.53 17.64 -20.47
N ALA E 30 2.79 17.74 -20.04
CA ALA E 30 3.66 16.57 -19.99
C ALA E 30 3.15 15.52 -19.02
N TYR E 31 2.28 15.88 -18.06
CA TYR E 31 1.70 14.89 -17.18
C TYR E 31 0.85 13.88 -17.96
N GLU E 32 0.30 14.30 -19.10
CA GLU E 32 -0.47 13.39 -19.95
C GLU E 32 0.41 12.39 -20.68
N LYS E 33 1.64 12.76 -21.02
CA LYS E 33 2.63 11.80 -21.51
C LYS E 33 3.34 11.09 -20.37
N GLU E 34 3.36 11.69 -19.18
CA GLU E 34 4.15 11.16 -18.07
C GLU E 34 3.66 9.80 -17.59
N VAL E 35 2.40 9.47 -17.84
CA VAL E 35 1.84 8.19 -17.43
C VAL E 35 2.61 7.03 -18.06
N HIS E 36 3.16 7.25 -19.26
CA HIS E 36 3.93 6.24 -19.97
C HIS E 36 5.43 6.51 -19.91
N ASN E 37 5.92 7.06 -18.80
CA ASN E 37 7.33 7.44 -18.64
C ASN E 37 7.91 6.89 -17.35
N VAL E 38 9.23 6.70 -17.36
CA VAL E 38 10.02 6.44 -16.17
C VAL E 38 11.17 7.44 -16.21
N TRP E 39 11.69 7.77 -15.02
CA TRP E 39 12.26 9.08 -14.67
C TRP E 39 11.12 10.10 -14.67
N ALA E 40 9.89 9.63 -14.51
CA ALA E 40 8.71 10.48 -14.41
C ALA E 40 7.58 9.62 -13.88
N THR E 41 6.73 10.22 -13.06
CA THR E 41 5.77 9.48 -12.26
C THR E 41 4.56 9.06 -13.09
N HIS E 42 3.46 8.68 -12.44
CA HIS E 42 2.25 8.20 -13.10
C HIS E 42 0.98 8.86 -12.56
N ALA E 43 0.90 10.19 -12.50
CA ALA E 43 1.73 11.27 -13.04
C ALA E 43 1.76 12.46 -12.08
N CYS E 44 2.71 13.36 -12.31
CA CYS E 44 2.85 14.56 -11.49
C CYS E 44 1.91 15.64 -11.96
N VAL E 45 0.64 15.58 -11.54
CA VAL E 45 -0.38 16.49 -12.03
C VAL E 45 -0.36 17.80 -11.22
N PRO E 46 -0.24 18.97 -11.83
CA PRO E 46 -0.40 20.21 -11.07
C PRO E 46 -1.86 20.62 -10.96
N THR E 47 -2.19 21.29 -9.86
CA THR E 47 -3.54 21.81 -9.65
C THR E 47 -3.67 23.29 -9.96
N ASP E 48 -2.56 24.03 -9.95
CA ASP E 48 -2.52 25.45 -10.25
C ASP E 48 -1.36 25.71 -11.20
N PRO E 49 -1.40 26.81 -11.97
CA PRO E 49 -0.32 27.05 -12.94
C PRO E 49 0.98 27.48 -12.29
N SER E 50 1.74 26.51 -11.80
CA SER E 50 3.04 26.76 -11.21
C SER E 50 4.07 27.06 -12.29
N PRO E 51 5.20 27.72 -11.94
CA PRO E 51 5.60 28.29 -10.65
C PRO E 51 5.20 29.76 -10.49
N GLN E 52 5.22 30.27 -9.26
CA GLN E 52 5.00 31.68 -8.95
C GLN E 52 5.99 32.09 -7.89
N GLU E 53 6.28 33.39 -7.81
CA GLU E 53 7.35 33.88 -6.96
C GLU E 53 7.01 35.26 -6.39
N LEU E 54 7.55 35.53 -5.22
CA LEU E 54 7.52 36.85 -4.59
C LEU E 54 8.87 37.12 -3.97
N VAL E 55 9.40 38.31 -4.19
CA VAL E 55 10.67 38.70 -3.57
C VAL E 55 10.41 39.20 -2.16
N LEU E 56 11.17 38.67 -1.20
CA LEU E 56 11.07 39.08 0.20
C LEU E 56 12.15 40.13 0.45
N GLY E 57 11.73 41.37 0.69
CA GLY E 57 12.69 42.43 0.92
C GLY E 57 13.30 42.35 2.31
N ASN E 58 14.58 42.72 2.39
CA ASN E 58 15.30 42.82 3.64
C ASN E 58 15.46 41.47 4.36
N VAL E 59 15.26 40.37 3.64
CA VAL E 59 15.39 39.04 4.23
C VAL E 59 16.74 38.44 3.84
N THR E 60 17.49 37.99 4.85
CA THR E 60 18.70 37.22 4.65
C THR E 60 18.57 35.88 5.37
N GLU E 61 18.84 34.81 4.63
CA GLU E 61 18.71 33.45 5.14
C GLU E 61 19.97 32.67 4.81
N ASN E 62 20.32 31.73 5.70
CA ASN E 62 21.53 30.95 5.57
C ASN E 62 21.22 29.71 4.73
N PHE E 63 22.02 29.51 3.68
CA PHE E 63 21.84 28.41 2.73
C PHE E 63 23.03 27.45 2.81
N ASN E 64 22.81 26.23 2.33
CA ASN E 64 23.87 25.23 2.25
C ASN E 64 23.40 24.15 1.29
N MET E 65 24.18 23.89 0.24
CA MET E 65 23.80 22.90 -0.76
C MET E 65 24.31 21.49 -0.44
N TRP E 66 25.30 21.37 0.45
CA TRP E 66 25.93 20.07 0.67
C TRP E 66 25.23 19.28 1.77
N LYS E 67 24.63 19.99 2.73
CA LYS E 67 23.73 19.38 3.71
C LYS E 67 22.27 19.50 3.30
N ASN E 68 21.99 19.62 2.00
CA ASN E 68 20.64 19.86 1.54
C ASN E 68 19.77 18.63 1.78
N ASP E 69 18.51 18.87 2.15
CA ASP E 69 17.59 17.78 2.42
C ASP E 69 16.78 17.36 1.20
N MET E 70 16.74 18.18 0.15
CA MET E 70 16.00 17.82 -1.05
C MET E 70 16.75 16.83 -1.92
N VAL E 71 18.09 16.93 -1.98
CA VAL E 71 18.86 16.06 -2.88
C VAL E 71 18.73 14.61 -2.44
N ASP E 72 18.76 14.35 -1.14
CA ASP E 72 18.52 12.99 -0.66
C ASP E 72 17.08 12.58 -0.92
N GLN E 73 16.15 13.54 -0.91
CA GLN E 73 14.75 13.23 -1.12
C GLN E 73 14.48 12.85 -2.57
N MET E 74 15.14 13.52 -3.53
CA MET E 74 14.93 13.18 -4.93
C MET E 74 15.59 11.86 -5.28
N HIS E 75 16.78 11.60 -4.73
CA HIS E 75 17.51 10.39 -5.08
C HIS E 75 16.74 9.14 -4.66
N GLU E 76 16.11 9.18 -3.50
CA GLU E 76 15.28 8.05 -3.08
C GLU E 76 13.99 7.96 -3.88
N ASP E 77 13.53 9.08 -4.45
CA ASP E 77 12.34 9.03 -5.29
C ASP E 77 12.66 8.41 -6.64
N ILE E 78 13.77 8.80 -7.26
CA ILE E 78 14.10 8.31 -8.59
C ILE E 78 14.48 6.83 -8.53
N ILE E 79 15.22 6.44 -7.49
CA ILE E 79 15.56 5.03 -7.32
C ILE E 79 14.29 4.21 -7.12
N SER E 80 13.39 4.69 -6.25
CA SER E 80 12.15 3.96 -6.01
C SER E 80 11.24 4.02 -7.23
N LEU E 81 11.27 5.12 -7.97
CA LEU E 81 10.47 5.23 -9.18
C LEU E 81 11.05 4.38 -10.30
N TRP E 82 12.37 4.21 -10.32
CA TRP E 82 13.02 3.46 -11.40
C TRP E 82 12.68 1.98 -11.33
N ASP E 83 12.80 1.38 -10.14
CA ASP E 83 12.59 -0.06 -10.04
C ASP E 83 11.11 -0.44 -9.96
N GLN E 84 10.21 0.53 -9.82
CA GLN E 84 8.78 0.22 -9.91
C GLN E 84 8.37 -0.03 -11.36
N SER E 85 9.03 0.63 -12.32
CA SER E 85 8.75 0.39 -13.72
C SER E 85 9.32 -0.94 -14.21
N LEU E 86 10.38 -1.42 -13.57
CA LEU E 86 10.95 -2.73 -13.91
C LEU E 86 10.23 -3.87 -13.21
N LYS E 87 9.37 -3.59 -12.22
CA LYS E 87 8.65 -4.63 -11.48
C LYS E 87 7.79 -5.52 -12.37
N PRO E 88 6.94 -5.00 -13.28
CA PRO E 88 6.09 -5.89 -14.08
C PRO E 88 6.73 -6.43 -15.35
N CYS E 89 7.97 -6.05 -15.67
CA CYS E 89 8.54 -6.37 -16.98
C CYS E 89 9.22 -7.74 -16.95
N VAL E 90 9.49 -8.27 -18.15
CA VAL E 90 9.98 -9.63 -18.29
C VAL E 90 11.38 -9.75 -17.68
N LYS E 91 11.65 -10.87 -17.03
CA LYS E 91 12.97 -11.20 -16.53
C LYS E 91 13.71 -12.11 -17.50
N LEU E 92 15.04 -12.00 -17.49
CA LEU E 92 15.90 -12.64 -18.47
C LEU E 92 16.63 -13.87 -17.92
N THR E 93 16.08 -14.50 -16.89
CA THR E 93 16.66 -15.75 -16.39
C THR E 93 16.81 -16.84 -17.46
N PRO E 94 15.84 -17.13 -18.33
CA PRO E 94 16.01 -18.26 -19.25
C PRO E 94 17.04 -18.03 -20.35
N LEU E 95 17.61 -16.83 -20.48
CA LEU E 95 18.63 -16.59 -21.50
C LEU E 95 20.02 -17.04 -21.08
N CYS E 96 20.26 -17.31 -19.80
CA CYS E 96 21.57 -17.72 -19.34
C CYS E 96 21.81 -19.16 -19.79
N VAL E 97 22.28 -19.27 -21.03
CA VAL E 97 22.54 -20.54 -21.68
C VAL E 97 23.94 -20.46 -22.26
N THR E 98 24.57 -21.62 -22.50
CA THR E 98 25.91 -21.63 -23.04
C THR E 98 25.87 -21.12 -24.48
N LEU E 99 26.17 -19.84 -24.66
CA LEU E 99 26.10 -19.24 -25.99
C LEU E 99 27.31 -19.69 -26.81
N ILE E 100 27.06 -20.11 -28.04
CA ILE E 100 28.10 -20.39 -29.01
C ILE E 100 28.21 -19.18 -29.93
N CYS E 101 29.31 -18.43 -29.80
CA CYS E 101 29.45 -17.13 -30.45
C CYS E 101 30.56 -17.16 -31.48
N SER E 102 30.35 -16.41 -32.57
CA SER E 102 31.32 -16.30 -33.64
C SER E 102 31.25 -14.89 -34.20
N ASN E 103 32.16 -14.60 -35.14
CA ASN E 103 32.27 -13.24 -35.68
C ASN E 103 30.98 -12.86 -36.40
N ALA E 104 30.54 -11.62 -36.18
CA ALA E 104 29.31 -11.11 -36.78
C ALA E 104 29.65 -10.54 -38.15
N THR E 105 29.25 -11.26 -39.19
CA THR E 105 29.48 -10.82 -40.56
C THR E 105 28.32 -9.97 -41.06
N VAL E 106 28.64 -9.00 -41.91
CA VAL E 106 27.69 -8.05 -42.47
C VAL E 106 28.00 -7.97 -43.98
N LYS E 107 27.14 -7.26 -44.72
CA LYS E 107 27.27 -7.10 -46.16
C LYS E 107 28.67 -6.67 -46.57
N ASN E 108 29.37 -7.53 -47.33
CA ASN E 108 30.75 -7.34 -47.81
C ASN E 108 31.67 -6.76 -46.74
N GLY E 109 31.55 -7.26 -45.52
CA GLY E 109 32.42 -6.79 -44.46
C GLY E 109 32.13 -7.50 -43.15
N THR E 110 32.86 -7.11 -42.12
CA THR E 110 32.68 -7.62 -40.77
C THR E 110 32.74 -6.46 -39.78
N VAL E 111 32.03 -6.62 -38.67
CA VAL E 111 31.91 -5.59 -37.64
C VAL E 111 32.68 -6.05 -36.41
N GLU E 112 33.54 -5.16 -35.90
CA GLU E 112 34.42 -5.49 -34.79
C GLU E 112 33.79 -5.24 -33.43
N GLU E 113 32.58 -4.69 -33.38
CA GLU E 113 31.98 -4.24 -32.14
C GLU E 113 30.99 -5.23 -31.54
N MET E 114 30.93 -6.47 -32.02
CA MET E 114 29.86 -7.35 -31.60
C MET E 114 30.13 -8.78 -32.03
N LYS E 115 29.33 -9.70 -31.49
CA LYS E 115 29.47 -11.14 -31.70
C LYS E 115 28.12 -11.73 -32.05
N ASN E 116 28.13 -12.74 -32.92
CA ASN E 116 26.92 -13.43 -33.35
C ASN E 116 26.77 -14.70 -32.53
N CYS E 117 25.83 -14.69 -31.59
CA CYS E 117 25.68 -15.75 -30.60
C CYS E 117 24.38 -16.51 -30.82
N SER E 118 24.44 -17.83 -30.64
CA SER E 118 23.29 -18.71 -30.79
C SER E 118 23.13 -19.56 -29.54
N PHE E 119 21.88 -19.90 -29.22
CA PHE E 119 21.57 -20.60 -27.98
C PHE E 119 20.26 -21.37 -28.13
N ASN E 120 20.11 -22.40 -27.29
CA ASN E 120 18.88 -23.19 -27.24
C ASN E 120 17.90 -22.50 -26.31
N THR E 121 16.80 -22.00 -26.85
CA THR E 121 15.79 -21.27 -26.09
C THR E 121 14.51 -22.08 -26.01
N THR E 122 13.84 -22.01 -24.86
CA THR E 122 12.62 -22.78 -24.67
C THR E 122 11.49 -22.21 -25.51
N THR E 123 10.82 -23.08 -26.25
CA THR E 123 9.73 -22.67 -27.14
C THR E 123 8.44 -22.54 -26.35
N GLU E 124 7.30 -22.48 -27.06
CA GLU E 124 5.99 -22.35 -26.40
C GLU E 124 5.79 -23.42 -25.35
N ILE E 125 6.15 -24.66 -25.67
CA ILE E 125 5.97 -25.82 -24.80
C ILE E 125 7.31 -26.06 -24.11
N ARG E 126 7.26 -26.39 -22.82
CA ARG E 126 8.49 -26.39 -22.03
C ARG E 126 9.41 -27.56 -22.34
N ASP E 127 8.93 -28.60 -23.03
CA ASP E 127 9.73 -29.79 -23.29
C ASP E 127 10.39 -29.80 -24.66
N LYS E 128 10.40 -28.68 -25.38
CA LYS E 128 11.11 -28.56 -26.64
C LYS E 128 11.79 -27.20 -26.72
N GLU E 129 12.84 -27.13 -27.53
CA GLU E 129 13.67 -25.95 -27.67
C GLU E 129 14.04 -25.75 -29.13
N LYS E 130 14.45 -24.54 -29.48
CA LYS E 130 14.84 -24.19 -30.83
C LYS E 130 16.16 -23.42 -30.82
N LYS E 131 16.79 -23.35 -31.99
CA LYS E 131 18.14 -22.79 -32.12
C LYS E 131 18.09 -21.34 -32.59
N GLU E 132 17.80 -20.45 -31.64
CA GLU E 132 17.72 -19.02 -31.96
C GLU E 132 19.12 -18.42 -32.01
N TYR E 133 19.20 -17.17 -32.49
CA TYR E 133 20.45 -16.43 -32.49
C TYR E 133 20.14 -14.94 -32.40
N ALA E 134 21.16 -14.18 -32.01
CA ALA E 134 21.03 -12.73 -31.92
C ALA E 134 22.41 -12.10 -31.85
N LEU E 135 22.48 -10.85 -32.29
CA LEU E 135 23.73 -10.08 -32.23
C LEU E 135 23.68 -9.19 -30.99
N PHE E 136 24.32 -9.64 -29.91
CA PHE E 136 24.48 -8.79 -28.74
C PHE E 136 25.50 -7.72 -29.06
N TYR E 137 25.06 -6.48 -29.30
CA TYR E 137 26.02 -5.49 -29.80
C TYR E 137 26.96 -5.05 -28.70
N LYS E 138 27.80 -5.98 -28.26
CA LYS E 138 28.77 -5.83 -27.19
C LYS E 138 29.66 -7.07 -27.23
N PRO E 139 30.98 -6.94 -27.27
CA PRO E 139 31.82 -8.07 -26.86
C PRO E 139 31.97 -8.19 -25.36
N ASP E 140 31.20 -7.42 -24.60
CA ASP E 140 31.19 -7.49 -23.14
C ASP E 140 30.31 -8.65 -22.69
N ILE E 141 30.70 -9.86 -23.07
CA ILE E 141 30.07 -11.10 -22.63
C ILE E 141 31.18 -12.05 -22.22
N VAL E 142 31.12 -12.53 -20.98
CA VAL E 142 32.27 -13.21 -20.38
C VAL E 142 32.46 -14.54 -21.07
N PRO E 143 33.68 -14.89 -21.53
CA PRO E 143 33.89 -16.26 -21.98
C PRO E 143 33.75 -17.23 -20.83
N LEU E 144 33.22 -18.41 -21.12
CA LEU E 144 32.92 -19.38 -20.07
C LEU E 144 34.18 -20.15 -19.71
N SER E 145 34.47 -20.22 -18.41
CA SER E 145 35.71 -20.81 -17.92
C SER E 145 35.58 -22.34 -17.86
N GLU E 146 36.61 -22.97 -17.31
CA GLU E 146 36.65 -24.43 -17.15
C GLU E 146 36.54 -25.15 -18.49
N THR E 147 37.13 -24.58 -19.53
CA THR E 147 37.17 -25.21 -20.84
C THR E 147 38.20 -24.51 -21.70
N ASN E 148 38.90 -25.29 -22.53
CA ASN E 148 39.86 -24.73 -23.48
C ASN E 148 39.19 -24.13 -24.71
N ASN E 149 37.89 -24.34 -24.89
CA ASN E 149 37.19 -23.82 -26.07
C ASN E 149 37.01 -22.32 -25.94
N THR E 150 37.41 -21.58 -26.96
CA THR E 150 37.32 -20.12 -26.96
C THR E 150 35.99 -19.61 -27.52
N SER E 151 35.11 -20.49 -28.00
CA SER E 151 33.88 -20.09 -28.68
C SER E 151 32.63 -20.25 -27.82
N GLU E 152 32.77 -20.55 -26.54
CA GLU E 152 31.64 -20.63 -25.62
C GLU E 152 31.64 -19.41 -24.71
N TYR E 153 30.54 -18.68 -24.70
CA TYR E 153 30.40 -17.43 -23.95
C TYR E 153 29.14 -17.51 -23.09
N ARG E 154 28.91 -16.45 -22.31
CA ARG E 154 27.83 -16.43 -21.34
C ARG E 154 27.49 -15.00 -20.98
N LEU E 155 26.21 -14.74 -20.73
CA LEU E 155 25.74 -13.38 -20.44
C LEU E 155 26.12 -12.99 -19.02
N ILE E 156 26.69 -11.79 -18.87
CA ILE E 156 27.34 -11.43 -17.60
C ILE E 156 26.37 -11.18 -16.45
N ASN E 157 25.06 -11.30 -16.67
CA ASN E 157 24.13 -11.17 -15.55
C ASN E 157 24.34 -12.27 -14.52
N CYS E 158 24.36 -13.52 -14.96
CA CYS E 158 24.20 -14.65 -14.05
C CYS E 158 25.39 -14.89 -13.14
N ASN E 159 26.53 -14.24 -13.36
CA ASN E 159 27.60 -14.38 -12.40
C ASN E 159 27.24 -13.76 -11.05
N THR E 160 26.42 -12.70 -11.04
CA THR E 160 26.10 -11.97 -9.83
C THR E 160 24.60 -11.81 -9.58
N SER E 161 23.81 -11.60 -10.63
CA SER E 161 22.38 -11.37 -10.44
C SER E 161 21.65 -11.41 -11.78
N ALA E 162 20.48 -12.04 -11.79
CA ALA E 162 19.64 -12.07 -12.99
C ALA E 162 18.95 -10.72 -13.17
N CYS E 163 18.62 -10.40 -14.43
CA CYS E 163 18.22 -9.06 -14.84
C CYS E 163 16.80 -9.04 -15.35
N THR E 164 16.31 -7.83 -15.57
CA THR E 164 14.96 -7.57 -16.06
C THR E 164 15.04 -6.67 -17.28
N GLN E 165 14.31 -7.03 -18.32
CA GLN E 165 14.26 -6.19 -19.51
C GLN E 165 13.55 -4.88 -19.20
N ALA E 166 13.92 -3.84 -19.93
CA ALA E 166 13.18 -2.57 -19.91
C ALA E 166 12.09 -2.66 -20.97
N CYS E 167 10.84 -2.65 -20.54
CA CYS E 167 9.73 -2.89 -21.46
C CYS E 167 9.68 -1.80 -22.52
N PRO E 168 9.32 -2.13 -23.78
CA PRO E 168 9.28 -1.07 -24.81
C PRO E 168 8.28 0.03 -24.54
N LYS E 169 7.25 -0.21 -23.72
CA LYS E 169 6.22 0.80 -23.48
C LYS E 169 6.82 2.05 -22.83
N VAL E 170 7.52 1.87 -21.72
CA VAL E 170 8.06 3.00 -20.98
C VAL E 170 9.22 3.60 -21.76
N THR E 171 9.35 4.93 -21.68
CA THR E 171 10.39 5.67 -22.38
C THR E 171 11.26 6.39 -21.36
N PHE E 172 12.56 6.35 -21.57
CA PHE E 172 13.52 7.06 -20.73
C PHE E 172 13.61 8.49 -21.22
N GLU E 173 13.15 9.46 -20.42
CA GLU E 173 13.09 10.85 -20.81
C GLU E 173 13.41 11.74 -19.61
N PRO E 174 14.24 12.80 -19.78
CA PRO E 174 14.40 13.76 -18.66
C PRO E 174 13.32 14.85 -18.71
N ILE E 175 12.09 14.46 -18.40
CA ILE E 175 10.98 15.42 -18.38
C ILE E 175 11.19 16.40 -17.23
N PRO E 176 11.02 17.70 -17.41
CA PRO E 176 11.17 18.62 -16.26
C PRO E 176 10.11 18.34 -15.21
N ILE E 177 10.55 18.25 -13.96
CA ILE E 177 9.70 17.88 -12.83
C ILE E 177 9.92 18.91 -11.74
N HIS E 178 8.87 19.66 -11.41
CA HIS E 178 8.93 20.63 -10.32
C HIS E 178 8.63 19.92 -9.00
N TYR E 179 9.13 20.49 -7.91
CA TYR E 179 8.81 20.02 -6.56
C TYR E 179 8.08 21.12 -5.80
N CYS E 180 6.95 20.76 -5.20
CA CYS E 180 6.08 21.69 -4.50
C CYS E 180 5.94 21.23 -3.05
N ALA E 181 6.27 22.11 -2.12
CA ALA E 181 6.15 21.74 -0.71
C ALA E 181 4.68 21.72 -0.30
N PRO E 182 4.30 20.90 0.69
CA PRO E 182 2.88 20.83 1.06
C PRO E 182 2.45 22.09 1.80
N ALA E 183 1.14 22.14 2.09
CA ALA E 183 0.60 23.28 2.82
C ALA E 183 1.21 23.36 4.22
N GLY E 184 1.50 24.59 4.64
CA GLY E 184 2.18 24.82 5.90
C GLY E 184 3.69 24.89 5.78
N TYR E 185 4.25 24.62 4.60
CA TYR E 185 5.69 24.70 4.36
C TYR E 185 5.91 25.58 3.13
N ALA E 186 7.05 26.26 3.10
CA ALA E 186 7.40 27.19 2.02
C ALA E 186 8.81 26.92 1.54
N ILE E 187 8.99 26.97 0.21
CA ILE E 187 10.29 26.77 -0.41
C ILE E 187 10.92 28.13 -0.66
N LEU E 188 12.06 28.39 -0.03
CA LEU E 188 12.82 29.59 -0.30
C LEU E 188 13.68 29.38 -1.53
N LYS E 189 14.24 30.47 -2.06
CA LYS E 189 15.13 30.44 -3.19
C LYS E 189 16.13 31.58 -3.08
N CYS E 190 17.40 31.30 -3.33
CA CYS E 190 18.45 32.31 -3.28
C CYS E 190 18.72 32.83 -4.68
N ASN E 191 18.42 34.11 -4.92
CA ASN E 191 18.64 34.74 -6.21
C ASN E 191 20.05 35.27 -6.38
N ASP E 192 20.89 35.23 -5.34
CA ASP E 192 22.24 35.77 -5.42
C ASP E 192 23.05 34.94 -6.41
N GLU E 193 23.30 35.50 -7.59
CA GLU E 193 23.99 34.78 -8.65
C GLU E 193 25.44 34.45 -8.29
N THR E 194 26.04 35.15 -7.34
CA THR E 194 27.41 34.91 -6.91
C THR E 194 27.51 33.90 -5.78
N PHE E 195 26.47 33.12 -5.53
CA PHE E 195 26.46 32.17 -4.42
C PHE E 195 27.39 31.00 -4.73
N ASN E 196 28.34 30.74 -3.83
CA ASN E 196 29.34 29.71 -4.05
C ASN E 196 28.97 28.36 -3.45
N GLY E 197 27.79 28.22 -2.85
CA GLY E 197 27.30 26.97 -2.33
C GLY E 197 26.98 26.95 -0.85
N THR E 198 27.53 27.89 -0.07
CA THR E 198 27.28 27.95 1.35
C THR E 198 27.29 29.41 1.80
N GLY E 199 26.74 29.66 2.98
CA GLY E 199 26.81 30.96 3.60
C GLY E 199 25.55 31.78 3.41
N PRO E 200 25.55 33.01 3.92
CA PRO E 200 24.35 33.86 3.80
C PRO E 200 23.98 34.17 2.37
N CYS E 201 22.67 34.30 2.13
CA CYS E 201 22.13 34.82 0.89
C CYS E 201 21.15 35.93 1.22
N SER E 202 21.38 37.12 0.64
CA SER E 202 20.67 38.33 1.02
C SER E 202 19.67 38.79 -0.05
N ASN E 203 19.24 37.89 -0.95
CA ASN E 203 18.24 38.19 -1.99
C ASN E 203 17.25 37.03 -2.05
N VAL E 204 16.77 36.60 -0.89
CA VAL E 204 15.90 35.44 -0.80
C VAL E 204 14.54 35.75 -1.41
N SER E 205 13.92 34.72 -1.98
CA SER E 205 12.55 34.81 -2.46
C SER E 205 11.88 33.45 -2.31
N THR E 206 10.56 33.47 -2.12
CA THR E 206 9.76 32.28 -1.90
C THR E 206 9.06 31.91 -3.21
N VAL E 207 8.83 30.61 -3.41
CA VAL E 207 8.16 30.10 -4.59
C VAL E 207 7.16 29.04 -4.19
N GLN E 208 6.14 28.85 -5.04
CA GLN E 208 5.21 27.74 -4.86
C GLN E 208 5.90 26.41 -5.15
N CYS E 209 6.67 26.35 -6.22
CA CYS E 209 7.36 25.13 -6.63
C CYS E 209 8.71 25.50 -7.22
N THR E 210 9.59 24.49 -7.30
CA THR E 210 10.91 24.69 -7.88
C THR E 210 10.79 24.86 -9.40
N HIS E 211 11.90 25.27 -10.01
CA HIS E 211 11.93 25.40 -11.46
C HIS E 211 11.89 24.03 -12.11
N GLY E 212 11.93 24.03 -13.44
CA GLY E 212 11.81 22.78 -14.19
C GLY E 212 13.04 21.91 -14.14
N ILE E 213 13.33 21.36 -12.96
CA ILE E 213 14.44 20.41 -12.85
C ILE E 213 14.11 19.16 -13.63
N ARG E 214 15.04 18.73 -14.48
CA ARG E 214 14.89 17.51 -15.26
C ARG E 214 15.85 16.44 -14.74
N PRO E 215 15.42 15.16 -14.58
CA PRO E 215 16.30 14.16 -13.99
C PRO E 215 17.20 13.47 -15.01
N VAL E 216 18.21 14.20 -15.50
CA VAL E 216 19.19 13.61 -16.40
C VAL E 216 20.23 12.85 -15.58
N VAL E 217 20.77 11.78 -16.16
CA VAL E 217 21.77 10.94 -15.51
C VAL E 217 22.96 10.80 -16.45
N SER E 218 24.13 11.24 -15.99
CA SER E 218 25.36 11.15 -16.78
C SER E 218 26.54 11.27 -15.83
N THR E 219 27.73 11.06 -16.37
CA THR E 219 28.97 11.11 -15.61
C THR E 219 30.04 11.90 -16.36
N GLN E 220 30.83 12.65 -15.59
CA GLN E 220 31.96 13.45 -16.04
C GLN E 220 31.56 14.74 -16.78
N LEU E 221 30.28 14.89 -17.12
CA LEU E 221 29.80 16.07 -17.83
C LEU E 221 28.29 16.16 -17.61
N LEU E 222 27.82 17.36 -17.29
CA LEU E 222 26.42 17.58 -16.98
C LEU E 222 25.71 18.12 -18.22
N LEU E 223 24.67 17.42 -18.65
CA LEU E 223 24.01 17.67 -19.93
C LEU E 223 22.61 18.23 -19.71
N ASN E 224 22.23 19.18 -20.56
CA ASN E 224 20.89 19.79 -20.55
C ASN E 224 20.57 20.40 -19.18
N GLY E 225 21.58 21.00 -18.54
CA GLY E 225 21.40 21.63 -17.26
C GLY E 225 20.99 23.09 -17.39
N SER E 226 20.83 23.73 -16.24
CA SER E 226 20.50 25.15 -16.16
C SER E 226 21.80 25.94 -15.98
N LEU E 227 22.04 26.88 -16.89
CA LEU E 227 23.32 27.57 -16.94
C LEU E 227 23.41 28.64 -15.86
N ALA E 228 24.64 29.01 -15.55
CA ALA E 228 24.88 30.12 -14.64
C ALA E 228 24.44 31.42 -15.28
N GLU E 229 24.11 32.41 -14.43
CA GLU E 229 23.57 33.66 -14.94
C GLU E 229 24.66 34.58 -15.47
N LYS E 230 25.62 34.94 -14.62
CA LYS E 230 26.65 35.90 -15.00
C LYS E 230 27.88 35.24 -15.62
N GLU E 231 28.53 34.34 -14.89
CA GLU E 231 29.82 33.82 -15.30
C GLU E 231 29.95 32.38 -14.82
N ILE E 232 31.12 31.78 -15.09
CA ILE E 232 31.39 30.43 -14.64
C ILE E 232 31.51 30.42 -13.13
N VAL E 233 30.91 29.40 -12.50
CA VAL E 233 30.93 29.24 -11.05
C VAL E 233 31.46 27.85 -10.74
N ILE E 234 32.26 27.79 -9.67
CA ILE E 234 32.85 26.55 -9.18
C ILE E 234 32.42 26.36 -7.74
N ARG E 235 31.97 25.16 -7.40
CA ARG E 235 31.34 24.88 -6.12
C ARG E 235 31.89 23.58 -5.55
N SER E 236 32.44 23.65 -4.34
CA SER E 236 32.93 22.48 -3.64
C SER E 236 32.80 22.74 -2.14
N GLU E 237 32.79 21.65 -1.37
CA GLU E 237 32.70 21.80 0.08
C GLU E 237 33.92 22.53 0.63
N ASN E 238 35.11 22.12 0.23
CA ASN E 238 36.34 22.77 0.68
C ASN E 238 37.40 22.43 -0.36
N LEU E 239 37.79 23.42 -1.16
CA LEU E 239 38.70 23.17 -2.27
C LEU E 239 40.04 22.63 -1.80
N THR E 240 40.47 23.01 -0.60
CA THR E 240 41.75 22.50 -0.09
C THR E 240 41.69 21.00 0.15
N ASN E 241 40.51 20.46 0.42
CA ASN E 241 40.33 19.02 0.61
C ASN E 241 40.25 18.35 -0.75
N ASN E 242 41.31 17.62 -1.12
CA ASN E 242 41.38 17.02 -2.44
C ASN E 242 40.35 15.94 -2.67
N ALA E 243 39.70 15.44 -1.62
CA ALA E 243 38.51 14.61 -1.78
C ALA E 243 37.33 15.50 -2.12
N LYS E 244 36.11 15.00 -1.99
CA LYS E 244 34.91 15.72 -2.39
C LYS E 244 34.92 15.89 -3.90
N ILE E 245 34.04 16.74 -4.44
CA ILE E 245 33.85 16.86 -5.88
C ILE E 245 33.68 18.34 -6.22
N ILE E 246 34.33 18.77 -7.29
CA ILE E 246 34.32 20.15 -7.73
C ILE E 246 33.32 20.27 -8.87
N ILE E 247 32.15 20.83 -8.58
CA ILE E 247 31.08 20.97 -9.56
C ILE E 247 31.24 22.34 -10.20
N VAL E 248 31.36 22.36 -11.53
CA VAL E 248 31.53 23.59 -12.30
C VAL E 248 30.23 23.88 -13.03
N HIS E 249 29.86 25.16 -13.09
CA HIS E 249 28.71 25.63 -13.86
C HIS E 249 29.19 26.52 -15.00
N LEU E 250 28.79 26.17 -16.22
CA LEU E 250 29.10 27.00 -17.38
C LEU E 250 27.97 27.99 -17.63
N HIS E 251 28.33 29.24 -17.94
CA HIS E 251 27.33 30.26 -18.21
C HIS E 251 26.89 30.28 -19.67
N THR E 252 27.58 29.55 -20.55
CA THR E 252 27.16 29.38 -21.93
C THR E 252 27.57 27.97 -22.33
N PRO E 253 26.72 27.19 -22.99
CA PRO E 253 27.02 25.77 -23.21
C PRO E 253 27.82 25.54 -24.48
N VAL E 254 28.28 24.30 -24.60
CA VAL E 254 28.82 23.74 -25.84
C VAL E 254 27.86 22.63 -26.28
N GLU E 255 27.78 22.39 -27.59
CA GLU E 255 26.81 21.44 -28.12
C GLU E 255 27.52 20.13 -28.45
N ILE E 256 27.08 19.05 -27.81
CA ILE E 256 27.58 17.71 -28.12
C ILE E 256 26.60 17.08 -29.10
N VAL E 257 27.03 16.93 -30.36
CA VAL E 257 26.22 16.42 -31.44
C VAL E 257 26.75 15.03 -31.77
N CYS E 258 25.95 13.99 -31.53
CA CYS E 258 26.46 12.66 -31.84
C CYS E 258 25.34 11.63 -31.93
N THR E 259 25.76 10.40 -32.27
CA THR E 259 24.89 9.48 -32.99
C THR E 259 25.38 8.05 -32.85
N ARG E 260 24.56 7.11 -33.32
CA ARG E 260 24.89 5.69 -33.47
C ARG E 260 24.60 5.33 -34.93
N PRO E 261 25.55 5.51 -35.86
CA PRO E 261 25.19 5.52 -37.28
C PRO E 261 24.76 4.17 -37.85
N ASN E 262 25.06 3.05 -37.20
CA ASN E 262 24.71 1.75 -37.77
C ASN E 262 23.19 1.59 -37.85
N ASN E 263 22.73 0.96 -38.94
CA ASN E 263 21.31 0.72 -39.16
C ASN E 263 20.97 -0.69 -38.69
N ASN E 264 20.59 -0.77 -37.41
CA ASN E 264 20.30 -2.05 -36.79
C ASN E 264 18.83 -2.43 -36.98
N THR E 265 18.54 -3.72 -36.83
CA THR E 265 17.20 -4.27 -36.99
C THR E 265 16.83 -5.06 -35.75
N ARG E 266 15.71 -4.70 -35.12
CA ARG E 266 15.26 -5.40 -33.93
C ARG E 266 14.66 -6.75 -34.30
N LYS E 267 14.85 -7.73 -33.42
CA LYS E 267 14.35 -9.09 -33.60
C LYS E 267 13.68 -9.54 -32.32
N SER E 268 12.56 -10.25 -32.45
CA SER E 268 11.77 -10.72 -31.33
C SER E 268 12.04 -12.20 -31.12
N VAL E 269 12.44 -12.56 -29.90
CA VAL E 269 12.72 -13.94 -29.52
C VAL E 269 11.66 -14.37 -28.51
N ARG E 270 11.18 -15.60 -28.67
CA ARG E 270 10.06 -16.12 -27.87
C ARG E 270 10.60 -17.03 -26.77
N ILE E 271 10.98 -16.41 -25.65
CA ILE E 271 11.58 -17.15 -24.55
C ILE E 271 10.55 -17.80 -23.63
N GLY E 272 9.27 -17.44 -23.75
CA GLY E 272 8.26 -18.00 -22.89
C GLY E 272 6.84 -17.70 -23.32
N PRO E 273 5.86 -18.18 -22.55
CA PRO E 273 4.45 -17.93 -22.90
C PRO E 273 4.03 -16.51 -22.55
N GLY E 274 4.27 -15.58 -23.47
CA GLY E 274 3.97 -14.17 -23.25
C GLY E 274 5.24 -13.37 -23.04
N GLN E 275 6.20 -13.96 -22.34
CA GLN E 275 7.50 -13.33 -22.18
C GLN E 275 8.22 -13.29 -23.53
N THR E 276 8.67 -12.10 -23.92
CA THR E 276 9.31 -11.87 -25.21
C THR E 276 10.62 -11.15 -24.99
N PHE E 277 11.63 -11.53 -25.75
CA PHE E 277 12.98 -10.98 -25.63
C PHE E 277 13.37 -10.32 -26.94
N TYR E 278 13.80 -9.06 -26.86
CA TYR E 278 14.15 -8.26 -28.04
C TYR E 278 15.67 -8.12 -28.11
N ALA E 279 16.24 -8.47 -29.27
CA ALA E 279 17.67 -8.40 -29.49
C ALA E 279 17.93 -7.95 -30.92
N THR E 280 19.12 -7.38 -31.13
CA THR E 280 19.49 -6.91 -32.46
C THR E 280 19.72 -8.10 -33.37
N GLY E 281 18.92 -8.20 -34.43
CA GLY E 281 18.94 -9.38 -35.28
C GLY E 281 19.95 -9.31 -36.41
N ASP E 282 20.03 -8.16 -37.08
CA ASP E 282 20.92 -8.02 -38.23
C ASP E 282 21.17 -6.54 -38.48
N ILE E 283 22.17 -6.26 -39.31
CA ILE E 283 22.53 -4.92 -39.73
C ILE E 283 22.17 -4.82 -41.21
N ILE E 284 21.42 -3.77 -41.58
CA ILE E 284 20.89 -3.62 -42.94
C ILE E 284 21.48 -2.36 -43.57
N GLY E 285 22.72 -2.04 -43.22
CA GLY E 285 23.38 -0.89 -43.79
C GLY E 285 24.87 -0.97 -43.57
N ASP E 286 25.58 -0.02 -44.16
CA ASP E 286 27.02 0.06 -43.98
C ASP E 286 27.35 0.42 -42.53
N ILE E 287 28.51 -0.03 -42.08
CA ILE E 287 28.94 0.13 -40.69
C ILE E 287 29.91 1.30 -40.60
N LYS E 288 29.69 2.16 -39.61
CA LYS E 288 30.54 3.34 -39.40
C LYS E 288 30.94 3.56 -37.94
N GLN E 289 30.43 2.77 -36.99
CA GLN E 289 30.84 2.83 -35.58
C GLN E 289 30.38 4.11 -34.91
N ALA E 290 30.02 4.02 -33.64
CA ALA E 290 29.60 5.21 -32.89
C ALA E 290 30.77 6.15 -32.67
N HIS E 291 30.46 7.43 -32.54
CA HIS E 291 31.45 8.46 -32.27
C HIS E 291 30.69 9.71 -31.85
N CYS E 292 31.38 10.63 -31.18
CA CYS E 292 30.78 11.92 -30.82
C CYS E 292 31.72 13.08 -31.09
N ASN E 293 31.12 14.17 -31.59
CA ASN E 293 31.82 15.37 -32.03
C ASN E 293 31.54 16.51 -31.08
N ILE E 294 32.57 17.28 -30.75
CA ILE E 294 32.45 18.50 -29.96
C ILE E 294 33.31 19.57 -30.62
N SER E 295 32.80 20.80 -30.64
CA SER E 295 33.50 21.90 -31.29
C SER E 295 34.84 22.15 -30.60
N GLU E 296 35.93 22.05 -31.37
CA GLU E 296 37.25 22.29 -30.82
C GLU E 296 37.44 23.74 -30.42
N GLU E 297 36.85 24.67 -31.18
CA GLU E 297 37.01 26.09 -30.87
C GLU E 297 36.29 26.46 -29.59
N LYS E 298 35.03 26.03 -29.45
CA LYS E 298 34.23 26.45 -28.30
C LYS E 298 34.64 25.72 -27.03
N TRP E 299 34.95 24.43 -27.11
CA TRP E 299 35.34 23.72 -25.91
C TRP E 299 36.70 24.20 -25.38
N ASN E 300 37.65 24.45 -26.27
CA ASN E 300 38.96 24.91 -25.84
C ASN E 300 38.86 26.25 -25.13
N ASP E 301 37.89 27.08 -25.56
CA ASP E 301 37.63 28.32 -24.84
C ASP E 301 37.11 28.05 -23.43
N THR E 302 36.34 26.97 -23.26
CA THR E 302 35.76 26.68 -21.96
C THR E 302 36.85 26.38 -20.93
N LEU E 303 37.86 25.60 -21.30
CA LEU E 303 38.93 25.30 -20.36
C LEU E 303 39.76 26.54 -20.06
N GLN E 304 39.95 27.42 -21.04
CA GLN E 304 40.65 28.67 -20.78
C GLN E 304 39.88 29.54 -19.80
N LYS E 305 38.56 29.63 -19.96
CA LYS E 305 37.75 30.41 -19.03
C LYS E 305 37.71 29.74 -17.66
N VAL E 306 37.49 28.42 -17.63
CA VAL E 306 37.41 27.71 -16.35
C VAL E 306 38.75 27.75 -15.64
N GLY E 307 39.85 27.69 -16.39
CA GLY E 307 41.16 27.59 -15.78
C GLY E 307 41.50 28.81 -14.93
N ILE E 308 41.24 30.00 -15.46
CA ILE E 308 41.52 31.21 -14.68
C ILE E 308 40.62 31.30 -13.47
N GLU E 309 39.37 30.84 -13.59
CA GLU E 309 38.44 30.91 -12.47
C GLU E 309 38.90 30.01 -11.33
N LEU E 310 39.39 28.81 -11.64
CA LEU E 310 40.01 27.97 -10.62
C LEU E 310 41.26 28.62 -10.05
N GLN E 311 42.05 29.27 -10.90
CA GLN E 311 43.30 29.87 -10.45
C GLN E 311 43.08 31.00 -9.46
N LYS E 312 41.87 31.56 -9.39
CA LYS E 312 41.56 32.54 -8.34
C LYS E 312 41.69 31.91 -6.96
N HIS E 313 41.20 30.67 -6.80
CA HIS E 313 41.32 29.95 -5.54
C HIS E 313 42.71 29.37 -5.34
N PHE E 314 43.38 28.97 -6.42
CA PHE E 314 44.72 28.39 -6.38
C PHE E 314 45.69 29.37 -7.01
N PRO E 315 46.14 30.40 -6.29
CA PRO E 315 46.92 31.46 -6.93
C PRO E 315 48.28 30.99 -7.42
N ASN E 316 48.68 31.50 -8.58
CA ASN E 316 50.01 31.32 -9.16
C ASN E 316 50.35 29.85 -9.41
N LYS E 317 49.35 29.00 -9.62
CA LYS E 317 49.55 27.60 -9.97
C LYS E 317 48.92 27.34 -11.33
N THR E 318 49.71 26.81 -12.26
CA THR E 318 49.19 26.52 -13.59
C THR E 318 48.26 25.31 -13.52
N ILE E 319 47.07 25.44 -14.09
CA ILE E 319 46.05 24.40 -14.01
C ILE E 319 46.26 23.43 -15.16
N LYS E 320 46.52 22.17 -14.83
CA LYS E 320 46.65 21.09 -15.80
C LYS E 320 45.45 20.17 -15.70
N TYR E 321 44.95 19.73 -16.85
CA TYR E 321 43.93 18.69 -16.91
C TYR E 321 44.60 17.38 -17.35
N ASN E 322 43.93 16.27 -17.07
CA ASN E 322 44.51 14.98 -17.45
C ASN E 322 43.43 13.91 -17.45
N GLN E 323 43.78 12.75 -18.00
CA GLN E 323 42.85 11.65 -18.22
C GLN E 323 42.35 11.11 -16.88
N SER E 324 41.21 10.41 -16.93
CA SER E 324 40.63 9.83 -15.72
C SER E 324 41.57 8.80 -15.11
N ALA E 325 41.60 8.76 -13.78
CA ALA E 325 42.56 7.89 -13.09
C ALA E 325 42.16 6.42 -13.20
N GLY E 326 40.90 6.10 -12.97
CA GLY E 326 40.46 4.71 -13.01
C GLY E 326 39.09 4.57 -12.42
N GLY E 327 38.58 3.35 -12.52
CA GLY E 327 37.28 2.99 -12.00
C GLY E 327 36.56 2.07 -12.96
N ASP E 328 35.26 1.91 -12.72
CA ASP E 328 34.44 1.12 -13.62
C ASP E 328 34.33 1.81 -14.98
N MET E 329 33.68 1.12 -15.92
CA MET E 329 33.42 1.72 -17.22
C MET E 329 32.38 2.84 -17.12
N GLU E 330 31.63 2.90 -16.03
CA GLU E 330 30.60 3.93 -15.87
C GLU E 330 31.19 5.29 -15.54
N ILE E 331 32.37 5.36 -14.92
CA ILE E 331 32.95 6.62 -14.46
C ILE E 331 34.28 6.95 -15.12
N THR E 332 35.00 5.99 -15.70
CA THR E 332 36.21 6.29 -16.45
C THR E 332 35.92 6.75 -17.88
N THR E 333 34.65 6.73 -18.30
CA THR E 333 34.24 7.24 -19.60
C THR E 333 32.94 8.01 -19.42
N HIS E 334 32.77 9.07 -20.21
CA HIS E 334 31.57 9.89 -20.15
C HIS E 334 30.36 9.05 -20.55
N SER E 335 29.52 8.70 -19.58
CA SER E 335 28.37 7.83 -19.79
C SER E 335 27.10 8.65 -19.83
N PHE E 336 26.19 8.29 -20.73
CA PHE E 336 24.88 8.93 -20.76
C PHE E 336 23.92 8.09 -21.58
N ASN E 337 22.63 8.38 -21.42
CA ASN E 337 21.58 7.74 -22.18
C ASN E 337 21.03 8.73 -23.19
N CYS E 338 20.72 8.26 -24.39
CA CYS E 338 20.15 9.11 -25.41
C CYS E 338 19.40 8.28 -26.44
N GLY E 339 18.07 8.42 -26.44
CA GLY E 339 17.25 7.72 -27.41
C GLY E 339 17.05 6.25 -27.10
N GLY E 340 17.37 5.83 -25.87
CA GLY E 340 17.26 4.45 -25.46
C GLY E 340 18.54 3.64 -25.54
N GLU E 341 19.64 4.24 -25.99
CA GLU E 341 20.95 3.60 -26.02
C GLU E 341 21.85 4.25 -24.99
N PHE E 342 22.68 3.43 -24.33
CA PHE E 342 23.55 3.88 -23.25
C PHE E 342 24.97 3.99 -23.79
N PHE E 343 25.42 5.23 -24.02
CA PHE E 343 26.75 5.47 -24.55
C PHE E 343 27.78 5.50 -23.44
N TYR E 344 29.03 5.23 -23.81
CA TYR E 344 30.18 5.31 -22.90
C TYR E 344 31.34 5.87 -23.72
N CYS E 345 31.52 7.19 -23.69
CA CYS E 345 32.39 7.89 -24.61
C CYS E 345 33.78 8.11 -24.02
N ASN E 346 34.80 7.85 -24.83
CA ASN E 346 36.17 7.73 -24.34
C ASN E 346 36.74 9.04 -23.80
N THR E 347 36.18 10.18 -24.18
CA THR E 347 36.83 11.48 -23.91
C THR E 347 38.22 11.47 -24.51
N SER E 348 38.31 11.39 -25.84
CA SER E 348 39.60 11.27 -26.52
C SER E 348 40.46 12.52 -26.38
N ASN E 349 39.84 13.69 -26.27
CA ASN E 349 40.59 14.92 -26.06
C ASN E 349 39.93 15.89 -25.10
N LEU E 350 38.95 15.46 -24.30
CA LEU E 350 38.38 16.34 -23.28
C LEU E 350 39.14 16.17 -21.96
N PHE E 351 40.47 16.10 -22.04
CA PHE E 351 41.29 16.02 -20.84
C PHE E 351 42.63 16.73 -20.96
N ASN E 352 43.07 17.02 -22.17
CA ASN E 352 44.50 17.04 -22.46
C ASN E 352 45.08 18.45 -22.36
N GLY E 353 46.34 18.50 -21.91
CA GLY E 353 47.16 19.68 -22.06
C GLY E 353 47.03 20.69 -20.94
N THR E 354 48.11 21.43 -20.74
CA THR E 354 48.10 22.54 -19.79
C THR E 354 47.12 23.60 -20.26
N TYR E 355 46.41 24.21 -19.30
CA TYR E 355 45.55 25.35 -19.57
C TYR E 355 45.74 26.33 -18.42
N ASN E 356 46.70 27.24 -18.60
CA ASN E 356 47.08 28.18 -17.56
C ASN E 356 45.95 29.14 -17.21
N GLY E 357 45.11 29.50 -18.17
CA GLY E 357 44.10 30.53 -17.98
C GLY E 357 44.61 31.94 -18.12
N THR E 358 45.91 32.15 -18.31
CA THR E 358 46.49 33.47 -18.49
C THR E 358 46.67 33.86 -19.95
N TYR E 359 46.31 32.99 -20.89
CA TYR E 359 46.41 33.26 -22.33
C TYR E 359 47.84 33.55 -22.78
N ILE E 360 48.84 33.09 -22.03
CA ILE E 360 50.23 33.36 -22.40
C ILE E 360 50.67 32.43 -23.53
N THR E 371 37.36 19.71 -34.99
CA THR E 371 36.31 18.97 -34.32
C THR E 371 36.88 17.81 -33.52
N ILE E 372 36.70 17.85 -32.21
CA ILE E 372 37.18 16.79 -31.32
C ILE E 372 36.22 15.61 -31.40
N THR E 373 36.75 14.44 -31.77
CA THR E 373 35.97 13.23 -31.97
C THR E 373 36.19 12.27 -30.82
N LEU E 374 35.10 11.75 -30.25
CA LEU E 374 35.15 10.81 -29.14
C LEU E 374 34.62 9.46 -29.58
N GLN E 375 35.48 8.44 -29.55
CA GLN E 375 35.01 7.08 -29.80
C GLN E 375 34.21 6.59 -28.62
N CYS E 376 33.04 6.00 -28.89
CA CYS E 376 32.07 5.66 -27.86
C CYS E 376 31.67 4.19 -27.97
N ARG E 377 31.72 3.50 -26.83
CA ARG E 377 31.23 2.14 -26.70
C ARG E 377 29.76 2.17 -26.28
N ILE E 378 29.08 1.04 -26.46
CA ILE E 378 27.69 0.90 -26.09
C ILE E 378 27.51 -0.43 -25.37
N LYS E 379 26.64 -0.43 -24.36
CA LYS E 379 26.29 -1.62 -23.60
C LYS E 379 24.77 -1.78 -23.59
N GLN E 380 24.34 -3.03 -23.48
CA GLN E 380 22.93 -3.37 -23.28
C GLN E 380 22.62 -3.66 -21.82
N ILE E 381 23.33 -4.61 -21.22
CA ILE E 381 23.23 -4.82 -19.78
C ILE E 381 23.89 -3.66 -19.07
N ILE E 382 23.17 -3.06 -18.12
CA ILE E 382 23.70 -1.98 -17.32
C ILE E 382 23.41 -2.25 -15.85
N ASN E 383 24.44 -2.13 -15.03
CA ASN E 383 24.28 -1.99 -13.59
C ASN E 383 24.00 -0.53 -13.33
N MET E 384 22.87 -0.22 -12.71
CA MET E 384 22.41 1.17 -12.60
C MET E 384 23.43 2.00 -11.85
N TRP E 385 23.42 3.31 -12.12
CA TRP E 385 24.57 4.16 -11.82
C TRP E 385 24.91 4.23 -10.34
N GLN E 386 23.98 3.88 -9.45
CA GLN E 386 24.32 3.88 -8.03
C GLN E 386 25.40 2.85 -7.68
N GLY E 387 25.62 1.85 -8.53
CA GLY E 387 26.76 0.95 -8.42
C GLY E 387 26.38 -0.51 -8.20
N VAL E 388 25.48 -0.79 -7.26
CA VAL E 388 25.13 -2.14 -6.86
C VAL E 388 23.63 -2.31 -7.01
N GLY E 389 23.03 -1.59 -7.95
CA GLY E 389 21.59 -1.51 -8.07
C GLY E 389 21.01 -2.64 -8.88
N ARG E 390 19.77 -2.43 -9.31
CA ARG E 390 19.07 -3.41 -10.13
C ARG E 390 19.79 -3.60 -11.47
N CYS E 391 19.75 -4.81 -12.00
CA CYS E 391 20.26 -5.11 -13.33
C CYS E 391 19.13 -4.89 -14.33
N MET E 392 19.46 -4.23 -15.44
CA MET E 392 18.49 -3.87 -16.47
C MET E 392 19.08 -4.14 -17.84
N TYR E 393 18.28 -4.74 -18.71
CA TYR E 393 18.64 -4.96 -20.10
C TYR E 393 17.85 -3.98 -20.97
N ALA E 394 18.57 -3.08 -21.64
CA ALA E 394 17.91 -2.09 -22.49
C ALA E 394 17.69 -2.69 -23.88
N PRO E 395 16.45 -2.83 -24.35
CA PRO E 395 16.24 -3.47 -25.64
C PRO E 395 16.78 -2.60 -26.76
N PRO E 396 17.11 -3.18 -27.90
CA PRO E 396 17.69 -2.37 -28.99
C PRO E 396 16.67 -1.42 -29.58
N ILE E 397 17.18 -0.32 -30.13
CA ILE E 397 16.38 0.68 -30.82
C ILE E 397 16.68 0.59 -32.31
N ALA E 398 15.66 0.28 -33.11
CA ALA E 398 15.86 0.11 -34.54
C ALA E 398 16.23 1.44 -35.19
N GLY E 399 17.08 1.36 -36.21
CA GLY E 399 17.52 2.53 -36.93
C GLY E 399 18.63 3.27 -36.21
N ASN E 400 19.23 4.21 -36.94
CA ASN E 400 20.30 5.01 -36.37
C ASN E 400 19.74 5.97 -35.32
N ILE E 401 20.63 6.42 -34.45
CA ILE E 401 20.31 7.33 -33.35
C ILE E 401 21.11 8.60 -33.57
N THR E 402 20.56 9.73 -33.15
CA THR E 402 21.27 11.00 -33.19
C THR E 402 20.92 11.80 -31.93
N CYS E 403 21.90 12.56 -31.44
CA CYS E 403 21.80 13.25 -30.16
C CYS E 403 22.31 14.67 -30.31
N ARG E 404 21.68 15.60 -29.59
CA ARG E 404 22.12 16.99 -29.55
C ARG E 404 21.79 17.55 -28.18
N SER E 405 22.83 17.86 -27.40
CA SER E 405 22.66 18.22 -26.01
C SER E 405 23.62 19.35 -25.65
N ASN E 406 23.24 20.14 -24.65
CA ASN E 406 24.05 21.25 -24.17
C ASN E 406 24.79 20.83 -22.91
N ILE E 407 26.13 20.75 -22.99
CA ILE E 407 26.92 20.59 -21.78
C ILE E 407 26.90 21.89 -21.01
N THR E 408 26.58 21.80 -19.71
CA THR E 408 26.43 22.96 -18.86
C THR E 408 27.29 22.93 -17.60
N GLY E 409 27.91 21.80 -17.28
CA GLY E 409 28.74 21.73 -16.09
C GLY E 409 29.66 20.54 -16.14
N LEU E 410 30.82 20.69 -15.50
CA LEU E 410 31.85 19.68 -15.44
C LEU E 410 32.03 19.21 -14.01
N LEU E 411 32.19 17.91 -13.84
CA LEU E 411 32.55 17.32 -12.56
C LEU E 411 34.04 17.02 -12.59
N LEU E 412 34.76 17.43 -11.54
CA LEU E 412 36.22 17.31 -11.49
C LEU E 412 36.64 16.78 -10.13
N THR E 413 37.89 16.32 -10.07
CA THR E 413 38.54 15.98 -8.82
C THR E 413 40.04 16.17 -9.01
N ARG E 414 40.75 16.35 -7.90
CA ARG E 414 42.10 16.88 -7.90
C ARG E 414 43.07 15.84 -7.38
N ASP E 415 44.31 15.89 -7.87
CA ASP E 415 45.37 15.02 -7.36
C ASP E 415 46.23 15.79 -6.37
N GLY E 416 46.50 15.17 -5.22
CA GLY E 416 47.37 15.74 -4.21
C GLY E 416 48.27 14.68 -3.63
N GLY E 417 49.24 15.10 -2.81
CA GLY E 417 49.51 16.42 -2.26
C GLY E 417 50.86 17.00 -2.59
N THR E 418 51.84 16.13 -2.89
CA THR E 418 53.22 16.57 -3.05
C THR E 418 53.58 16.92 -4.50
N ASN E 419 52.59 17.36 -5.29
CA ASN E 419 52.88 17.84 -6.63
C ASN E 419 53.83 19.03 -6.57
N SER E 420 54.45 19.33 -7.70
CA SER E 420 55.28 20.52 -7.80
C SER E 420 54.45 21.76 -7.48
N ASN E 421 55.02 22.67 -6.69
CA ASN E 421 54.24 23.75 -6.10
C ASN E 421 53.66 24.70 -7.13
N GLU E 422 54.14 24.70 -8.37
CA GLU E 422 53.62 25.57 -9.42
C GLU E 422 52.62 24.88 -10.34
N THR E 423 52.21 23.64 -10.04
CA THR E 423 51.33 22.87 -10.91
C THR E 423 50.24 22.19 -10.09
N GLU E 424 49.12 21.90 -10.75
CA GLU E 424 48.01 21.19 -10.12
C GLU E 424 47.24 20.46 -11.21
N THR E 425 46.92 19.19 -10.97
CA THR E 425 46.30 18.32 -11.96
C THR E 425 44.85 18.08 -11.59
N PHE E 426 43.95 18.23 -12.57
CA PHE E 426 42.52 18.02 -12.39
C PHE E 426 42.05 16.94 -13.36
N ARG E 427 41.19 16.05 -12.88
CA ARG E 427 40.69 14.93 -13.65
C ARG E 427 39.17 14.85 -13.51
N PRO E 428 38.46 14.23 -14.45
CA PRO E 428 37.01 14.09 -14.30
C PRO E 428 36.64 13.21 -13.12
N ALA E 429 35.35 13.14 -12.84
CA ALA E 429 34.82 12.35 -11.74
C ALA E 429 33.39 11.93 -12.07
N GLY E 430 32.74 11.29 -11.10
CA GLY E 430 31.36 10.87 -11.27
C GLY E 430 31.08 9.64 -10.44
N GLY E 431 29.95 9.00 -10.76
CA GLY E 431 29.55 7.76 -10.15
C GLY E 431 28.43 7.87 -9.13
N ASP E 432 28.18 9.06 -8.60
CA ASP E 432 27.14 9.29 -7.61
C ASP E 432 26.05 10.16 -8.24
N MET E 433 24.81 9.67 -8.23
CA MET E 433 23.72 10.41 -8.87
C MET E 433 23.49 11.76 -8.21
N ARG E 434 23.68 11.85 -6.88
CA ARG E 434 23.26 13.04 -6.15
C ARG E 434 24.05 14.27 -6.57
N ASP E 435 25.32 14.12 -6.91
CA ASP E 435 26.12 15.26 -7.32
C ASP E 435 25.71 15.83 -8.67
N ASN E 436 25.01 15.06 -9.50
CA ASN E 436 24.42 15.61 -10.71
C ASN E 436 23.28 16.55 -10.36
N TRP E 437 22.39 16.11 -9.46
CA TRP E 437 21.20 16.87 -9.12
C TRP E 437 21.48 17.94 -8.08
N ARG E 438 22.52 17.77 -7.26
CA ARG E 438 22.92 18.81 -6.32
C ARG E 438 23.42 20.06 -7.02
N SER E 439 23.75 19.97 -8.30
CA SER E 439 24.11 21.15 -9.10
C SER E 439 22.92 21.98 -9.53
N GLU E 440 21.69 21.50 -9.30
CA GLU E 440 20.46 22.21 -9.65
C GLU E 440 19.62 22.58 -8.44
N LEU E 441 19.60 21.75 -7.40
CA LEU E 441 18.88 22.00 -6.15
C LEU E 441 19.69 22.84 -5.17
N TYR E 442 20.76 23.50 -5.62
CA TYR E 442 21.59 24.30 -4.73
C TYR E 442 20.94 25.63 -4.33
N LYS E 443 19.84 26.02 -4.99
CA LYS E 443 19.22 27.31 -4.71
C LYS E 443 18.16 27.25 -3.62
N TYR E 444 17.65 26.08 -3.29
CA TYR E 444 16.41 25.96 -2.54
C TYR E 444 16.63 25.58 -1.08
N LYS E 445 15.61 25.86 -0.27
CA LYS E 445 15.46 25.34 1.07
C LYS E 445 14.00 24.98 1.28
N VAL E 446 13.73 24.22 2.33
CA VAL E 446 12.37 23.94 2.79
C VAL E 446 12.29 24.34 4.25
N VAL E 447 11.42 25.30 4.56
CA VAL E 447 11.24 25.83 5.90
C VAL E 447 9.78 25.75 6.27
N LYS E 448 9.51 25.21 7.45
CA LYS E 448 8.14 25.12 7.94
C LYS E 448 7.71 26.47 8.51
N ILE E 449 6.52 26.93 8.13
CA ILE E 449 6.01 28.20 8.64
C ILE E 449 5.40 27.96 10.01
N GLU E 450 5.89 28.70 11.01
CA GLU E 450 5.46 28.59 12.40
C GLU E 450 4.99 29.96 12.89
N PRO E 451 3.68 30.25 12.81
CA PRO E 451 3.18 31.46 13.49
C PRO E 451 3.37 31.34 14.99
N LEU E 452 4.01 32.36 15.59
CA LEU E 452 4.92 32.19 16.72
C LEU E 452 4.29 32.26 18.11
N GLY E 453 5.14 32.29 19.15
CA GLY E 453 4.70 32.60 20.50
C GLY E 453 4.68 34.10 20.75
N VAL E 454 4.25 34.47 21.97
CA VAL E 454 3.62 35.76 22.25
C VAL E 454 4.45 36.98 21.90
N ALA E 455 3.80 38.14 21.81
CA ALA E 455 4.45 39.43 21.64
C ALA E 455 3.76 40.45 22.54
N PRO E 456 4.49 41.41 23.12
CA PRO E 456 3.82 42.42 23.97
C PRO E 456 2.97 43.40 23.17
N THR E 457 2.03 44.04 23.88
CA THR E 457 1.24 45.13 23.33
C THR E 457 0.79 46.00 24.49
N ARG E 458 0.28 47.20 24.16
CA ARG E 458 -0.17 48.17 25.17
C ARG E 458 -1.49 47.80 25.84
N CYS E 459 -2.08 46.64 25.53
CA CYS E 459 -3.35 46.26 26.13
C CYS E 459 -3.22 46.14 27.64
N LYS E 460 -4.34 46.33 28.33
CA LYS E 460 -4.48 45.93 29.73
C LYS E 460 -5.18 44.57 29.75
N ARG E 461 -5.45 44.04 30.94
CA ARG E 461 -6.14 42.77 31.05
C ARG E 461 -7.56 42.88 30.51
N ARG E 462 -8.08 41.76 30.01
CA ARG E 462 -9.45 41.70 29.52
C ARG E 462 -10.42 41.69 30.70
N VAL E 463 -10.77 42.89 31.18
CA VAL E 463 -11.55 43.05 32.40
C VAL E 463 -12.96 42.51 32.19
N VAL E 464 -13.29 41.43 32.88
CA VAL E 464 -14.61 40.80 32.84
C VAL E 464 -14.96 40.45 31.39
N GLY E 465 -14.00 39.91 30.66
CA GLY E 465 -14.23 39.45 29.30
C GLY E 465 -14.79 40.48 28.35
N ARG E 466 -14.50 41.76 28.58
CA ARG E 466 -15.06 42.81 27.74
C ARG E 466 -14.50 42.70 26.33
N ARG E 467 -15.35 43.00 25.34
CA ARG E 467 -14.93 42.96 23.96
C ARG E 467 -14.00 44.12 23.65
N ARG E 468 -13.30 44.01 22.52
CA ARG E 468 -12.45 45.08 22.05
C ARG E 468 -12.35 44.99 20.53
N ARG E 469 -12.28 46.15 19.89
CA ARG E 469 -11.91 46.21 18.48
C ARG E 469 -10.59 46.97 18.31
N ARG E 470 -10.55 48.24 18.71
CA ARG E 470 -9.44 49.10 18.32
C ARG E 470 -8.32 49.03 19.36
N ARG E 471 -7.14 48.61 18.88
CA ARG E 471 -5.92 48.25 19.65
C ARG E 471 -5.72 46.81 20.13
N ALA F 1 3.21 44.61 2.97
CA ALA F 1 2.19 45.22 2.12
C ALA F 1 0.85 45.29 2.83
N VAL F 2 0.02 46.27 2.45
CA VAL F 2 -1.30 46.48 3.03
C VAL F 2 -2.34 46.02 2.00
N GLY F 3 -3.31 45.25 2.48
CA GLY F 3 -4.30 44.61 1.62
C GLY F 3 -4.78 43.34 2.29
N ILE F 4 -5.65 42.62 1.59
CA ILE F 4 -6.05 41.29 2.07
C ILE F 4 -5.96 40.26 0.96
N GLY F 5 -6.68 40.50 -0.14
CA GLY F 5 -6.86 39.51 -1.18
C GLY F 5 -5.53 38.99 -1.70
N ALA F 6 -4.82 39.82 -2.44
CA ALA F 6 -3.40 39.68 -2.76
C ALA F 6 -3.12 38.26 -3.24
N VAL F 7 -1.93 37.74 -2.91
CA VAL F 7 -1.63 36.31 -3.02
C VAL F 7 -0.82 35.94 -1.79
N PHE F 8 -0.80 34.66 -1.44
CA PHE F 8 0.09 34.19 -0.39
C PHE F 8 1.53 34.60 -0.71
N LEU F 9 1.90 34.49 -1.98
CA LEU F 9 3.09 35.16 -2.50
C LEU F 9 2.74 36.57 -2.98
N GLY F 10 2.03 37.33 -2.13
CA GLY F 10 1.75 38.73 -2.37
C GLY F 10 2.04 39.62 -1.17
N PHE F 11 2.13 39.04 0.02
CA PHE F 11 2.30 39.76 1.28
C PHE F 11 3.54 39.34 2.05
N LEU F 12 4.13 38.18 1.73
CA LEU F 12 5.24 37.65 2.53
C LEU F 12 6.48 38.53 2.55
N GLY F 13 6.49 39.66 1.84
CA GLY F 13 7.52 40.67 2.03
C GLY F 13 7.51 41.25 3.44
N ALA F 14 6.42 41.04 4.18
CA ALA F 14 6.37 41.45 5.59
C ALA F 14 7.35 40.67 6.46
N ALA F 15 7.92 39.57 5.95
CA ALA F 15 8.95 38.86 6.70
C ALA F 15 10.15 39.76 7.02
N GLY F 16 10.38 40.80 6.23
CA GLY F 16 11.41 41.78 6.52
C GLY F 16 10.85 43.09 7.05
N SER F 17 9.57 43.37 6.79
CA SER F 17 8.98 44.63 7.20
C SER F 17 8.80 44.67 8.72
N THR F 18 8.28 45.80 9.19
CA THR F 18 8.11 46.00 10.62
C THR F 18 7.01 45.11 11.16
N MET F 19 7.06 44.83 12.47
CA MET F 19 6.03 44.01 13.09
C MET F 19 4.68 44.70 13.02
N GLY F 20 4.65 46.03 13.13
CA GLY F 20 3.41 46.78 13.00
C GLY F 20 2.79 46.63 11.63
N ALA F 21 3.62 46.76 10.59
CA ALA F 21 3.13 46.59 9.23
C ALA F 21 2.78 45.13 8.94
N ALA F 22 3.57 44.20 9.51
CA ALA F 22 3.29 42.78 9.33
C ALA F 22 1.99 42.34 10.00
N SER F 23 1.53 43.06 11.02
CA SER F 23 0.29 42.71 11.70
C SER F 23 -0.95 42.97 10.84
N MET F 24 -0.86 43.83 9.84
CA MET F 24 -1.91 44.01 8.86
C MET F 24 -1.78 42.92 7.79
N THR F 25 -2.87 42.67 7.07
CA THR F 25 -2.93 41.60 6.07
C THR F 25 -2.54 40.26 6.68
N LEU F 26 -2.98 40.00 7.90
CA LEU F 26 -2.56 38.82 8.65
C LEU F 26 -3.36 37.58 8.29
N THR F 27 -4.46 37.71 7.55
CA THR F 27 -5.32 36.58 7.25
C THR F 27 -4.77 35.70 6.13
N VAL F 28 -3.88 36.23 5.30
CA VAL F 28 -3.47 35.48 4.11
C VAL F 28 -2.65 34.25 4.48
N GLN F 29 -1.79 34.35 5.49
CA GLN F 29 -1.07 33.16 5.96
C GLN F 29 -2.04 32.15 6.58
N ALA F 30 -3.02 32.64 7.34
CA ALA F 30 -3.96 31.72 7.97
C ALA F 30 -4.78 30.96 6.94
N ARG F 31 -4.98 31.53 5.75
CA ARG F 31 -5.69 30.83 4.70
C ARG F 31 -4.81 29.75 4.05
N ASN F 32 -3.50 29.99 3.99
CA ASN F 32 -2.63 29.15 3.19
C ASN F 32 -2.32 27.81 3.86
N LEU F 33 -2.41 27.75 5.20
CA LEU F 33 -1.89 26.58 5.91
C LEU F 33 -2.65 25.30 5.61
N LEU F 34 -3.84 25.36 5.03
CA LEU F 34 -4.64 24.16 4.77
C LEU F 34 -4.43 23.62 3.36
N SER F 35 -4.74 24.44 2.34
CA SER F 35 -4.86 23.92 0.99
C SER F 35 -3.52 23.88 0.25
N GLY F 36 -2.89 25.04 0.07
CA GLY F 36 -1.69 25.11 -0.73
C GLY F 36 -1.92 24.70 -2.17
N ILE F 37 -1.11 23.76 -2.66
CA ILE F 37 -1.22 23.25 -4.03
C ILE F 37 -1.41 21.73 -3.98
N VAL F 38 -2.03 21.24 -2.91
CA VAL F 38 -2.25 19.80 -2.73
C VAL F 38 -3.58 19.57 -2.02
N LYS F 56 -2.08 3.81 -11.47
CA LYS F 56 -1.73 2.92 -10.36
C LYS F 56 -0.99 3.68 -9.26
N LEU F 57 -0.94 3.10 -8.07
CA LEU F 57 -0.25 3.73 -6.96
C LEU F 57 1.25 3.78 -7.23
N THR F 58 1.85 4.93 -6.91
CA THR F 58 3.30 5.08 -6.96
C THR F 58 3.69 6.13 -5.91
N VAL F 59 4.89 6.70 -6.04
CA VAL F 59 5.48 7.49 -4.97
C VAL F 59 4.61 8.71 -4.64
N TRP F 60 4.17 9.45 -5.67
CA TRP F 60 3.40 10.66 -5.39
C TRP F 60 2.05 10.34 -4.77
N GLY F 61 1.46 9.18 -5.09
CA GLY F 61 0.15 8.85 -4.56
C GLY F 61 0.16 8.71 -3.05
N ILE F 62 1.14 7.99 -2.51
CA ILE F 62 1.23 7.85 -1.06
C ILE F 62 1.61 9.18 -0.41
N LYS F 63 2.38 10.02 -1.11
CA LYS F 63 2.77 11.31 -0.55
C LYS F 63 1.56 12.21 -0.35
N GLN F 64 0.56 12.10 -1.22
CA GLN F 64 -0.65 12.89 -1.08
C GLN F 64 -1.49 12.47 0.12
N LEU F 65 -1.17 11.34 0.76
CA LEU F 65 -1.75 10.97 2.04
C LEU F 65 -0.80 11.27 3.20
N GLN F 66 0.50 11.07 2.99
CA GLN F 66 1.47 11.34 4.05
C GLN F 66 1.55 12.82 4.36
N ALA F 67 1.74 13.65 3.33
CA ALA F 67 1.92 15.08 3.55
C ALA F 67 0.60 15.78 3.84
N ARG F 68 -0.48 15.34 3.19
CA ARG F 68 -1.77 16.00 3.36
C ARG F 68 -2.27 15.88 4.79
N VAL F 69 -2.15 14.70 5.38
CA VAL F 69 -2.65 14.49 6.74
C VAL F 69 -1.80 15.25 7.74
N LEU F 70 -0.51 15.43 7.47
CA LEU F 70 0.33 16.22 8.38
C LEU F 70 -0.04 17.69 8.34
N ALA F 71 -0.44 18.19 7.17
CA ALA F 71 -0.86 19.58 7.07
C ALA F 71 -2.10 19.84 7.92
N VAL F 72 -3.06 18.92 7.90
CA VAL F 72 -4.23 19.05 8.77
C VAL F 72 -3.82 18.90 10.22
N GLU F 73 -2.96 17.91 10.51
CA GLU F 73 -2.56 17.64 11.88
C GLU F 73 -1.84 18.83 12.50
N ARG F 74 -1.04 19.54 11.70
CA ARG F 74 -0.39 20.75 12.18
C ARG F 74 -1.40 21.88 12.42
N TYR F 75 -2.41 21.97 11.55
CA TYR F 75 -3.34 23.09 11.63
C TYR F 75 -4.19 23.03 12.91
N LEU F 76 -4.59 21.83 13.33
CA LEU F 76 -5.47 21.72 14.49
C LEU F 76 -4.76 22.08 15.78
N ARG F 77 -3.45 21.84 15.91
CA ARG F 77 -2.75 22.25 17.12
C ARG F 77 -2.77 23.76 17.30
N ASP F 78 -2.54 24.50 16.20
CA ASP F 78 -2.53 25.96 16.30
C ASP F 78 -3.89 26.51 16.69
N GLN F 79 -4.97 25.94 16.12
CA GLN F 79 -6.30 26.45 16.42
C GLN F 79 -6.75 26.07 17.82
N GLN F 80 -6.41 24.88 18.29
CA GLN F 80 -6.85 24.47 19.62
C GLN F 80 -6.18 25.29 20.71
N LEU F 81 -4.91 25.68 20.51
CA LEU F 81 -4.26 26.54 21.49
C LEU F 81 -4.97 27.89 21.59
N LEU F 82 -5.37 28.45 20.46
CA LEU F 82 -6.17 29.66 20.49
C LEU F 82 -7.53 29.41 21.13
N GLY F 83 -8.10 28.23 20.89
CA GLY F 83 -9.40 27.91 21.46
C GLY F 83 -9.40 27.79 22.97
N ILE F 84 -8.24 27.51 23.56
CA ILE F 84 -8.12 27.40 25.01
C ILE F 84 -7.70 28.72 25.64
N TRP F 85 -6.84 29.49 24.98
CA TRP F 85 -6.36 30.74 25.54
C TRP F 85 -7.42 31.82 25.58
N GLY F 86 -8.58 31.61 24.96
CA GLY F 86 -9.58 32.65 24.84
C GLY F 86 -9.44 33.51 23.61
N CYS F 87 -8.63 33.09 22.64
CA CYS F 87 -8.39 33.83 21.40
C CYS F 87 -8.98 33.13 20.20
N SER F 88 -10.10 32.43 20.38
CA SER F 88 -10.69 31.66 19.29
C SER F 88 -11.18 32.57 18.18
N GLY F 89 -10.74 32.29 16.96
CA GLY F 89 -11.23 33.00 15.79
C GLY F 89 -10.73 34.41 15.62
N LYS F 90 -9.77 34.85 16.44
CA LYS F 90 -9.23 36.20 16.40
C LYS F 90 -7.78 36.16 15.93
N LEU F 91 -7.46 36.94 14.90
CA LEU F 91 -6.08 37.02 14.44
C LEU F 91 -5.21 37.81 15.40
N ILE F 92 -5.80 38.79 16.09
CA ILE F 92 -5.14 39.53 17.16
C ILE F 92 -5.95 39.29 18.42
N CYS F 93 -5.27 39.12 19.55
CA CYS F 93 -5.96 38.80 20.79
C CYS F 93 -5.11 39.22 21.98
N CYS F 94 -5.59 40.18 22.75
CA CYS F 94 -4.95 40.56 24.00
C CYS F 94 -5.44 39.66 25.12
N THR F 95 -4.52 39.28 26.01
CA THR F 95 -4.81 38.34 27.09
C THR F 95 -4.39 38.93 28.42
N ASN F 96 -4.87 38.31 29.48
CA ASN F 96 -4.59 38.75 30.85
C ASN F 96 -3.38 38.01 31.42
N VAL F 97 -2.20 38.46 30.99
CA VAL F 97 -0.93 37.99 31.53
C VAL F 97 -0.02 39.22 31.59
N PRO F 98 0.40 39.68 32.76
CA PRO F 98 1.34 40.83 32.78
C PRO F 98 2.70 40.43 32.25
N TRP F 99 3.30 41.34 31.48
CA TRP F 99 4.57 41.05 30.82
C TRP F 99 5.70 41.14 31.85
N ASN F 100 6.36 40.02 32.10
CA ASN F 100 7.53 40.00 32.97
C ASN F 100 8.72 40.59 32.21
N SER F 101 9.40 41.55 32.84
CA SER F 101 10.53 42.21 32.17
C SER F 101 11.70 41.27 31.92
N SER F 102 11.78 40.14 32.63
CA SER F 102 12.86 39.20 32.40
C SER F 102 12.80 38.59 31.00
N TRP F 103 11.61 38.38 30.45
CA TRP F 103 11.49 37.85 29.10
C TRP F 103 12.06 38.84 28.08
N SER F 104 11.77 40.13 28.25
CA SER F 104 12.33 41.16 27.40
C SER F 104 12.10 42.51 28.07
N ASN F 105 12.86 43.51 27.60
CA ASN F 105 12.73 44.85 28.17
C ASN F 105 11.34 45.42 27.87
N ARG F 106 10.85 46.26 28.79
CA ARG F 106 9.53 46.86 28.66
C ARG F 106 9.60 48.15 27.85
N ASN F 107 10.17 48.08 26.64
CA ASN F 107 10.20 49.22 25.74
C ASN F 107 10.08 48.80 24.29
N LEU F 108 9.50 47.62 24.03
CA LEU F 108 9.41 47.11 22.67
C LEU F 108 8.51 47.98 21.80
N SER F 109 7.61 48.76 22.41
CA SER F 109 6.78 49.69 21.66
C SER F 109 7.63 50.67 20.86
N GLU F 110 8.75 51.13 21.43
CA GLU F 110 9.68 51.95 20.66
C GLU F 110 10.41 51.12 19.60
N ILE F 111 10.57 49.83 19.85
CA ILE F 111 11.50 49.02 19.04
C ILE F 111 10.78 48.34 17.88
N TRP F 112 9.52 47.92 18.04
CA TRP F 112 8.95 47.07 17.00
C TRP F 112 8.67 47.81 15.69
N ASP F 113 8.97 49.11 15.59
CA ASP F 113 9.04 49.75 14.29
C ASP F 113 10.33 49.41 13.54
N ASN F 114 11.32 48.81 14.22
CA ASN F 114 12.57 48.37 13.60
C ASN F 114 12.58 46.87 13.31
N MET F 115 12.34 46.07 14.34
CA MET F 115 12.43 44.62 14.19
C MET F 115 11.32 44.10 13.28
N THR F 116 11.62 43.02 12.56
CA THR F 116 10.59 42.24 11.90
C THR F 116 10.22 41.04 12.78
N TRP F 117 9.07 40.43 12.46
CA TRP F 117 8.64 39.26 13.22
C TRP F 117 9.66 38.14 13.13
N LEU F 118 10.35 38.02 12.00
CA LEU F 118 11.37 36.99 11.85
C LEU F 118 12.51 37.18 12.84
N GLN F 119 12.75 38.41 13.29
CA GLN F 119 13.79 38.69 14.27
C GLN F 119 13.28 38.65 15.70
N TRP F 120 11.98 38.82 15.92
CA TRP F 120 11.44 38.84 17.27
C TRP F 120 11.56 37.48 17.94
N ASP F 121 11.37 36.40 17.16
CA ASP F 121 11.34 35.07 17.75
C ASP F 121 12.66 34.69 18.40
N LYS F 122 13.77 35.22 17.89
CA LYS F 122 15.08 34.89 18.44
C LYS F 122 15.22 35.38 19.89
N GLU F 123 14.43 36.36 20.31
CA GLU F 123 14.51 36.86 21.68
C GLU F 123 13.79 35.93 22.65
N ILE F 124 12.60 35.47 22.29
CA ILE F 124 11.74 34.72 23.20
C ILE F 124 11.77 33.22 22.89
N SER F 125 12.85 32.75 22.27
CA SER F 125 12.93 31.36 21.87
C SER F 125 12.86 30.43 23.07
N ASN F 126 13.59 30.75 24.14
CA ASN F 126 13.60 29.89 25.32
C ASN F 126 12.34 30.07 26.15
N TYR F 127 11.76 31.27 26.14
CA TYR F 127 10.68 31.61 27.06
C TYR F 127 9.28 31.29 26.51
N THR F 128 9.17 30.87 25.25
CA THR F 128 7.85 30.70 24.65
C THR F 128 7.06 29.59 25.33
N GLN F 129 7.69 28.45 25.61
CA GLN F 129 6.98 27.36 26.24
C GLN F 129 6.61 27.69 27.68
N ILE F 130 7.41 28.52 28.36
CA ILE F 130 7.09 28.93 29.71
C ILE F 130 5.86 29.84 29.71
N ILE F 131 5.78 30.73 28.72
CA ILE F 131 4.72 31.73 28.69
C ILE F 131 3.36 31.08 28.45
N TYR F 132 3.32 30.00 27.66
CA TYR F 132 2.06 29.32 27.40
C TYR F 132 1.42 28.81 28.69
N GLY F 133 2.22 28.51 29.70
CA GLY F 133 1.65 28.16 30.99
C GLY F 133 0.87 29.32 31.61
N LEU F 134 1.43 30.53 31.51
CA LEU F 134 0.72 31.71 32.03
C LEU F 134 -0.58 31.95 31.28
N LEU F 135 -0.57 31.80 29.96
CA LEU F 135 -1.79 32.00 29.19
C LEU F 135 -2.85 30.97 29.57
N GLU F 136 -2.45 29.74 29.87
CA GLU F 136 -3.38 28.78 30.45
C GLU F 136 -3.88 29.28 31.79
N GLU F 137 -2.95 29.70 32.66
CA GLU F 137 -3.32 30.24 33.97
C GLU F 137 -4.25 31.45 33.82
N SER F 138 -4.02 32.26 32.78
CA SER F 138 -4.88 33.41 32.53
C SER F 138 -6.31 32.96 32.26
N GLN F 139 -6.47 31.94 31.41
CA GLN F 139 -7.80 31.39 31.17
C GLN F 139 -8.33 30.72 32.43
N ASN F 140 -7.45 30.20 33.28
CA ASN F 140 -7.91 29.49 34.47
C ASN F 140 -8.32 30.43 35.58
N GLN F 141 -8.01 31.72 35.46
CA GLN F 141 -8.73 32.71 36.26
C GLN F 141 -10.20 32.72 35.87
N GLN F 142 -10.48 32.70 34.57
CA GLN F 142 -11.86 32.61 34.11
C GLN F 142 -12.46 31.24 34.40
N GLU F 143 -11.64 30.19 34.39
CA GLU F 143 -12.17 28.85 34.65
C GLU F 143 -12.59 28.71 36.10
N LYS F 144 -11.77 29.20 37.03
CA LYS F 144 -12.20 29.29 38.42
C LYS F 144 -13.39 30.23 38.54
N ASN F 145 -13.45 31.26 37.69
CA ASN F 145 -14.52 32.25 37.74
C ASN F 145 -15.64 31.96 36.74
N GLU F 146 -15.70 30.75 36.19
CA GLU F 146 -16.88 30.31 35.45
C GLU F 146 -17.52 29.09 36.10
N GLN F 147 -17.46 29.03 37.44
CA GLN F 147 -18.12 28.03 38.26
C GLN F 147 -18.87 28.75 39.38
N ASP F 148 -19.87 28.08 39.96
CA ASP F 148 -20.61 28.50 41.16
C ASP F 148 -21.71 29.53 40.90
N LEU F 149 -21.47 30.81 41.21
CA LEU F 149 -22.55 31.66 41.72
C LEU F 149 -23.04 32.82 40.83
N LEU F 150 -22.14 33.49 40.11
CA LEU F 150 -22.44 34.85 39.63
C LEU F 150 -23.60 34.89 38.64
N ALA F 151 -23.56 34.03 37.63
CA ALA F 151 -24.36 34.23 36.41
C ALA F 151 -25.81 33.83 36.66
N LEU F 152 -26.52 34.70 37.37
CA LEU F 152 -27.97 34.65 37.34
C LEU F 152 -28.49 34.95 35.94
N ASP F 153 -27.77 35.75 35.18
CA ASP F 153 -27.98 35.89 33.74
C ASP F 153 -27.56 34.58 33.08
N GLN G 1 31.41 -1.07 15.12
CA GLN G 1 32.25 -2.25 15.24
C GLN G 1 32.82 -2.67 13.88
N VAL G 2 33.08 -1.69 13.02
CA VAL G 2 33.67 -1.96 11.72
C VAL G 2 35.17 -2.18 11.89
N GLN G 3 35.69 -3.22 11.25
CA GLN G 3 37.10 -3.55 11.32
C GLN G 3 37.58 -4.00 9.95
N LEU G 4 38.90 -3.94 9.77
CA LEU G 4 39.55 -4.12 8.46
C LEU G 4 40.54 -5.28 8.57
N VAL G 5 40.11 -6.45 8.11
CA VAL G 5 40.97 -7.61 8.09
C VAL G 5 41.92 -7.50 6.91
N GLN G 6 43.22 -7.56 7.17
CA GLN G 6 44.26 -7.29 6.18
C GLN G 6 45.26 -8.43 6.16
N SER G 7 45.79 -8.72 4.97
CA SER G 7 46.82 -9.73 4.80
C SER G 7 47.66 -9.37 3.57
N GLY G 8 48.94 -9.72 3.59
CA GLY G 8 49.74 -10.42 4.59
C GLY G 8 51.22 -10.20 4.32
N GLY G 9 52.05 -10.49 5.32
CA GLY G 9 53.47 -10.19 5.20
C GLY G 9 54.10 -10.98 4.07
N GLN G 10 55.06 -10.36 3.40
CA GLN G 10 55.71 -10.99 2.25
C GLN G 10 57.02 -10.26 1.97
N MET G 11 57.85 -10.91 1.14
CA MET G 11 59.14 -10.38 0.72
C MET G 11 59.27 -10.51 -0.78
N LYS G 12 60.00 -9.58 -1.41
CA LYS G 12 60.11 -9.50 -2.85
C LYS G 12 61.53 -9.14 -3.25
N LYS G 13 61.83 -9.32 -4.53
CA LYS G 13 63.04 -8.81 -5.14
C LYS G 13 62.76 -7.43 -5.74
N PRO G 14 63.79 -6.68 -6.11
CA PRO G 14 63.55 -5.44 -6.86
C PRO G 14 62.94 -5.74 -8.23
N GLY G 15 62.14 -4.79 -8.71
CA GLY G 15 61.59 -4.87 -10.05
C GLY G 15 60.23 -5.52 -10.15
N GLU G 16 60.02 -6.62 -9.42
CA GLU G 16 58.77 -7.36 -9.52
C GLU G 16 57.66 -6.64 -8.78
N SER G 17 56.42 -6.93 -9.17
CA SER G 17 55.26 -6.27 -8.59
C SER G 17 54.81 -6.98 -7.32
N MET G 18 53.75 -6.45 -6.72
CA MET G 18 53.27 -6.89 -5.42
C MET G 18 51.79 -6.56 -5.32
N ARG G 19 51.05 -7.39 -4.57
CA ARG G 19 49.61 -7.22 -4.40
C ARG G 19 49.23 -7.50 -2.96
N ILE G 20 48.41 -6.61 -2.38
CA ILE G 20 47.97 -6.71 -1.00
C ILE G 20 46.45 -6.57 -0.99
N SER G 21 45.81 -7.17 0.00
CA SER G 21 44.36 -7.18 0.13
C SER G 21 43.94 -6.46 1.42
N CYS G 22 42.65 -6.19 1.52
CA CYS G 22 42.06 -5.60 2.71
C CYS G 22 40.56 -5.79 2.64
N ARG G 23 39.98 -6.45 3.66
CA ARG G 23 38.56 -6.75 3.70
C ARG G 23 37.89 -5.95 4.80
N ALA G 24 36.78 -5.31 4.48
CA ALA G 24 35.99 -4.54 5.45
C ALA G 24 34.82 -5.39 5.91
N SER G 25 34.72 -5.60 7.22
CA SER G 25 33.72 -6.50 7.81
C SER G 25 32.98 -5.78 8.92
N GLY G 26 31.94 -6.43 9.43
CA GLY G 26 31.09 -5.83 10.43
C GLY G 26 30.46 -4.53 10.01
N TYR G 27 29.97 -4.46 8.77
CA TYR G 27 29.66 -3.19 8.13
C TYR G 27 28.73 -3.48 6.96
N GLU G 28 27.60 -2.77 6.91
CA GLU G 28 26.49 -3.18 6.06
C GLU G 28 26.87 -3.18 4.58
N PHE G 29 27.41 -2.09 4.09
CA PHE G 29 27.85 -2.00 2.70
C PHE G 29 29.05 -1.06 2.65
N ILE G 30 30.00 -1.38 1.77
CA ILE G 30 31.14 -0.49 1.57
C ILE G 30 30.67 0.67 0.71
N ASP G 31 30.28 1.76 1.38
CA ASP G 31 29.82 2.98 0.74
C ASP G 31 30.77 4.16 0.96
N CYS G 32 31.72 4.04 1.89
CA CYS G 32 32.56 5.13 2.32
C CYS G 32 33.99 4.89 1.87
N THR G 33 34.77 5.95 1.81
CA THR G 33 36.07 5.89 1.17
C THR G 33 37.03 5.03 1.97
N LEU G 34 38.10 4.59 1.30
CA LEU G 34 39.11 3.71 1.89
C LEU G 34 40.47 4.16 1.40
N ASN G 35 41.46 4.11 2.29
CA ASN G 35 42.77 4.70 2.07
C ASN G 35 43.86 3.64 2.25
N TRP G 36 45.07 3.97 1.82
CA TRP G 36 46.23 3.13 2.02
C TRP G 36 47.43 4.01 2.35
N ILE G 37 48.17 3.63 3.40
CA ILE G 37 49.22 4.47 3.97
C ILE G 37 50.47 3.63 4.17
N ARG G 38 51.63 4.26 3.99
CA ARG G 38 52.94 3.60 4.08
C ARG G 38 53.65 4.16 5.30
N LEU G 39 53.77 3.35 6.35
CA LEU G 39 54.43 3.75 7.58
C LEU G 39 55.89 3.27 7.58
N ALA G 40 56.70 3.93 6.77
CA ALA G 40 58.11 3.55 6.66
C ALA G 40 58.85 3.91 7.95
N PRO G 41 59.59 2.98 8.57
CA PRO G 41 60.38 3.37 9.74
C PRO G 41 61.45 4.40 9.38
N GLY G 42 61.68 5.34 10.29
CA GLY G 42 62.69 6.36 10.08
C GLY G 42 62.33 7.43 9.09
N LYS G 43 61.09 7.45 8.60
CA LYS G 43 60.63 8.43 7.63
C LYS G 43 59.22 8.86 7.99
N ARG G 44 58.81 10.02 7.50
CA ARG G 44 57.46 10.47 7.73
C ARG G 44 56.48 9.53 7.00
N PRO G 45 55.27 9.33 7.53
CA PRO G 45 54.32 8.48 6.81
C PRO G 45 53.96 9.05 5.45
N GLU G 46 53.76 8.16 4.49
CA GLU G 46 53.31 8.51 3.15
C GLU G 46 51.92 7.95 2.94
N TRP G 47 51.00 8.81 2.51
CA TRP G 47 49.65 8.39 2.17
C TRP G 47 49.56 8.08 0.68
N MET G 48 48.81 7.02 0.36
CA MET G 48 48.60 6.55 -1.01
C MET G 48 47.10 6.55 -1.29
N GLY G 49 46.76 6.73 -2.56
CA GLY G 49 45.42 7.17 -2.98
C GLY G 49 44.21 6.53 -2.34
N TRP G 50 43.16 7.33 -2.12
CA TRP G 50 41.93 6.78 -1.56
C TRP G 50 41.26 5.88 -2.59
N LEU G 51 40.18 5.24 -2.16
CA LEU G 51 39.35 4.44 -3.04
C LEU G 51 37.91 4.56 -2.58
N LYS G 52 37.03 4.95 -3.51
CA LYS G 52 35.61 5.08 -3.23
C LYS G 52 34.92 3.82 -3.71
N PRO G 53 34.67 2.82 -2.84
CA PRO G 53 34.25 1.50 -3.35
C PRO G 53 32.90 1.48 -4.04
N ARG G 54 32.09 2.54 -3.92
CA ARG G 54 30.80 2.59 -4.60
C ARG G 54 30.99 2.57 -6.11
N GLY G 55 31.63 3.61 -6.65
CA GLY G 55 31.90 3.68 -8.08
C GLY G 55 33.29 3.24 -8.49
N GLY G 56 34.20 3.04 -7.53
CA GLY G 56 35.56 2.66 -7.83
C GLY G 56 36.51 3.79 -8.13
N ALA G 57 36.06 5.05 -7.99
CA ALA G 57 36.93 6.18 -8.29
C ALA G 57 38.13 6.20 -7.36
N VAL G 58 39.28 6.61 -7.90
CA VAL G 58 40.56 6.43 -7.22
C VAL G 58 41.43 7.64 -7.53
N ASN G 59 42.33 7.97 -6.59
CA ASN G 59 43.14 9.18 -6.67
C ASN G 59 44.58 8.90 -6.22
N TYR G 60 45.43 8.49 -7.15
CA TYR G 60 46.81 8.17 -6.82
C TYR G 60 47.59 9.48 -6.60
N ALA G 61 48.38 9.49 -5.53
CA ALA G 61 48.77 10.76 -4.93
C ALA G 61 50.13 11.30 -5.36
N ARG G 62 51.17 10.59 -4.98
CA ARG G 62 52.56 11.00 -5.04
C ARG G 62 53.15 10.55 -6.37
N PRO G 63 54.45 10.66 -6.62
CA PRO G 63 55.04 9.99 -7.80
C PRO G 63 54.72 8.49 -7.92
N LEU G 64 54.11 7.85 -6.93
CA LEU G 64 53.47 6.55 -7.08
C LEU G 64 52.35 6.51 -8.11
N GLN G 65 51.90 7.66 -8.64
CA GLN G 65 50.78 7.62 -9.59
C GLN G 65 51.12 6.87 -10.88
N GLY G 66 52.41 6.74 -11.20
CA GLY G 66 52.82 5.90 -12.32
C GLY G 66 52.97 4.43 -11.99
N ARG G 67 52.88 4.05 -10.72
CA ARG G 67 53.16 2.69 -10.26
C ARG G 67 51.96 2.02 -9.61
N VAL G 68 51.29 2.70 -8.68
CA VAL G 68 50.23 2.07 -7.91
C VAL G 68 48.98 1.91 -8.78
N THR G 69 48.27 0.80 -8.57
CA THR G 69 46.93 0.61 -9.12
C THR G 69 46.09 -0.11 -8.07
N MET G 70 44.84 0.33 -7.93
CA MET G 70 43.96 -0.09 -6.85
C MET G 70 42.62 -0.49 -7.43
N THR G 71 42.07 -1.61 -6.93
CA THR G 71 40.79 -2.14 -7.37
C THR G 71 39.97 -2.51 -6.14
N ARG G 72 38.79 -3.06 -6.38
CA ARG G 72 37.94 -3.55 -5.30
C ARG G 72 37.04 -4.65 -5.82
N ASP G 73 36.37 -5.34 -4.90
CA ASP G 73 35.44 -6.42 -5.21
C ASP G 73 34.24 -6.25 -4.26
N VAL G 74 33.16 -5.68 -4.78
CA VAL G 74 32.03 -5.31 -3.94
C VAL G 74 31.37 -6.55 -3.33
N TYR G 75 31.26 -7.62 -4.12
CA TYR G 75 30.53 -8.80 -3.65
C TYR G 75 31.32 -9.60 -2.61
N SER G 76 32.61 -9.32 -2.44
CA SER G 76 33.40 -9.88 -1.35
C SER G 76 33.76 -8.84 -0.29
N ASP G 77 33.35 -7.59 -0.47
CA ASP G 77 33.66 -6.51 0.47
C ASP G 77 35.16 -6.37 0.70
N THR G 78 35.93 -6.38 -0.40
CA THR G 78 37.39 -6.40 -0.35
C THR G 78 37.96 -5.30 -1.22
N ALA G 79 39.10 -4.74 -0.80
CA ALA G 79 39.85 -3.77 -1.58
C ALA G 79 41.29 -4.25 -1.70
N PHE G 80 41.91 -3.94 -2.84
CA PHE G 80 43.25 -4.40 -3.17
C PHE G 80 44.15 -3.23 -3.51
N LEU G 81 45.42 -3.34 -3.12
CA LEU G 81 46.47 -2.43 -3.55
C LEU G 81 47.49 -3.24 -4.34
N GLU G 82 47.96 -2.66 -5.45
CA GLU G 82 48.95 -3.31 -6.29
C GLU G 82 49.99 -2.27 -6.69
N LEU G 83 51.26 -2.60 -6.48
CA LEU G 83 52.37 -1.68 -6.71
C LEU G 83 53.35 -2.36 -7.67
N ARG G 84 53.64 -1.68 -8.78
CA ARG G 84 54.55 -2.20 -9.80
C ARG G 84 55.92 -1.56 -9.66
N SER G 85 56.93 -2.27 -10.15
CA SER G 85 58.30 -1.78 -10.19
C SER G 85 58.81 -1.43 -8.79
N LEU G 86 58.86 -2.44 -7.94
CA LEU G 86 59.33 -2.25 -6.57
C LEU G 86 60.80 -1.87 -6.56
N THR G 87 61.10 -0.69 -6.05
CA THR G 87 62.47 -0.27 -5.81
C THR G 87 62.96 -0.84 -4.49
N VAL G 88 64.21 -0.51 -4.14
CA VAL G 88 64.76 -0.95 -2.87
C VAL G 88 64.23 -0.11 -1.71
N ASP G 89 63.70 1.09 -2.00
CA ASP G 89 63.25 2.00 -0.94
C ASP G 89 61.82 1.77 -0.50
N ASP G 90 61.08 0.86 -1.15
CA ASP G 90 59.66 0.68 -0.88
C ASP G 90 59.39 -0.25 0.30
N THR G 91 60.40 -0.60 1.10
CA THR G 91 60.17 -1.42 2.28
C THR G 91 59.50 -0.57 3.35
N ALA G 92 58.36 -1.05 3.86
CA ALA G 92 57.58 -0.31 4.85
C ALA G 92 56.39 -1.19 5.25
N VAL G 93 55.56 -0.66 6.15
CA VAL G 93 54.32 -1.30 6.56
C VAL G 93 53.18 -0.59 5.86
N TYR G 94 52.26 -1.36 5.27
CA TYR G 94 51.18 -0.84 4.43
C TYR G 94 49.87 -1.03 5.16
N PHE G 95 49.21 0.08 5.50
CA PHE G 95 48.04 0.08 6.39
C PHE G 95 46.79 0.41 5.59
N CYS G 96 45.78 -0.45 5.68
CA CYS G 96 44.48 -0.19 5.08
C CYS G 96 43.60 0.51 6.10
N THR G 97 43.29 1.79 5.88
CA THR G 97 42.66 2.63 6.88
C THR G 97 41.30 3.10 6.40
N ARG G 98 40.55 3.70 7.33
CA ARG G 98 39.25 4.28 7.05
C ARG G 98 39.05 5.43 8.02
N GLY G 99 38.25 6.41 7.61
CA GLY G 99 38.04 7.58 8.43
C GLY G 99 37.12 7.31 9.60
N LYS G 100 36.97 8.32 10.46
CA LYS G 100 36.11 8.20 11.62
C LYS G 100 34.66 7.99 11.20
N ASN G 101 34.21 8.72 10.18
CA ASN G 101 32.86 8.58 9.66
C ASN G 101 32.86 9.02 8.20
N CYS G 102 31.81 8.62 7.48
CA CYS G 102 31.80 8.75 6.04
C CYS G 102 31.72 10.19 5.55
N ASP G 103 31.43 11.16 6.44
CA ASP G 103 31.35 12.55 6.03
C ASP G 103 32.72 13.19 5.86
N TYR G 104 33.71 12.77 6.65
CA TYR G 104 35.05 13.36 6.60
C TYR G 104 36.05 12.24 6.87
N ASN G 105 36.74 11.79 5.83
CA ASN G 105 37.54 10.58 5.91
C ASN G 105 38.97 10.80 6.38
N TRP G 106 39.41 12.05 6.56
CA TRP G 106 40.82 12.31 6.83
C TRP G 106 41.20 12.12 8.30
N ASP G 107 40.24 11.79 9.17
CA ASP G 107 40.53 11.38 10.54
C ASP G 107 40.51 9.86 10.61
N PHE G 108 41.65 9.26 10.28
CA PHE G 108 41.76 7.81 10.19
C PHE G 108 41.67 7.18 11.58
N GLU G 109 40.50 6.69 11.95
CA GLU G 109 40.29 6.06 13.25
C GLU G 109 40.44 4.55 13.20
N HIS G 110 40.11 3.93 12.07
CA HIS G 110 40.16 2.48 11.91
C HIS G 110 41.30 2.11 10.98
N TRP G 111 42.19 1.25 11.45
CA TRP G 111 43.36 0.82 10.71
C TRP G 111 43.38 -0.71 10.66
N GLY G 112 44.05 -1.25 9.65
CA GLY G 112 44.25 -2.68 9.57
C GLY G 112 45.41 -3.11 10.45
N ARG G 113 45.70 -4.41 10.39
CA ARG G 113 46.81 -4.95 11.18
C ARG G 113 48.14 -4.36 10.74
N GLY G 114 48.36 -4.23 9.44
CA GLY G 114 49.64 -3.79 8.91
C GLY G 114 50.35 -4.92 8.18
N THR G 115 50.66 -4.70 6.90
CA THR G 115 51.26 -5.73 6.06
C THR G 115 52.69 -5.34 5.74
N PRO G 116 53.71 -5.86 6.44
CA PRO G 116 55.08 -5.47 6.12
C PRO G 116 55.51 -6.07 4.78
N VAL G 117 56.16 -5.25 3.97
CA VAL G 117 56.70 -5.66 2.66
C VAL G 117 58.19 -5.38 2.69
N ILE G 118 58.98 -6.40 2.37
CA ILE G 118 60.45 -6.32 2.38
C ILE G 118 60.94 -6.49 0.95
N VAL G 119 61.91 -5.67 0.57
CA VAL G 119 62.60 -5.79 -0.71
C VAL G 119 64.08 -6.03 -0.41
N SER G 120 64.62 -7.13 -0.94
CA SER G 120 65.99 -7.56 -0.67
C SER G 120 66.73 -7.65 -1.99
N SER G 121 67.85 -6.94 -2.09
CA SER G 121 68.67 -6.95 -3.30
C SER G 121 69.42 -8.26 -3.41
N GLU H 1 54.34 23.82 -0.94
CA GLU H 1 54.86 24.41 0.29
C GLU H 1 54.11 23.92 1.53
N ILE H 2 53.13 23.04 1.35
CA ILE H 2 52.33 22.55 2.47
C ILE H 2 53.15 21.51 3.22
N VAL H 3 53.67 21.89 4.39
CA VAL H 3 54.55 21.04 5.18
C VAL H 3 54.15 21.16 6.65
N LEU H 4 54.16 20.03 7.35
CA LEU H 4 53.92 19.98 8.79
C LEU H 4 55.22 19.59 9.48
N THR H 5 55.66 20.39 10.44
CA THR H 5 56.93 20.20 11.11
C THR H 5 56.68 19.95 12.59
N GLN H 6 57.04 18.75 13.05
CA GLN H 6 57.00 18.42 14.47
C GLN H 6 58.36 18.68 15.11
N SER H 7 58.32 19.12 16.36
CA SER H 7 59.53 19.37 17.13
C SER H 7 59.19 19.22 18.60
N PRO H 8 60.17 18.85 19.46
CA PRO H 8 61.57 18.52 19.17
C PRO H 8 61.70 17.11 18.59
N GLY H 9 62.90 16.70 18.18
CA GLY H 9 63.08 15.40 17.56
C GLY H 9 62.71 14.23 18.43
N THR H 10 63.05 14.27 19.71
CA THR H 10 62.71 13.20 20.64
C THR H 10 62.65 13.75 22.04
N LEU H 11 61.78 13.14 22.86
CA LEU H 11 61.58 13.53 24.26
C LEU H 11 62.13 12.43 25.15
N SER H 12 63.08 12.80 26.02
CA SER H 12 63.60 11.91 27.06
C SER H 12 62.93 12.30 28.37
N LEU H 13 62.12 11.39 28.92
CA LEU H 13 61.26 11.69 30.06
C LEU H 13 61.28 10.53 31.04
N SER H 14 61.18 10.87 32.32
CA SER H 14 60.92 9.88 33.35
C SER H 14 59.41 9.61 33.40
N PRO H 15 58.96 8.38 33.69
CA PRO H 15 57.52 8.15 33.75
C PRO H 15 56.87 8.93 34.88
N GLY H 16 55.64 9.40 34.63
CA GLY H 16 54.87 10.13 35.60
C GLY H 16 54.93 11.65 35.47
N GLU H 17 55.85 12.18 34.68
CA GLU H 17 56.01 13.62 34.54
C GLU H 17 55.15 14.14 33.37
N THR H 18 55.31 15.43 33.08
CA THR H 18 54.52 16.13 32.08
C THR H 18 55.40 16.49 30.89
N ALA H 19 54.81 16.47 29.68
CA ALA H 19 55.54 16.78 28.46
C ALA H 19 54.59 17.36 27.43
N ILE H 20 55.17 18.08 26.46
CA ILE H 20 54.42 18.77 25.42
C ILE H 20 55.11 18.53 24.08
N ILE H 21 54.31 18.36 23.03
CA ILE H 21 54.79 18.16 21.66
C ILE H 21 54.12 19.21 20.80
N SER H 22 54.85 19.68 19.77
CA SER H 22 54.41 20.75 18.89
C SER H 22 54.29 20.25 17.46
N CYS H 23 53.46 20.94 16.67
CA CYS H 23 53.31 20.68 15.24
C CYS H 23 52.97 21.98 14.54
N ARG H 24 53.97 22.63 13.96
CA ARG H 24 53.72 23.83 13.17
C ARG H 24 53.16 23.43 11.81
N THR H 25 52.30 24.31 11.28
CA THR H 25 51.62 24.08 10.01
C THR H 25 51.73 25.33 9.15
N SER H 26 51.68 25.14 7.84
CA SER H 26 51.78 26.22 6.86
C SER H 26 50.56 26.32 5.96
N GLN H 27 49.43 25.75 6.35
CA GLN H 27 48.22 25.82 5.54
C GLN H 27 47.00 25.67 6.45
N TYR H 28 45.89 26.25 6.02
CA TYR H 28 44.66 26.20 6.80
C TYR H 28 44.00 24.84 6.65
N GLY H 29 43.68 24.22 7.77
CA GLY H 29 43.05 22.91 7.75
C GLY H 29 43.02 22.31 9.14
N SER H 30 42.20 21.28 9.28
CA SER H 30 42.07 20.59 10.55
C SER H 30 43.38 19.87 10.90
N LEU H 31 43.46 19.38 12.13
CA LEU H 31 44.62 18.67 12.64
C LEU H 31 44.18 17.44 13.42
N ALA H 32 45.10 16.49 13.55
CA ALA H 32 44.88 15.30 14.35
C ALA H 32 46.23 14.73 14.75
N TRP H 33 46.22 13.92 15.82
CA TRP H 33 47.44 13.36 16.38
C TRP H 33 47.25 11.86 16.58
N TYR H 34 48.35 11.12 16.39
CA TYR H 34 48.30 9.67 16.32
C TYR H 34 49.30 9.05 17.29
N GLN H 35 48.89 7.96 17.92
CA GLN H 35 49.69 7.23 18.90
C GLN H 35 50.09 5.91 18.27
N GLN H 36 51.40 5.64 18.22
CA GLN H 36 51.93 4.38 17.73
C GLN H 36 52.95 3.84 18.73
N ARG H 37 52.62 2.72 19.37
CA ARG H 37 53.63 1.92 20.02
C ARG H 37 54.33 1.05 18.97
N PRO H 38 55.58 0.65 19.20
CA PRO H 38 56.21 -0.29 18.26
C PRO H 38 55.44 -1.61 18.21
N GLY H 39 55.35 -2.17 17.00
CA GLY H 39 54.70 -3.45 16.82
C GLY H 39 53.19 -3.43 16.82
N GLN H 40 52.58 -2.30 16.45
CA GLN H 40 51.12 -2.22 16.36
C GLN H 40 50.74 -1.11 15.40
N ALA H 41 49.48 -1.12 14.99
CA ALA H 41 48.98 -0.06 14.14
C ALA H 41 48.84 1.23 14.95
N PRO H 42 49.00 2.40 14.35
CA PRO H 42 48.74 3.64 15.10
C PRO H 42 47.28 3.76 15.51
N ARG H 43 47.03 4.70 16.43
CA ARG H 43 45.70 4.96 16.96
C ARG H 43 45.44 6.46 16.96
N LEU H 44 44.17 6.83 16.75
CA LEU H 44 43.77 8.22 16.80
C LEU H 44 43.69 8.70 18.25
N VAL H 45 44.25 9.90 18.51
CA VAL H 45 44.26 10.48 19.85
C VAL H 45 43.26 11.63 19.91
N ILE H 46 43.50 12.67 19.12
CA ILE H 46 42.65 13.86 19.06
C ILE H 46 42.43 14.24 17.61
N TYR H 47 41.39 15.02 17.37
CA TYR H 47 41.04 15.44 16.01
C TYR H 47 40.25 16.73 16.06
N SER H 48 40.11 17.35 14.90
CA SER H 48 39.41 18.63 14.75
C SER H 48 40.00 19.69 15.68
N GLY H 49 41.32 19.68 15.80
CA GLY H 49 42.00 20.57 16.71
C GLY H 49 42.13 19.97 18.09
N SER H 50 41.23 20.34 19.00
CA SER H 50 41.36 20.01 20.42
C SER H 50 40.40 18.92 20.90
N THR H 51 39.39 18.55 20.10
CA THR H 51 38.47 17.51 20.54
C THR H 51 39.20 16.18 20.66
N ARG H 52 38.55 15.21 21.30
CA ARG H 52 39.20 13.99 21.75
C ARG H 52 38.54 12.76 21.17
N ALA H 53 39.33 11.72 20.94
CA ALA H 53 38.83 10.43 20.49
C ALA H 53 38.27 9.65 21.66
N ALA H 54 37.39 8.70 21.35
CA ALA H 54 36.70 7.94 22.38
C ALA H 54 37.61 6.90 23.01
N GLY H 55 37.47 6.70 24.31
CA GLY H 55 38.13 5.61 25.01
C GLY H 55 39.55 5.90 25.48
N ILE H 56 40.02 7.13 25.35
CA ILE H 56 41.38 7.51 25.74
C ILE H 56 41.29 8.36 27.00
N PRO H 57 42.20 8.22 27.98
CA PRO H 57 42.10 9.05 29.18
C PRO H 57 42.26 10.54 28.87
N ASP H 58 41.76 11.36 29.79
CA ASP H 58 41.73 12.81 29.60
C ASP H 58 43.10 13.47 29.62
N ARG H 59 44.15 12.73 29.97
CA ARG H 59 45.48 13.32 30.08
C ARG H 59 45.97 13.89 28.75
N PHE H 60 45.50 13.34 27.63
CA PHE H 60 45.87 13.86 26.31
C PHE H 60 45.00 15.06 25.97
N SER H 61 45.63 16.19 25.63
CA SER H 61 44.91 17.38 25.25
C SER H 61 45.82 18.24 24.37
N GLY H 62 45.19 19.12 23.59
CA GLY H 62 45.92 19.94 22.64
C GLY H 62 45.39 21.36 22.60
N SER H 63 46.20 22.24 22.04
CA SER H 63 45.91 23.67 21.97
C SER H 63 46.28 24.20 20.60
N ARG H 64 45.45 25.12 20.08
CA ARG H 64 45.66 25.72 18.77
C ARG H 64 46.07 27.18 18.95
N TRP H 65 47.20 27.56 18.33
CA TRP H 65 47.70 28.92 18.37
C TRP H 65 47.70 29.56 16.98
N GLY H 66 46.88 29.06 16.06
CA GLY H 66 46.82 29.58 14.71
C GLY H 66 47.70 28.78 13.76
N PRO H 67 48.82 29.34 13.30
CA PRO H 67 49.74 28.53 12.48
C PRO H 67 50.60 27.56 13.29
N ASP H 68 50.44 27.51 14.60
CA ASP H 68 51.14 26.56 15.47
C ASP H 68 50.12 25.80 16.30
N TYR H 69 50.48 24.57 16.66
CA TYR H 69 49.62 23.70 17.46
C TYR H 69 50.51 22.86 18.38
N ASN H 70 49.99 22.54 19.56
CA ASN H 70 50.71 21.75 20.54
C ASN H 70 49.82 20.65 21.11
N LEU H 71 50.45 19.53 21.44
CA LEU H 71 49.83 18.45 22.20
C LEU H 71 50.48 18.39 23.58
N THR H 72 49.65 18.36 24.61
CA THR H 72 50.11 18.29 26.00
C THR H 72 49.75 16.92 26.58
N ILE H 73 50.73 16.28 27.20
CA ILE H 73 50.55 14.97 27.84
C ILE H 73 51.02 15.14 29.28
N SER H 74 50.09 14.96 30.22
CA SER H 74 50.35 15.12 31.65
C SER H 74 50.27 13.78 32.37
N ASN H 75 51.13 13.60 33.35
CA ASN H 75 51.21 12.35 34.13
C ASN H 75 51.46 11.17 33.20
N LEU H 76 52.59 11.22 32.52
CA LEU H 76 52.91 10.27 31.48
C LEU H 76 53.06 8.86 32.03
N GLU H 77 52.19 7.95 31.59
CA GLU H 77 52.23 6.57 32.05
C GLU H 77 53.28 5.79 31.28
N SER H 78 53.53 4.55 31.73
CA SER H 78 54.49 3.70 31.07
C SER H 78 54.05 3.33 29.66
N GLY H 79 52.75 3.12 29.45
CA GLY H 79 52.25 2.71 28.15
C GLY H 79 52.20 3.78 27.10
N ASP H 80 52.17 5.05 27.49
CA ASP H 80 52.05 6.15 26.54
C ASP H 80 53.26 6.32 25.64
N PHE H 81 54.40 5.73 25.99
CA PHE H 81 55.61 5.95 25.22
C PHE H 81 55.49 5.29 23.84
N GLY H 82 55.94 6.02 22.82
CA GLY H 82 55.83 5.57 21.45
C GLY H 82 56.32 6.66 20.50
N VAL H 83 55.65 6.74 19.35
CA VAL H 83 55.94 7.73 18.32
C VAL H 83 54.66 8.47 17.99
N TYR H 84 54.73 9.79 17.89
CA TYR H 84 53.57 10.66 17.71
C TYR H 84 53.65 11.36 16.36
N TYR H 85 52.58 11.27 15.58
CA TYR H 85 52.50 11.85 14.24
C TYR H 85 51.45 12.95 14.20
N CYS H 86 51.79 14.06 13.58
CA CYS H 86 50.85 15.14 13.28
C CYS H 86 50.23 14.90 11.90
N GLN H 87 49.02 15.42 11.70
CA GLN H 87 48.31 15.15 10.45
C GLN H 87 47.25 16.20 10.17
N GLN H 88 47.37 16.83 9.00
CA GLN H 88 46.33 17.68 8.41
C GLN H 88 45.49 16.81 7.48
N TYR H 89 44.73 17.37 6.55
CA TYR H 89 43.92 16.64 5.54
C TYR H 89 44.43 15.26 5.12
N GLU H 90 46.44 13.04 4.29
CA GLU H 90 47.23 13.41 3.12
C GLU H 90 48.65 13.78 3.53
N PHE H 91 48.77 14.78 4.42
CA PHE H 91 50.06 15.29 4.86
C PHE H 91 50.28 14.91 6.32
N PHE H 92 51.40 14.24 6.59
CA PHE H 92 51.78 13.80 7.92
C PHE H 92 53.03 14.55 8.35
N GLY H 93 53.23 14.64 9.66
CA GLY H 93 54.40 15.29 10.19
C GLY H 93 55.61 14.37 10.18
N GLN H 94 56.76 14.94 10.53
CA GLN H 94 58.00 14.19 10.56
C GLN H 94 57.97 13.05 11.58
N GLY H 95 57.13 13.13 12.60
CA GLY H 95 57.08 12.10 13.61
C GLY H 95 58.17 12.27 14.65
N THR H 96 57.81 12.13 15.93
CA THR H 96 58.75 12.26 17.03
C THR H 96 58.48 11.17 18.05
N LYS H 97 59.54 10.76 18.75
CA LYS H 97 59.49 9.64 19.69
C LYS H 97 59.70 10.15 21.10
N VAL H 98 58.80 9.78 22.01
CA VAL H 98 58.94 10.03 23.44
C VAL H 98 59.42 8.74 24.08
N GLN H 99 60.47 8.82 24.90
CA GLN H 99 61.21 7.65 25.36
C GLN H 99 61.51 7.78 26.85
N VAL H 100 61.53 6.63 27.53
CA VAL H 100 61.75 6.60 28.98
C VAL H 100 63.18 7.00 29.29
N ASP H 101 63.41 7.48 30.51
CA ASP H 101 64.75 7.77 30.99
C ASP H 101 65.37 6.52 31.60
N ALA I 1 -36.83 49.57 -4.64
CA ALA I 1 -35.55 49.16 -4.06
C ALA I 1 -35.62 49.20 -2.54
N GLU I 2 -34.59 48.66 -1.89
CA GLU I 2 -34.53 48.62 -0.44
C GLU I 2 -33.07 48.52 -0.01
N ASN I 3 -32.81 48.95 1.23
CA ASN I 3 -31.47 48.86 1.79
C ASN I 3 -31.20 47.44 2.26
N LEU I 4 -30.10 46.84 1.79
CA LEU I 4 -29.76 45.46 2.08
C LEU I 4 -28.27 45.35 2.35
N TRP I 5 -27.91 44.34 3.13
CA TRP I 5 -26.52 44.08 3.53
C TRP I 5 -26.22 42.59 3.41
N VAL I 6 -24.93 42.29 3.26
CA VAL I 6 -24.49 40.91 3.03
C VAL I 6 -24.76 40.08 4.28
N THR I 7 -25.03 38.79 4.08
CA THR I 7 -25.26 37.84 5.16
C THR I 7 -24.79 36.46 4.72
N VAL I 8 -24.05 35.78 5.60
CA VAL I 8 -23.42 34.49 5.30
C VAL I 8 -24.27 33.37 5.89
N TYR I 9 -24.39 32.27 5.14
CA TYR I 9 -25.30 31.17 5.47
C TYR I 9 -24.65 29.80 5.28
N TYR I 10 -23.43 29.57 5.80
CA TYR I 10 -22.90 28.20 5.69
C TYR I 10 -23.75 27.20 6.45
N GLY I 11 -24.23 26.20 5.69
CA GLY I 11 -25.23 25.25 6.12
C GLY I 11 -26.30 25.03 5.07
N VAL I 12 -26.31 25.85 4.01
CA VAL I 12 -27.36 25.88 2.99
C VAL I 12 -27.45 24.55 2.23
N PRO I 13 -28.66 24.09 1.80
CA PRO I 13 -28.77 22.94 0.88
C PRO I 13 -28.63 23.27 -0.62
N VAL I 14 -27.39 23.31 -1.11
CA VAL I 14 -27.13 23.42 -2.54
C VAL I 14 -25.93 22.56 -2.89
N TRP I 15 -25.95 22.00 -4.10
CA TRP I 15 -24.98 21.03 -4.56
C TRP I 15 -24.41 21.44 -5.90
N LYS I 16 -23.32 20.77 -6.30
CA LYS I 16 -22.67 20.98 -7.57
C LYS I 16 -22.21 19.64 -8.12
N GLU I 17 -21.98 19.59 -9.44
CA GLU I 17 -21.55 18.37 -10.08
C GLU I 17 -20.14 18.00 -9.64
N ALA I 18 -19.88 16.70 -9.50
CA ALA I 18 -18.57 16.23 -9.08
C ALA I 18 -18.50 14.72 -9.28
N LYS I 19 -17.30 14.17 -9.10
CA LYS I 19 -17.05 12.74 -9.14
C LYS I 19 -16.19 12.37 -7.95
N THR I 20 -16.46 11.20 -7.37
CA THR I 20 -15.88 10.82 -6.09
C THR I 20 -15.62 9.33 -6.05
N THR I 21 -14.69 8.92 -5.19
CA THR I 21 -14.42 7.52 -4.93
C THR I 21 -15.44 7.02 -3.92
N LEU I 22 -16.30 6.10 -4.37
CA LEU I 22 -17.45 5.70 -3.58
C LEU I 22 -17.16 4.43 -2.78
N PHE I 23 -17.54 4.45 -1.51
CA PHE I 23 -17.41 3.28 -0.65
C PHE I 23 -18.52 2.27 -0.97
N CYS I 24 -18.20 1.00 -0.81
CA CYS I 24 -19.13 -0.10 -1.07
C CYS I 24 -19.73 -0.60 0.23
N ALA I 25 -21.01 -0.97 0.18
CA ALA I 25 -21.71 -1.57 1.32
C ALA I 25 -22.60 -2.68 0.81
N SER I 26 -22.58 -3.82 1.50
CA SER I 26 -23.29 -5.02 1.09
C SER I 26 -24.51 -5.24 1.97
N ASP I 27 -25.52 -5.90 1.40
CA ASP I 27 -26.81 -6.04 2.06
C ASP I 27 -26.77 -7.14 3.12
N ALA I 28 -27.45 -6.88 4.24
CA ALA I 28 -27.64 -7.86 5.30
C ALA I 28 -26.31 -8.36 5.84
N ARG I 29 -26.27 -9.58 6.38
CA ARG I 29 -25.04 -10.19 6.87
C ARG I 29 -24.23 -10.85 5.77
N ALA I 30 -24.47 -10.52 4.50
CA ALA I 30 -23.68 -11.07 3.41
C ALA I 30 -22.23 -10.62 3.48
N TYR I 31 -21.92 -9.55 4.22
CA TYR I 31 -20.52 -9.15 4.40
C TYR I 31 -19.74 -10.23 5.14
N GLU I 32 -20.42 -11.04 5.96
CA GLU I 32 -19.78 -12.15 6.66
C GLU I 32 -19.45 -13.32 5.75
N LYS I 33 -20.21 -13.50 4.67
CA LYS I 33 -19.86 -14.43 3.60
C LYS I 33 -18.99 -13.77 2.53
N GLU I 34 -19.03 -12.44 2.45
CA GLU I 34 -18.32 -11.71 1.40
C GLU I 34 -16.81 -11.86 1.51
N VAL I 35 -16.29 -12.21 2.69
CA VAL I 35 -14.86 -12.37 2.90
C VAL I 35 -14.28 -13.44 1.97
N HIS I 36 -15.11 -14.43 1.61
CA HIS I 36 -14.70 -15.52 0.73
C HIS I 36 -15.29 -15.40 -0.67
N ASN I 37 -15.44 -14.18 -1.19
CA ASN I 37 -16.07 -13.94 -2.48
C ASN I 37 -15.18 -13.07 -3.37
N VAL I 38 -15.42 -13.19 -4.68
CA VAL I 38 -14.84 -12.31 -5.68
C VAL I 38 -15.96 -11.92 -6.64
N TRP I 39 -15.90 -10.64 -7.09
CA TRP I 39 -17.01 -9.77 -7.45
C TRP I 39 -17.67 -9.19 -6.21
N ALA I 40 -17.25 -9.63 -5.02
CA ALA I 40 -17.55 -8.97 -3.77
C ALA I 40 -16.27 -8.87 -2.96
N THR I 41 -16.14 -7.77 -2.22
CA THR I 41 -14.85 -7.39 -1.65
C THR I 41 -14.53 -8.22 -0.43
N HIS I 42 -13.57 -7.77 0.40
CA HIS I 42 -13.10 -8.50 1.57
C HIS I 42 -13.06 -7.61 2.81
N ALA I 43 -14.16 -6.94 3.19
CA ALA I 43 -15.55 -7.01 2.75
C ALA I 43 -16.23 -5.63 2.86
N CYS I 44 -17.35 -5.49 2.15
CA CYS I 44 -18.10 -4.24 2.15
C CYS I 44 -19.01 -4.16 3.38
N VAL I 45 -18.47 -3.71 4.51
CA VAL I 45 -19.19 -3.73 5.78
C VAL I 45 -20.09 -2.49 5.87
N PRO I 46 -21.40 -2.63 6.12
CA PRO I 46 -22.21 -1.44 6.38
C PRO I 46 -22.15 -1.03 7.85
N THR I 47 -22.59 0.21 8.10
CA THR I 47 -22.65 0.77 9.44
C THR I 47 -24.07 1.08 9.90
N ASP I 48 -25.00 1.26 8.98
CA ASP I 48 -26.39 1.58 9.29
C ASP I 48 -27.28 0.77 8.36
N PRO I 49 -28.56 0.55 8.73
CA PRO I 49 -29.44 -0.19 7.82
C PRO I 49 -29.81 0.63 6.59
N SER I 50 -28.90 0.69 5.64
CA SER I 50 -29.09 1.43 4.40
C SER I 50 -30.02 0.65 3.47
N PRO I 51 -30.59 1.32 2.44
CA PRO I 51 -30.58 2.75 2.10
C PRO I 51 -31.86 3.48 2.49
N GLN I 52 -31.77 4.56 3.28
CA GLN I 52 -32.91 5.41 3.56
C GLN I 52 -33.04 6.48 2.46
N GLU I 53 -34.23 7.07 2.36
CA GLU I 53 -34.55 7.96 1.25
C GLU I 53 -35.43 9.11 1.73
N LEU I 54 -35.32 10.24 1.04
CA LEU I 54 -36.21 11.39 1.21
C LEU I 54 -36.54 11.94 -0.17
N VAL I 55 -37.82 12.24 -0.39
CA VAL I 55 -38.23 12.87 -1.64
C VAL I 55 -38.03 14.37 -1.54
N LEU I 56 -37.33 14.95 -2.51
CA LEU I 56 -37.08 16.40 -2.57
C LEU I 56 -38.16 17.02 -3.44
N GLY I 57 -39.12 17.69 -2.79
CA GLY I 57 -40.20 18.30 -3.55
C GLY I 57 -39.72 19.48 -4.37
N ASN I 58 -40.34 19.64 -5.54
CA ASN I 58 -40.12 20.79 -6.43
C ASN I 58 -38.69 20.83 -6.97
N VAL I 59 -37.95 19.72 -6.89
CA VAL I 59 -36.58 19.68 -7.40
C VAL I 59 -36.56 18.99 -8.74
N THR I 60 -35.95 19.64 -9.74
CA THR I 60 -35.67 19.05 -11.04
C THR I 60 -34.18 19.12 -11.30
N GLU I 61 -33.60 17.97 -11.66
CA GLU I 61 -32.16 17.86 -11.90
C GLU I 61 -31.94 17.14 -13.22
N ASN I 62 -30.86 17.50 -13.89
CA ASN I 62 -30.54 16.97 -15.20
C ASN I 62 -29.70 15.70 -15.05
N PHE I 63 -30.17 14.61 -15.66
CA PHE I 63 -29.52 13.31 -15.56
C PHE I 63 -28.99 12.89 -16.92
N ASN I 64 -28.01 11.97 -16.90
CA ASN I 64 -27.45 11.39 -18.11
C ASN I 64 -26.77 10.09 -17.72
N MET I 65 -27.16 8.99 -18.35
CA MET I 65 -26.61 7.68 -18.02
C MET I 65 -25.38 7.33 -18.85
N TRP I 66 -25.17 7.98 -19.99
CA TRP I 66 -24.11 7.57 -20.90
C TRP I 66 -22.79 8.28 -20.58
N LYS I 67 -22.86 9.47 -20.01
CA LYS I 67 -21.71 10.16 -19.43
C LYS I 67 -21.61 9.93 -17.93
N ASN I 68 -22.17 8.84 -17.43
CA ASN I 68 -22.23 8.61 -15.99
C ASN I 68 -20.83 8.35 -15.44
N ASP I 69 -20.52 8.95 -14.29
CA ASP I 69 -19.21 8.80 -13.67
C ASP I 69 -19.12 7.58 -12.76
N MET I 70 -20.24 6.91 -12.46
CA MET I 70 -20.20 5.75 -11.58
C MET I 70 -19.92 4.46 -12.33
N VAL I 71 -20.39 4.34 -13.57
CA VAL I 71 -20.17 3.11 -14.32
C VAL I 71 -18.68 2.90 -14.59
N ASP I 72 -17.96 3.97 -14.90
CA ASP I 72 -16.52 3.86 -15.05
C ASP I 72 -15.85 3.56 -13.72
N GLN I 73 -16.45 4.00 -12.61
CA GLN I 73 -15.87 3.73 -11.30
C GLN I 73 -15.97 2.26 -10.94
N MET I 74 -17.13 1.64 -11.16
CA MET I 74 -17.30 0.25 -10.75
C MET I 74 -16.57 -0.70 -11.69
N HIS I 75 -16.52 -0.40 -12.98
CA HIS I 75 -15.82 -1.27 -13.92
C HIS I 75 -14.33 -1.34 -13.61
N GLU I 76 -13.72 -0.20 -13.29
CA GLU I 76 -12.34 -0.19 -12.84
C GLU I 76 -12.18 -0.70 -11.42
N ASP I 77 -13.29 -0.83 -10.68
CA ASP I 77 -13.24 -1.42 -9.35
C ASP I 77 -13.36 -2.93 -9.40
N ILE I 78 -14.30 -3.44 -10.22
CA ILE I 78 -14.55 -4.87 -10.26
C ILE I 78 -13.35 -5.61 -10.86
N ILE I 79 -12.81 -5.09 -11.97
CA ILE I 79 -11.69 -5.78 -12.60
C ILE I 79 -10.44 -5.69 -11.72
N SER I 80 -10.30 -4.62 -10.93
CA SER I 80 -9.20 -4.55 -9.98
C SER I 80 -9.40 -5.54 -8.84
N LEU I 81 -10.65 -5.73 -8.41
CA LEU I 81 -10.95 -6.76 -7.43
C LEU I 81 -10.75 -8.15 -8.02
N TRP I 82 -11.00 -8.30 -9.32
CA TRP I 82 -10.81 -9.59 -9.98
C TRP I 82 -9.35 -10.01 -9.97
N ASP I 83 -8.43 -9.06 -10.18
CA ASP I 83 -7.02 -9.38 -10.20
C ASP I 83 -6.52 -9.75 -8.81
N GLN I 84 -6.94 -9.01 -7.78
CA GLN I 84 -6.41 -9.23 -6.44
C GLN I 84 -6.77 -10.61 -5.91
N SER I 85 -8.02 -11.03 -6.11
CA SER I 85 -8.44 -12.34 -5.63
C SER I 85 -7.71 -13.47 -6.36
N LEU I 86 -7.46 -13.30 -7.65
CA LEU I 86 -6.82 -14.32 -8.46
C LEU I 86 -5.30 -14.32 -8.35
N LYS I 87 -4.71 -13.25 -7.81
CA LYS I 87 -3.25 -13.13 -7.77
C LYS I 87 -2.54 -14.21 -6.97
N PRO I 88 -2.95 -14.56 -5.74
CA PRO I 88 -2.16 -15.55 -4.99
C PRO I 88 -2.40 -17.00 -5.38
N CYS I 89 -3.22 -17.27 -6.39
CA CYS I 89 -3.58 -18.65 -6.72
C CYS I 89 -2.54 -19.25 -7.67
N VAL I 90 -2.61 -20.57 -7.82
CA VAL I 90 -1.57 -21.33 -8.53
C VAL I 90 -1.58 -20.96 -10.01
N LYS I 91 -0.38 -20.78 -10.57
CA LYS I 91 -0.23 -20.56 -12.01
C LYS I 91 -0.07 -21.89 -12.75
N LEU I 92 -0.50 -21.90 -14.01
CA LEU I 92 -0.53 -23.09 -14.84
C LEU I 92 0.59 -23.12 -15.89
N THR I 93 1.73 -22.51 -15.60
CA THR I 93 2.88 -22.63 -16.48
C THR I 93 3.35 -24.07 -16.70
N PRO I 94 3.49 -24.94 -15.68
CA PRO I 94 4.08 -26.26 -15.93
C PRO I 94 3.18 -27.23 -16.69
N LEU I 95 1.91 -26.89 -16.96
CA LEU I 95 1.05 -27.78 -17.73
C LEU I 95 1.22 -27.65 -19.23
N CYS I 96 1.92 -26.62 -19.73
CA CYS I 96 2.11 -26.48 -21.16
C CYS I 96 3.13 -27.54 -21.60
N VAL I 97 2.60 -28.72 -21.89
CA VAL I 97 3.38 -29.89 -22.28
C VAL I 97 2.73 -30.44 -23.54
N THR I 98 3.49 -31.20 -24.32
CA THR I 98 2.94 -31.78 -25.53
C THR I 98 1.91 -32.84 -25.16
N LEU I 99 0.63 -32.45 -25.16
CA LEU I 99 -0.42 -33.37 -24.76
C LEU I 99 -0.68 -34.39 -25.86
N ILE I 100 -0.77 -35.66 -25.48
CA ILE I 100 -1.20 -36.72 -26.38
C ILE I 100 -2.65 -37.02 -26.06
N CYS I 101 -3.55 -36.73 -27.00
CA CYS I 101 -4.98 -36.76 -26.76
C CYS I 101 -5.65 -37.79 -27.67
N SER I 102 -6.71 -38.40 -27.14
CA SER I 102 -7.49 -39.39 -27.87
C SER I 102 -8.93 -39.27 -27.43
N ASN I 103 -9.79 -40.13 -28.01
CA ASN I 103 -11.22 -40.06 -27.74
C ASN I 103 -11.50 -40.33 -26.27
N ALA I 104 -12.46 -39.60 -25.72
CA ALA I 104 -12.84 -39.73 -24.31
C ALA I 104 -13.95 -40.77 -24.22
N THR I 105 -13.58 -42.01 -23.90
CA THR I 105 -14.55 -43.08 -23.76
C THR I 105 -15.17 -43.07 -22.38
N VAL I 106 -16.46 -43.43 -22.33
CA VAL I 106 -17.24 -43.48 -21.10
C VAL I 106 -18.00 -44.81 -21.12
N LYS I 107 -18.67 -45.13 -20.01
CA LYS I 107 -19.45 -46.36 -19.86
C LYS I 107 -20.38 -46.61 -21.04
N ASN I 108 -20.12 -47.71 -21.76
CA ASN I 108 -20.85 -48.13 -22.97
C ASN I 108 -21.18 -46.95 -23.90
N GLY I 109 -20.21 -46.07 -24.11
CA GLY I 109 -20.42 -44.96 -25.01
C GLY I 109 -19.19 -44.09 -25.09
N THR I 110 -19.33 -42.99 -25.86
CA THR I 110 -18.28 -42.01 -26.01
C THR I 110 -18.92 -40.62 -26.02
N VAL I 111 -18.16 -39.63 -25.57
CA VAL I 111 -18.62 -38.25 -25.46
C VAL I 111 -17.88 -37.42 -26.51
N GLU I 112 -18.65 -36.69 -27.33
CA GLU I 112 -18.07 -35.90 -28.40
C GLU I 112 -17.60 -34.52 -27.95
N GLU I 113 -17.86 -34.15 -26.69
CA GLU I 113 -17.57 -32.81 -26.22
C GLU I 113 -16.16 -32.62 -25.69
N MET I 114 -15.33 -33.67 -25.65
CA MET I 114 -14.07 -33.55 -24.93
C MET I 114 -13.09 -34.63 -25.36
N LYS I 115 -11.84 -34.44 -24.94
CA LYS I 115 -10.70 -35.26 -25.32
C LYS I 115 -9.99 -35.76 -24.07
N ASN I 116 -9.50 -36.99 -24.11
CA ASN I 116 -8.74 -37.59 -23.02
C ASN I 116 -7.26 -37.37 -23.29
N CYS I 117 -6.67 -36.40 -22.61
CA CYS I 117 -5.30 -35.96 -22.86
C CYS I 117 -4.39 -36.42 -21.74
N SER I 118 -3.19 -36.88 -22.09
CA SER I 118 -2.19 -37.34 -21.16
C SER I 118 -0.89 -36.59 -21.37
N PHE I 119 -0.15 -36.36 -20.29
CA PHE I 119 1.06 -35.56 -20.34
C PHE I 119 1.98 -35.93 -19.18
N ASN I 120 3.27 -35.61 -19.36
CA ASN I 120 4.26 -35.80 -18.31
C ASN I 120 4.24 -34.60 -17.38
N THR I 121 4.11 -34.84 -16.08
CA THR I 121 4.04 -33.79 -15.07
C THR I 121 5.10 -34.04 -14.01
N THR I 122 5.61 -32.96 -13.43
CA THR I 122 6.68 -33.06 -12.45
C THR I 122 6.13 -33.51 -11.10
N THR I 123 6.85 -34.43 -10.44
CA THR I 123 6.47 -34.89 -9.12
C THR I 123 6.95 -33.89 -8.07
N GLU I 124 6.94 -34.28 -6.80
CA GLU I 124 7.46 -33.40 -5.75
C GLU I 124 8.92 -33.06 -6.01
N ILE I 125 9.71 -34.04 -6.43
CA ILE I 125 11.11 -33.86 -6.79
C ILE I 125 11.16 -33.38 -8.23
N ARG I 126 12.08 -32.46 -8.53
CA ARG I 126 12.06 -31.82 -9.84
C ARG I 126 12.70 -32.67 -10.93
N ASP I 127 13.56 -33.63 -10.60
CA ASP I 127 14.28 -34.39 -11.61
C ASP I 127 13.57 -35.67 -12.04
N LYS I 128 12.36 -35.93 -11.53
CA LYS I 128 11.56 -37.08 -11.93
C LYS I 128 10.16 -36.62 -12.31
N GLU I 129 9.59 -37.29 -13.31
CA GLU I 129 8.28 -36.94 -13.84
C GLU I 129 7.46 -38.21 -14.03
N LYS I 130 6.14 -38.06 -14.02
CA LYS I 130 5.21 -39.16 -14.11
C LYS I 130 4.17 -38.90 -15.19
N LYS I 131 3.63 -39.98 -15.76
CA LYS I 131 2.50 -39.85 -16.66
C LYS I 131 1.24 -39.51 -15.88
N GLU I 132 0.40 -38.68 -16.48
CA GLU I 132 -0.85 -38.24 -15.86
C GLU I 132 -1.83 -37.94 -16.99
N TYR I 133 -3.12 -37.96 -16.67
CA TYR I 133 -4.16 -37.73 -17.66
C TYR I 133 -5.31 -36.96 -17.03
N ALA I 134 -6.11 -36.34 -17.89
CA ALA I 134 -7.28 -35.59 -17.45
C ALA I 134 -8.17 -35.30 -18.65
N LEU I 135 -9.47 -35.22 -18.40
CA LEU I 135 -10.45 -34.88 -19.44
C LEU I 135 -10.64 -33.38 -19.43
N PHE I 136 -9.99 -32.68 -20.37
CA PHE I 136 -10.20 -31.25 -20.53
C PHE I 136 -11.54 -31.06 -21.23
N TYR I 137 -12.61 -30.78 -20.47
CA TYR I 137 -13.95 -30.83 -21.07
C TYR I 137 -14.21 -29.68 -22.03
N LYS I 138 -13.48 -29.69 -23.14
CA LYS I 138 -13.67 -28.83 -24.29
C LYS I 138 -12.76 -29.41 -25.37
N PRO I 139 -13.17 -29.43 -26.64
CA PRO I 139 -12.19 -29.66 -27.70
C PRO I 139 -11.42 -28.42 -28.09
N ASP I 140 -11.52 -27.35 -27.31
CA ASP I 140 -10.81 -26.10 -27.55
C ASP I 140 -9.38 -26.21 -27.03
N ILE I 141 -8.62 -27.15 -27.59
CA ILE I 141 -7.19 -27.27 -27.37
C ILE I 141 -6.53 -27.34 -28.74
N VAL I 142 -5.62 -26.40 -28.99
CA VAL I 142 -5.11 -26.21 -30.36
C VAL I 142 -4.23 -27.40 -30.72
N PRO I 143 -4.44 -28.05 -31.87
CA PRO I 143 -3.46 -29.06 -32.29
C PRO I 143 -2.11 -28.42 -32.56
N LEU I 144 -1.05 -29.14 -32.22
CA LEU I 144 0.29 -28.60 -32.33
C LEU I 144 0.78 -28.70 -33.77
N SER I 145 1.28 -27.58 -34.29
CA SER I 145 1.67 -27.49 -35.69
C SER I 145 3.06 -28.07 -35.89
N GLU I 146 3.58 -27.93 -37.11
CA GLU I 146 4.92 -28.42 -37.48
C GLU I 146 5.04 -29.93 -37.29
N THR I 147 3.95 -30.66 -37.56
CA THR I 147 3.98 -32.12 -37.50
C THR I 147 2.73 -32.65 -38.21
N ASN I 148 2.91 -33.79 -38.89
CA ASN I 148 1.78 -34.46 -39.53
C ASN I 148 0.94 -35.25 -38.55
N ASN I 149 1.40 -35.44 -37.32
CA ASN I 149 0.65 -36.21 -36.33
C ASN I 149 -0.56 -35.42 -35.86
N THR I 150 -1.74 -36.04 -35.91
CA THR I 150 -2.98 -35.41 -35.49
C THR I 150 -3.30 -35.61 -34.02
N SER I 151 -2.49 -36.36 -33.28
CA SER I 151 -2.79 -36.71 -31.90
C SER I 151 -1.96 -35.94 -30.88
N GLU I 152 -1.21 -34.91 -31.30
CA GLU I 152 -0.48 -34.05 -30.39
C GLU I 152 -1.19 -32.71 -30.30
N TYR I 153 -1.55 -32.31 -29.07
CA TYR I 153 -2.29 -31.09 -28.82
C TYR I 153 -1.56 -30.27 -27.76
N ARG I 154 -2.10 -29.08 -27.48
CA ARG I 154 -1.44 -28.11 -26.62
C ARG I 154 -2.47 -27.16 -26.04
N LEU I 155 -2.27 -26.77 -24.79
CA LEU I 155 -3.23 -25.92 -24.09
C LEU I 155 -3.13 -24.49 -24.61
N ILE I 156 -4.28 -23.88 -24.92
CA ILE I 156 -4.28 -22.64 -25.69
C ILE I 156 -3.76 -21.43 -24.94
N ASN I 157 -3.39 -21.57 -23.66
CA ASN I 157 -2.82 -20.43 -22.93
C ASN I 157 -1.51 -19.99 -23.54
N CYS I 158 -0.58 -20.93 -23.75
CA CYS I 158 0.81 -20.58 -23.96
C CYS I 158 1.10 -19.95 -25.32
N ASN I 159 0.16 -19.94 -26.26
CA ASN I 159 0.40 -19.20 -27.48
C ASN I 159 0.50 -17.71 -27.24
N THR I 160 -0.21 -17.17 -26.24
CA THR I 160 -0.28 -15.73 -26.01
C THR I 160 0.05 -15.34 -24.58
N SER I 161 -0.35 -16.13 -23.59
CA SER I 161 -0.11 -15.77 -22.20
C SER I 161 -0.42 -16.93 -21.28
N ALA I 162 0.40 -17.11 -20.24
CA ALA I 162 0.11 -18.10 -19.22
C ALA I 162 -1.03 -17.62 -18.32
N CYS I 163 -1.66 -18.57 -17.63
CA CYS I 163 -2.89 -18.33 -16.90
C CYS I 163 -2.76 -18.80 -15.46
N THR I 164 -3.75 -18.41 -14.66
CA THR I 164 -3.80 -18.70 -13.23
C THR I 164 -5.09 -19.43 -12.90
N GLN I 165 -5.02 -20.34 -11.95
CA GLN I 165 -6.22 -21.06 -11.53
C GLN I 165 -7.11 -20.17 -10.69
N ALA I 166 -8.41 -20.41 -10.74
CA ALA I 166 -9.34 -19.85 -9.78
C ALA I 166 -9.41 -20.79 -8.58
N CYS I 167 -8.91 -20.32 -7.44
CA CYS I 167 -8.76 -21.20 -6.29
C CYS I 167 -10.12 -21.69 -5.82
N PRO I 168 -10.24 -22.93 -5.32
CA PRO I 168 -11.57 -23.41 -4.89
C PRO I 168 -12.17 -22.62 -3.74
N LYS I 169 -11.36 -21.92 -2.95
CA LYS I 169 -11.89 -21.20 -1.79
C LYS I 169 -12.86 -20.11 -2.21
N VAL I 170 -12.44 -19.24 -3.12
CA VAL I 170 -13.26 -18.11 -3.54
C VAL I 170 -14.41 -18.63 -4.40
N THR I 171 -15.52 -17.90 -4.39
CA THR I 171 -16.73 -18.29 -5.11
C THR I 171 -17.18 -17.12 -5.99
N PHE I 172 -17.59 -17.43 -7.21
CA PHE I 172 -18.12 -16.43 -8.13
C PHE I 172 -19.62 -16.27 -7.86
N GLU I 173 -20.00 -15.15 -7.25
CA GLU I 173 -21.39 -14.90 -6.87
C GLU I 173 -21.77 -13.46 -7.20
N PRO I 174 -23.00 -13.19 -7.69
CA PRO I 174 -23.45 -11.80 -7.83
C PRO I 174 -24.15 -11.28 -6.56
N ILE I 175 -23.36 -11.11 -5.51
CA ILE I 175 -23.92 -10.59 -4.26
C ILE I 175 -24.36 -9.14 -4.47
N PRO I 176 -25.54 -8.71 -4.00
CA PRO I 176 -25.90 -7.29 -4.16
C PRO I 176 -24.92 -6.38 -3.44
N ILE I 177 -24.62 -5.24 -4.07
CA ILE I 177 -23.63 -4.30 -3.58
C ILE I 177 -24.23 -2.89 -3.68
N HIS I 178 -24.11 -2.13 -2.60
CA HIS I 178 -24.56 -0.75 -2.54
C HIS I 178 -23.35 0.17 -2.56
N TYR I 179 -23.43 1.26 -3.33
CA TYR I 179 -22.41 2.29 -3.34
C TYR I 179 -22.84 3.45 -2.46
N CYS I 180 -22.04 3.75 -1.44
CA CYS I 180 -22.32 4.81 -0.47
C CYS I 180 -21.31 5.93 -0.67
N ALA I 181 -21.82 7.13 -0.97
CA ALA I 181 -20.93 8.26 -1.17
C ALA I 181 -20.40 8.76 0.17
N PRO I 182 -19.21 9.36 0.22
CA PRO I 182 -18.67 9.83 1.50
C PRO I 182 -19.34 11.11 1.95
N ALA I 183 -18.97 11.56 3.14
CA ALA I 183 -19.52 12.80 3.67
C ALA I 183 -19.08 13.97 2.82
N GLY I 184 -19.98 14.94 2.65
CA GLY I 184 -19.78 16.05 1.76
C GLY I 184 -20.38 15.86 0.38
N TYR I 185 -20.74 14.63 0.02
CA TYR I 185 -21.35 14.30 -1.26
C TYR I 185 -22.65 13.56 -1.01
N ALA I 186 -23.60 13.71 -1.93
CA ALA I 186 -24.92 13.11 -1.82
C ALA I 186 -25.31 12.47 -3.15
N ILE I 187 -25.88 11.27 -3.07
CA ILE I 187 -26.29 10.53 -4.24
C ILE I 187 -27.76 10.84 -4.52
N LEU I 188 -28.03 11.45 -5.66
CA LEU I 188 -29.41 11.67 -6.09
C LEU I 188 -29.96 10.41 -6.74
N LYS I 189 -31.26 10.40 -7.00
CA LYS I 189 -31.92 9.31 -7.69
C LYS I 189 -33.13 9.87 -8.43
N CYS I 190 -33.35 9.38 -9.66
CA CYS I 190 -34.48 9.81 -10.47
C CYS I 190 -35.59 8.77 -10.38
N ASN I 191 -36.71 9.15 -9.77
CA ASN I 191 -37.86 8.26 -9.61
C ASN I 191 -38.76 8.21 -10.83
N ASP I 192 -38.52 9.08 -11.83
CA ASP I 192 -39.39 9.14 -13.01
C ASP I 192 -39.26 7.84 -13.78
N GLU I 193 -40.30 6.99 -13.70
CA GLU I 193 -40.27 5.68 -14.35
C GLU I 193 -40.20 5.76 -15.88
N THR I 194 -40.59 6.89 -16.47
CA THR I 194 -40.57 7.07 -17.91
C THR I 194 -39.25 7.64 -18.42
N PHE I 195 -38.19 7.61 -17.61
CA PHE I 195 -36.91 8.21 -18.00
C PHE I 195 -36.27 7.37 -19.09
N ASN I 196 -35.92 7.99 -20.22
CA ASN I 196 -35.38 7.29 -21.37
C ASN I 196 -33.85 7.27 -21.40
N GLY I 197 -33.17 7.83 -20.40
CA GLY I 197 -31.73 7.77 -20.27
C GLY I 197 -31.04 9.12 -20.22
N THR I 198 -31.69 10.18 -20.68
CA THR I 198 -31.10 11.51 -20.67
C THR I 198 -32.21 12.54 -20.48
N GLY I 199 -31.81 13.75 -20.09
CA GLY I 199 -32.72 14.87 -19.99
C GLY I 199 -33.18 15.12 -18.57
N PRO I 200 -34.08 16.11 -18.41
CA PRO I 200 -34.55 16.45 -17.06
C PRO I 200 -35.30 15.31 -16.39
N CYS I 201 -35.20 15.26 -15.07
CA CYS I 201 -36.00 14.38 -14.23
C CYS I 201 -36.63 15.21 -13.13
N SER I 202 -37.96 15.28 -13.11
CA SER I 202 -38.69 16.20 -12.24
C SER I 202 -39.16 15.55 -10.94
N ASN I 203 -38.74 14.29 -10.67
CA ASN I 203 -39.05 13.59 -9.42
C ASN I 203 -37.75 13.01 -8.87
N VAL I 204 -37.04 13.82 -8.08
CA VAL I 204 -35.72 13.46 -7.57
C VAL I 204 -35.82 13.11 -6.09
N SER I 205 -34.96 12.20 -5.65
CA SER I 205 -34.84 11.86 -4.24
C SER I 205 -33.39 11.49 -3.94
N THR I 206 -32.98 11.75 -2.70
CA THR I 206 -31.62 11.50 -2.24
C THR I 206 -31.61 10.26 -1.37
N VAL I 207 -30.49 9.52 -1.43
CA VAL I 207 -30.33 8.29 -0.66
C VAL I 207 -28.94 8.25 -0.04
N GLN I 208 -28.80 7.43 1.00
CA GLN I 208 -27.49 7.16 1.56
C GLN I 208 -26.63 6.38 0.58
N CYS I 209 -27.18 5.29 0.03
CA CYS I 209 -26.47 4.41 -0.87
C CYS I 209 -27.40 3.97 -1.98
N THR I 210 -26.82 3.42 -3.03
CA THR I 210 -27.60 2.88 -4.13
C THR I 210 -28.33 1.61 -3.69
N HIS I 211 -29.26 1.17 -4.51
CA HIS I 211 -29.98 -0.07 -4.22
C HIS I 211 -29.03 -1.26 -4.39
N GLY I 212 -29.58 -2.45 -4.15
CA GLY I 212 -28.77 -3.66 -4.18
C GLY I 212 -28.35 -4.08 -5.57
N ILE I 213 -27.49 -3.28 -6.21
CA ILE I 213 -26.97 -3.65 -7.51
C ILE I 213 -26.04 -4.84 -7.35
N ARG I 214 -26.29 -5.91 -8.12
CA ARG I 214 -25.47 -7.11 -8.10
C ARG I 214 -24.55 -7.15 -9.32
N PRO I 215 -23.26 -7.59 -9.18
CA PRO I 215 -22.31 -7.57 -10.30
C PRO I 215 -22.36 -8.82 -11.17
N VAL I 216 -23.48 -9.02 -11.88
CA VAL I 216 -23.57 -10.13 -12.81
C VAL I 216 -22.87 -9.77 -14.11
N VAL I 217 -22.28 -10.77 -14.77
CA VAL I 217 -21.57 -10.60 -16.03
C VAL I 217 -22.12 -11.60 -17.03
N SER I 218 -22.63 -11.10 -18.15
CA SER I 218 -23.17 -11.94 -19.20
C SER I 218 -23.21 -11.12 -20.49
N THR I 219 -23.58 -11.77 -21.58
CA THR I 219 -23.65 -11.14 -22.90
C THR I 219 -24.92 -11.54 -23.61
N GLN I 220 -25.47 -10.58 -24.35
CA GLN I 220 -26.66 -10.71 -25.20
C GLN I 220 -27.97 -10.77 -24.42
N LEU I 221 -27.92 -10.93 -23.09
CA LEU I 221 -29.11 -11.02 -22.26
C LEU I 221 -28.70 -10.69 -20.83
N LEU I 222 -29.49 -9.85 -20.17
CA LEU I 222 -29.19 -9.38 -18.83
C LEU I 222 -29.95 -10.22 -17.82
N LEU I 223 -29.23 -10.84 -16.90
CA LEU I 223 -29.78 -11.84 -15.99
C LEU I 223 -29.82 -11.30 -14.57
N ASN I 224 -30.91 -11.64 -13.85
CA ASN I 224 -31.08 -11.27 -12.45
C ASN I 224 -31.00 -9.76 -12.25
N GLY I 225 -31.51 -9.00 -13.20
CA GLY I 225 -31.52 -7.55 -13.12
C GLY I 225 -32.74 -7.03 -12.40
N SER I 226 -32.81 -5.70 -12.32
CA SER I 226 -33.95 -4.99 -11.75
C SER I 226 -34.87 -4.55 -12.87
N LEU I 227 -36.14 -4.93 -12.78
CA LEU I 227 -37.09 -4.76 -13.87
C LEU I 227 -37.65 -3.35 -13.89
N ALA I 228 -38.21 -2.98 -15.04
CA ALA I 228 -38.90 -1.70 -15.16
C ALA I 228 -40.17 -1.71 -14.33
N GLU I 229 -40.62 -0.51 -13.96
CA GLU I 229 -41.78 -0.40 -13.08
C GLU I 229 -43.08 -0.55 -13.85
N LYS I 230 -43.28 0.28 -14.87
CA LYS I 230 -44.54 0.28 -15.62
C LYS I 230 -44.51 -0.66 -16.83
N GLU I 231 -43.59 -0.42 -17.76
CA GLU I 231 -43.62 -1.11 -19.04
C GLU I 231 -42.19 -1.28 -19.55
N ILE I 232 -42.08 -1.87 -20.75
CA ILE I 232 -40.78 -2.07 -21.37
C ILE I 232 -40.20 -0.71 -21.73
N VAL I 233 -38.90 -0.55 -21.49
CA VAL I 233 -38.18 0.68 -21.78
C VAL I 233 -36.97 0.34 -22.64
N ILE I 234 -36.70 1.21 -23.61
CA ILE I 234 -35.57 1.08 -24.53
C ILE I 234 -34.72 2.33 -24.40
N ARG I 235 -33.41 2.13 -24.26
CA ARG I 235 -32.48 3.21 -23.94
C ARG I 235 -31.26 3.12 -24.84
N SER I 236 -30.97 4.21 -25.54
CA SER I 236 -29.78 4.30 -26.39
C SER I 236 -29.37 5.77 -26.46
N GLU I 237 -28.10 6.00 -26.82
CA GLU I 237 -27.62 7.37 -26.94
C GLU I 237 -28.37 8.11 -28.05
N ASN I 238 -28.45 7.49 -29.22
CA ASN I 238 -29.17 8.10 -30.34
C ASN I 238 -29.58 6.95 -31.27
N LEU I 239 -30.87 6.61 -31.25
CA LEU I 239 -31.35 5.45 -31.98
C LEU I 239 -31.05 5.54 -33.47
N THR I 240 -31.02 6.74 -34.03
CA THR I 240 -30.69 6.89 -35.45
C THR I 240 -29.25 6.48 -35.72
N ASN I 241 -28.37 6.59 -34.72
CA ASN I 241 -26.98 6.17 -34.87
C ASN I 241 -26.90 4.66 -34.71
N ASN I 242 -26.70 3.94 -35.82
CA ASN I 242 -26.73 2.48 -35.81
C ASN I 242 -25.61 1.86 -35.00
N ALA I 243 -24.57 2.62 -34.65
CA ALA I 243 -23.59 2.19 -33.67
C ALA I 243 -24.20 2.36 -32.28
N LYS I 244 -23.38 2.33 -31.23
CA LYS I 244 -23.87 2.36 -29.86
C LYS I 244 -24.62 1.07 -29.58
N ILE I 245 -25.38 1.01 -28.49
CA ILE I 245 -26.02 -0.22 -28.06
C ILE I 245 -27.41 0.12 -27.52
N ILE I 246 -28.39 -0.70 -27.89
CA ILE I 246 -29.78 -0.49 -27.53
C ILE I 246 -30.09 -1.40 -26.34
N ILE I 247 -30.17 -0.81 -25.16
CA ILE I 247 -30.41 -1.56 -23.92
C ILE I 247 -31.91 -1.55 -23.66
N VAL I 248 -32.48 -2.74 -23.49
CA VAL I 248 -33.91 -2.93 -23.26
C VAL I 248 -34.12 -3.39 -21.83
N HIS I 249 -35.17 -2.89 -21.20
CA HIS I 249 -35.60 -3.34 -19.88
C HIS I 249 -36.94 -4.05 -19.99
N LEU I 250 -37.01 -5.26 -19.47
CA LEU I 250 -38.21 -6.08 -19.61
C LEU I 250 -39.21 -5.78 -18.49
N HIS I 251 -40.49 -5.78 -18.87
CA HIS I 251 -41.56 -5.55 -17.90
C HIS I 251 -41.60 -6.66 -16.84
N THR I 252 -41.45 -7.90 -17.26
CA THR I 252 -41.46 -9.06 -16.37
C THR I 252 -40.50 -10.10 -16.92
N PRO I 253 -39.97 -10.99 -16.07
CA PRO I 253 -38.88 -11.86 -16.50
C PRO I 253 -39.37 -13.20 -17.05
N VAL I 254 -38.61 -13.71 -18.01
CA VAL I 254 -38.75 -15.07 -18.53
C VAL I 254 -37.67 -15.92 -17.88
N GLU I 255 -38.08 -17.00 -17.21
CA GLU I 255 -37.14 -17.78 -16.42
C GLU I 255 -36.32 -18.69 -17.33
N ILE I 256 -35.01 -18.53 -17.28
CA ILE I 256 -34.10 -19.44 -18.00
C ILE I 256 -33.70 -20.54 -17.04
N VAL I 257 -34.20 -21.75 -17.29
CA VAL I 257 -33.98 -22.91 -16.43
C VAL I 257 -33.03 -23.83 -17.17
N CYS I 258 -31.81 -24.01 -16.66
CA CYS I 258 -30.89 -24.90 -17.37
C CYS I 258 -29.73 -25.34 -16.51
N THR I 259 -28.91 -26.22 -17.09
CA THR I 259 -28.14 -27.18 -16.31
C THR I 259 -26.98 -27.73 -17.14
N ARG I 260 -26.17 -28.56 -16.48
CA ARG I 260 -25.07 -29.30 -17.08
C ARG I 260 -25.25 -30.77 -16.69
N PRO I 261 -26.07 -31.54 -17.40
CA PRO I 261 -26.54 -32.82 -16.86
C PRO I 261 -25.50 -33.92 -16.70
N ASN I 262 -24.29 -33.78 -17.24
CA ASN I 262 -23.28 -34.81 -17.05
C ASN I 262 -22.84 -34.85 -15.59
N ASN I 263 -22.45 -36.04 -15.15
CA ASN I 263 -21.98 -36.26 -13.77
C ASN I 263 -20.46 -36.42 -13.81
N ASN I 264 -19.77 -35.29 -13.65
CA ASN I 264 -18.32 -35.27 -13.72
C ASN I 264 -17.71 -35.50 -12.34
N THR I 265 -16.45 -35.94 -12.34
CA THR I 265 -15.70 -36.23 -11.11
C THR I 265 -14.40 -35.45 -11.14
N ARG I 266 -14.18 -34.63 -10.10
CA ARG I 266 -12.96 -33.84 -10.02
C ARG I 266 -11.78 -34.72 -9.66
N LYS I 267 -10.61 -34.38 -10.20
CA LYS I 267 -9.37 -35.10 -9.98
C LYS I 267 -8.27 -34.11 -9.63
N SER I 268 -7.42 -34.47 -8.68
CA SER I 268 -6.34 -33.61 -8.21
C SER I 268 -5.03 -34.08 -8.82
N VAL I 269 -4.33 -33.17 -9.50
CA VAL I 269 -3.04 -33.44 -10.12
C VAL I 269 -1.98 -32.64 -9.37
N ARG I 270 -0.84 -33.27 -9.11
CA ARG I 270 0.19 -32.71 -8.25
C ARG I 270 1.33 -32.18 -9.12
N ILE I 271 1.17 -30.92 -9.55
CA ILE I 271 2.12 -30.33 -10.50
C ILE I 271 3.34 -29.74 -9.80
N GLY I 272 3.28 -29.48 -8.50
CA GLY I 272 4.41 -28.92 -7.80
C GLY I 272 4.26 -28.96 -6.29
N PRO I 273 5.31 -28.56 -5.57
CA PRO I 273 5.24 -28.57 -4.10
C PRO I 273 4.22 -27.58 -3.56
N GLY I 274 3.15 -28.09 -2.95
CA GLY I 274 2.10 -27.23 -2.45
C GLY I 274 1.20 -26.64 -3.51
N GLN I 275 1.30 -27.11 -4.75
CA GLN I 275 0.52 -26.61 -5.87
C GLN I 275 -0.26 -27.76 -6.47
N THR I 276 -1.58 -27.61 -6.55
CA THR I 276 -2.48 -28.67 -6.98
C THR I 276 -3.28 -28.18 -8.17
N PHE I 277 -3.38 -29.01 -9.21
CA PHE I 277 -4.13 -28.71 -10.42
C PHE I 277 -5.35 -29.62 -10.46
N TYR I 278 -6.54 -29.02 -10.61
CA TYR I 278 -7.80 -29.72 -10.59
C TYR I 278 -8.35 -29.86 -11.99
N ALA I 279 -8.69 -31.09 -12.38
CA ALA I 279 -9.21 -31.37 -13.72
C ALA I 279 -10.26 -32.45 -13.63
N THR I 280 -11.14 -32.49 -14.62
CA THR I 280 -12.19 -33.51 -14.67
C THR I 280 -11.55 -34.86 -14.98
N GLY I 281 -11.66 -35.79 -14.04
CA GLY I 281 -10.98 -37.06 -14.17
C GLY I 281 -11.76 -38.10 -14.95
N ASP I 282 -13.05 -38.23 -14.65
CA ASP I 282 -13.87 -39.25 -15.30
C ASP I 282 -15.34 -38.86 -15.16
N ILE I 283 -16.18 -39.52 -15.96
CA ILE I 283 -17.63 -39.34 -15.94
C ILE I 283 -18.22 -40.60 -15.34
N ILE I 284 -19.09 -40.43 -14.34
CA ILE I 284 -19.63 -41.55 -13.57
C ILE I 284 -21.14 -41.61 -13.77
N GLY I 285 -21.60 -41.24 -14.95
CA GLY I 285 -23.01 -41.33 -15.24
C GLY I 285 -23.25 -41.24 -16.74
N ASP I 286 -24.51 -41.40 -17.12
CA ASP I 286 -24.87 -41.29 -18.52
C ASP I 286 -24.69 -39.85 -18.99
N ILE I 287 -24.42 -39.70 -20.29
CA ILE I 287 -24.10 -38.41 -20.89
C ILE I 287 -25.33 -37.88 -21.63
N LYS I 288 -25.63 -36.60 -21.42
CA LYS I 288 -26.77 -35.95 -22.04
C LYS I 288 -26.49 -34.56 -22.59
N GLN I 289 -25.27 -34.02 -22.45
CA GLN I 289 -24.86 -32.75 -23.04
C GLN I 289 -25.58 -31.56 -22.42
N ALA I 290 -24.89 -30.45 -22.29
CA ALA I 290 -25.50 -29.24 -21.75
C ALA I 290 -26.54 -28.70 -22.71
N HIS I 291 -27.55 -28.04 -22.17
CA HIS I 291 -28.60 -27.39 -22.96
C HIS I 291 -29.33 -26.43 -22.05
N CYS I 292 -30.07 -25.49 -22.64
CA CYS I 292 -30.90 -24.58 -21.86
C CYS I 292 -32.28 -24.40 -22.48
N ASN I 293 -33.28 -24.32 -21.59
CA ASN I 293 -34.69 -24.25 -21.95
C ASN I 293 -35.23 -22.87 -21.60
N ILE I 294 -36.06 -22.32 -22.48
CA ILE I 294 -36.78 -21.07 -22.24
C ILE I 294 -38.21 -21.25 -22.70
N SER I 295 -39.15 -20.71 -21.93
CA SER I 295 -40.57 -20.85 -22.26
C SER I 295 -40.87 -20.21 -23.60
N GLU I 296 -41.36 -21.02 -24.55
CA GLU I 296 -41.69 -20.50 -25.87
C GLU I 296 -42.84 -19.52 -25.80
N GLU I 297 -43.84 -19.78 -24.96
CA GLU I 297 -45.00 -18.91 -24.86
C GLU I 297 -44.61 -17.54 -24.33
N LYS I 298 -43.85 -17.51 -23.23
CA LYS I 298 -43.54 -16.24 -22.58
C LYS I 298 -42.51 -15.44 -23.37
N TRP I 299 -41.49 -16.09 -23.93
CA TRP I 299 -40.49 -15.34 -24.68
C TRP I 299 -41.08 -14.76 -25.97
N ASN I 300 -41.88 -15.53 -26.69
CA ASN I 300 -42.46 -15.04 -27.94
C ASN I 300 -43.36 -13.84 -27.68
N ASP I 301 -43.98 -13.78 -26.50
CA ASP I 301 -44.72 -12.60 -26.11
C ASP I 301 -43.79 -11.40 -25.92
N THR I 302 -42.57 -11.65 -25.43
CA THR I 302 -41.64 -10.56 -25.18
C THR I 302 -41.24 -9.85 -26.46
N LEU I 303 -40.99 -10.60 -27.53
CA LEU I 303 -40.64 -9.97 -28.80
C LEU I 303 -41.82 -9.19 -29.38
N GLN I 304 -43.04 -9.68 -29.18
CA GLN I 304 -44.21 -8.94 -29.64
C GLN I 304 -44.35 -7.62 -28.88
N LYS I 305 -44.15 -7.66 -27.55
CA LYS I 305 -44.23 -6.44 -26.77
C LYS I 305 -43.08 -5.50 -27.10
N VAL I 306 -41.86 -6.02 -27.18
CA VAL I 306 -40.70 -5.17 -27.46
C VAL I 306 -40.79 -4.61 -28.88
N GLY I 307 -41.36 -5.38 -29.81
CA GLY I 307 -41.38 -4.95 -31.20
C GLY I 307 -42.16 -3.67 -31.41
N ILE I 308 -43.36 -3.58 -30.82
CA ILE I 308 -44.15 -2.37 -30.96
C ILE I 308 -43.48 -1.19 -30.27
N GLU I 309 -42.82 -1.44 -29.14
CA GLU I 309 -42.17 -0.36 -28.41
C GLU I 309 -41.03 0.25 -29.22
N LEU I 310 -40.23 -0.58 -29.90
CA LEU I 310 -39.24 -0.06 -30.83
C LEU I 310 -39.91 0.68 -31.98
N GLN I 311 -41.03 0.14 -32.47
CA GLN I 311 -41.69 0.73 -33.63
C GLN I 311 -42.23 2.12 -33.35
N LYS I 312 -42.38 2.50 -32.07
CA LYS I 312 -42.74 3.88 -31.76
C LYS I 312 -41.67 4.84 -32.25
N HIS I 313 -40.39 4.49 -32.10
CA HIS I 313 -39.29 5.31 -32.59
C HIS I 313 -39.06 5.13 -34.09
N PHE I 314 -39.32 3.93 -34.61
CA PHE I 314 -39.15 3.62 -36.03
C PHE I 314 -40.53 3.41 -36.65
N PRO I 315 -41.26 4.47 -36.97
CA PRO I 315 -42.66 4.31 -37.40
C PRO I 315 -42.78 3.57 -38.73
N ASN I 316 -43.82 2.73 -38.81
CA ASN I 316 -44.22 2.04 -40.03
C ASN I 316 -43.12 1.16 -40.62
N LYS I 317 -42.22 0.64 -39.78
CA LYS I 317 -41.18 -0.30 -40.21
C LYS I 317 -41.33 -1.59 -39.41
N THR I 318 -41.45 -2.70 -40.12
CA THR I 318 -41.58 -3.99 -39.43
C THR I 318 -40.25 -4.39 -38.83
N ILE I 319 -40.28 -4.81 -37.57
CA ILE I 319 -39.07 -5.14 -36.83
C ILE I 319 -38.73 -6.60 -37.08
N LYS I 320 -37.52 -6.85 -37.59
CA LYS I 320 -37.00 -8.19 -37.79
C LYS I 320 -35.82 -8.42 -36.85
N TYR I 321 -35.75 -9.61 -36.28
CA TYR I 321 -34.61 -10.04 -35.48
C TYR I 321 -33.80 -11.05 -36.28
N ASN I 322 -32.54 -11.24 -35.88
CA ASN I 322 -31.70 -12.19 -36.60
C ASN I 322 -30.47 -12.53 -35.78
N GLN I 323 -29.78 -13.59 -36.20
CA GLN I 323 -28.63 -14.12 -35.49
C GLN I 323 -27.48 -13.13 -35.50
N SER I 324 -26.54 -13.30 -34.57
CA SER I 324 -25.39 -12.40 -34.46
C SER I 324 -24.55 -12.45 -35.74
N ALA I 325 -23.97 -11.30 -36.10
CA ALA I 325 -23.19 -11.20 -37.32
C ALA I 325 -21.85 -11.90 -37.18
N GLY I 326 -21.16 -11.70 -36.06
CA GLY I 326 -19.87 -12.31 -35.86
C GLY I 326 -19.22 -11.79 -34.61
N GLY I 327 -18.04 -12.33 -34.34
CA GLY I 327 -17.24 -11.95 -33.20
C GLY I 327 -16.62 -13.17 -32.56
N ASP I 328 -16.07 -12.96 -31.36
CA ASP I 328 -15.52 -14.08 -30.61
C ASP I 328 -16.64 -14.99 -30.12
N MET I 329 -16.25 -16.07 -29.45
CA MET I 329 -17.23 -16.96 -28.84
C MET I 329 -17.95 -16.30 -27.67
N GLU I 330 -17.39 -15.20 -27.13
CA GLU I 330 -17.97 -14.56 -25.97
C GLU I 330 -19.15 -13.65 -26.32
N ILE I 331 -19.28 -13.23 -27.58
CA ILE I 331 -20.34 -12.30 -27.97
C ILE I 331 -21.22 -12.82 -29.10
N THR I 332 -20.81 -13.84 -29.84
CA THR I 332 -21.69 -14.50 -30.81
C THR I 332 -22.58 -15.55 -30.18
N THR I 333 -22.41 -15.83 -28.88
CA THR I 333 -23.27 -16.75 -28.13
C THR I 333 -23.54 -16.15 -26.76
N HIS I 334 -24.75 -16.36 -26.27
CA HIS I 334 -25.12 -15.90 -24.93
C HIS I 334 -24.23 -16.57 -23.90
N SER I 335 -23.35 -15.80 -23.27
CA SER I 335 -22.34 -16.30 -22.35
C SER I 335 -22.67 -15.86 -20.94
N PHE I 336 -22.47 -16.75 -19.97
CA PHE I 336 -22.69 -16.41 -18.58
C PHE I 336 -22.01 -17.44 -17.69
N ASN I 337 -21.92 -17.11 -16.41
CA ASN I 337 -21.40 -18.00 -15.39
C ASN I 337 -22.55 -18.46 -14.52
N CYS I 338 -22.53 -19.72 -14.11
CA CYS I 338 -23.56 -20.26 -13.22
C CYS I 338 -23.05 -21.49 -12.50
N GLY I 339 -22.85 -21.38 -11.20
CA GLY I 339 -22.41 -22.50 -10.40
C GLY I 339 -20.94 -22.84 -10.57
N GLY I 340 -20.16 -21.89 -11.06
CA GLY I 340 -18.74 -22.11 -11.31
C GLY I 340 -18.38 -22.60 -12.70
N GLU I 341 -19.37 -22.84 -13.56
CA GLU I 341 -19.16 -23.24 -14.94
C GLU I 341 -19.51 -22.07 -15.86
N PHE I 342 -18.75 -21.93 -16.95
CA PHE I 342 -18.94 -20.84 -17.90
C PHE I 342 -19.65 -21.38 -19.13
N PHE I 343 -20.90 -21.00 -19.31
CA PHE I 343 -21.70 -21.44 -20.43
C PHE I 343 -21.55 -20.50 -21.62
N TYR I 344 -21.79 -21.04 -22.81
CA TYR I 344 -21.80 -20.27 -24.06
C TYR I 344 -22.92 -20.84 -24.93
N CYS I 345 -24.10 -20.26 -24.83
CA CYS I 345 -25.32 -20.86 -25.37
C CYS I 345 -25.64 -20.30 -26.75
N ASN I 346 -25.96 -21.21 -27.68
CA ASN I 346 -26.03 -20.90 -29.09
C ASN I 346 -27.14 -19.91 -29.46
N THR I 347 -28.14 -19.72 -28.59
CA THR I 347 -29.35 -18.98 -28.97
C THR I 347 -29.97 -19.62 -30.20
N SER I 348 -30.46 -20.85 -30.06
CA SER I 348 -30.94 -21.62 -31.20
C SER I 348 -32.18 -20.98 -31.82
N ASN I 349 -33.03 -20.34 -31.00
CA ASN I 349 -34.21 -19.67 -31.49
C ASN I 349 -34.51 -18.36 -30.80
N LEU I 350 -33.55 -17.75 -30.10
CA LEU I 350 -33.76 -16.42 -29.55
C LEU I 350 -33.30 -15.36 -30.54
N PHE I 351 -33.64 -15.55 -31.83
CA PHE I 351 -33.31 -14.55 -32.83
C PHE I 351 -34.34 -14.43 -33.95
N ASN I 352 -35.20 -15.42 -34.11
CA ASN I 352 -35.77 -15.71 -35.42
C ASN I 352 -37.14 -15.08 -35.60
N GLY I 353 -37.40 -14.64 -36.83
CA GLY I 353 -38.75 -14.33 -37.27
C GLY I 353 -39.05 -12.84 -37.29
N THR I 354 -39.89 -12.47 -38.27
CA THR I 354 -40.43 -11.12 -38.34
C THR I 354 -41.37 -10.88 -37.17
N TYR I 355 -41.44 -9.64 -36.71
CA TYR I 355 -42.34 -9.26 -35.62
C TYR I 355 -42.78 -7.81 -35.86
N ASN I 356 -43.96 -7.64 -36.43
CA ASN I 356 -44.46 -6.30 -36.73
C ASN I 356 -44.71 -5.49 -35.46
N GLY I 357 -45.17 -6.13 -34.39
CA GLY I 357 -45.63 -5.41 -33.21
C GLY I 357 -47.10 -5.06 -33.27
N THR I 358 -47.72 -5.20 -34.46
CA THR I 358 -49.13 -4.92 -34.64
C THR I 358 -50.02 -6.15 -34.53
N TYR I 359 -49.46 -7.33 -34.22
CA TYR I 359 -50.22 -8.56 -34.04
C TYR I 359 -50.98 -8.97 -35.30
N ILE I 360 -50.58 -8.49 -36.47
CA ILE I 360 -51.31 -8.83 -37.70
C ILE I 360 -50.96 -10.24 -38.16
N THR I 371 -41.18 -25.33 -25.92
CA THR I 371 -39.97 -24.98 -25.17
C THR I 371 -38.78 -24.82 -26.10
N ILE I 372 -38.24 -23.61 -26.15
CA ILE I 372 -37.07 -23.32 -26.98
C ILE I 372 -35.83 -23.86 -26.27
N THR I 373 -35.07 -24.71 -26.97
CA THR I 373 -33.91 -25.39 -26.42
C THR I 373 -32.65 -24.81 -27.03
N LEU I 374 -31.69 -24.42 -26.18
CA LEU I 374 -30.43 -23.84 -26.60
C LEU I 374 -29.30 -24.83 -26.32
N GLN I 375 -28.55 -25.19 -27.35
CA GLN I 375 -27.36 -26.01 -27.16
C GLN I 375 -26.21 -25.14 -26.68
N CYS I 376 -25.58 -25.55 -25.58
CA CYS I 376 -24.60 -24.73 -24.88
C CYS I 376 -23.26 -25.43 -24.79
N ARG I 377 -22.20 -24.72 -25.16
CA ARG I 377 -20.83 -25.17 -25.03
C ARG I 377 -20.21 -24.57 -23.77
N ILE I 378 -19.18 -25.25 -23.26
CA ILE I 378 -18.53 -24.87 -22.01
C ILE I 378 -17.03 -24.79 -22.25
N LYS I 379 -16.39 -23.83 -21.57
CA LYS I 379 -14.94 -23.66 -21.58
C LYS I 379 -14.42 -23.75 -20.15
N GLN I 380 -13.12 -24.02 -20.04
CA GLN I 380 -12.38 -23.90 -18.79
C GLN I 380 -11.46 -22.69 -18.79
N ILE I 381 -10.57 -22.61 -19.78
CA ILE I 381 -9.79 -21.38 -19.98
C ILE I 381 -10.74 -20.30 -20.50
N ILE I 382 -10.69 -19.13 -19.86
CA ILE I 382 -11.47 -17.97 -20.27
C ILE I 382 -10.54 -16.78 -20.42
N ASN I 383 -10.54 -16.17 -21.60
CA ASN I 383 -10.02 -14.82 -21.76
C ASN I 383 -11.14 -13.92 -21.28
N MET I 384 -11.02 -13.48 -20.02
CA MET I 384 -12.16 -13.06 -19.23
C MET I 384 -12.91 -11.91 -19.90
N TRP I 385 -14.19 -11.76 -19.52
CA TRP I 385 -15.13 -10.89 -20.22
C TRP I 385 -14.70 -9.43 -20.30
N GLN I 386 -13.65 -9.03 -19.59
CA GLN I 386 -13.02 -7.74 -19.86
C GLN I 386 -12.57 -7.64 -21.31
N GLY I 387 -12.19 -8.77 -21.91
CA GLY I 387 -11.99 -8.87 -23.34
C GLY I 387 -10.55 -8.81 -23.82
N VAL I 388 -9.63 -8.31 -23.00
CA VAL I 388 -8.26 -8.08 -23.42
C VAL I 388 -7.24 -8.70 -22.47
N GLY I 389 -7.62 -8.91 -21.22
CA GLY I 389 -6.65 -9.06 -20.15
C GLY I 389 -6.35 -10.45 -19.63
N ARG I 390 -6.59 -10.64 -18.33
CA ARG I 390 -6.09 -11.79 -17.61
C ARG I 390 -6.74 -13.07 -18.08
N CYS I 391 -5.92 -14.11 -18.28
CA CYS I 391 -6.43 -15.45 -18.51
C CYS I 391 -6.66 -16.14 -17.17
N MET I 392 -7.71 -16.96 -17.10
CA MET I 392 -8.06 -17.67 -15.88
C MET I 392 -8.54 -19.07 -16.23
N TYR I 393 -8.14 -20.04 -15.42
CA TYR I 393 -8.59 -21.42 -15.55
C TYR I 393 -9.58 -21.71 -14.45
N ALA I 394 -10.84 -21.97 -14.82
CA ALA I 394 -11.87 -22.26 -13.85
C ALA I 394 -11.88 -23.74 -13.53
N PRO I 395 -11.61 -24.16 -12.28
CA PRO I 395 -11.53 -25.59 -12.01
C PRO I 395 -12.89 -26.24 -12.14
N PRO I 396 -12.93 -27.55 -12.39
CA PRO I 396 -14.24 -28.20 -12.58
C PRO I 396 -15.04 -28.24 -11.29
N ILE I 397 -16.36 -28.32 -11.45
CA ILE I 397 -17.29 -28.46 -10.35
C ILE I 397 -17.92 -29.85 -10.44
N ALA I 398 -17.70 -30.66 -9.42
CA ALA I 398 -18.18 -32.04 -9.44
C ALA I 398 -19.71 -32.07 -9.39
N GLY I 399 -20.27 -33.09 -10.02
CA GLY I 399 -21.71 -33.27 -10.01
C GLY I 399 -22.42 -32.39 -11.02
N ASN I 400 -23.74 -32.52 -11.02
CA ASN I 400 -24.56 -31.75 -11.93
C ASN I 400 -24.60 -30.28 -11.51
N ILE I 401 -24.93 -29.43 -12.48
CA ILE I 401 -25.14 -28.00 -12.27
C ILE I 401 -26.54 -27.68 -12.76
N THR I 402 -27.22 -26.77 -12.08
CA THR I 402 -28.55 -26.32 -12.48
C THR I 402 -28.68 -24.83 -12.23
N CYS I 403 -29.42 -24.16 -13.11
CA CYS I 403 -29.53 -22.71 -13.13
C CYS I 403 -31.00 -22.32 -13.26
N ARG I 404 -31.38 -21.23 -12.60
CA ARG I 404 -32.73 -20.70 -12.69
C ARG I 404 -32.64 -19.20 -12.48
N SER I 405 -32.63 -18.46 -13.59
CA SER I 405 -32.32 -17.03 -13.58
C SER I 405 -33.42 -16.26 -14.30
N ASN I 406 -33.59 -15.00 -13.89
CA ASN I 406 -34.59 -14.12 -14.48
C ASN I 406 -33.92 -13.24 -15.52
N ILE I 407 -34.26 -13.43 -16.79
CA ILE I 407 -33.83 -12.50 -17.82
C ILE I 407 -34.64 -11.21 -17.67
N THR I 408 -33.96 -10.07 -17.66
CA THR I 408 -34.59 -8.78 -17.41
C THR I 408 -34.32 -7.74 -18.48
N GLY I 409 -33.36 -7.97 -19.37
CA GLY I 409 -33.06 -6.99 -20.39
C GLY I 409 -32.29 -7.62 -21.53
N LEU I 410 -32.46 -7.03 -22.71
CA LEU I 410 -31.82 -7.47 -23.93
C LEU I 410 -30.89 -6.40 -24.44
N LEU I 411 -29.72 -6.80 -24.91
CA LEU I 411 -28.79 -5.92 -25.61
C LEU I 411 -28.92 -6.18 -27.10
N LEU I 412 -29.05 -5.12 -27.88
CA LEU I 412 -29.32 -5.23 -29.31
C LEU I 412 -28.43 -4.25 -30.08
N THR I 413 -28.36 -4.47 -31.39
CA THR I 413 -27.72 -3.54 -32.30
C THR I 413 -28.35 -3.72 -33.67
N ARG I 414 -28.19 -2.71 -34.51
CA ARG I 414 -29.00 -2.56 -35.73
C ARG I 414 -28.11 -2.62 -36.96
N ASP I 415 -28.65 -3.15 -38.05
CA ASP I 415 -27.94 -3.21 -39.32
C ASP I 415 -28.36 -2.02 -40.17
N GLY I 416 -27.39 -1.18 -40.56
CA GLY I 416 -27.67 -0.05 -41.42
C GLY I 416 -27.12 -0.28 -42.83
N GLY I 417 -27.53 0.57 -43.78
CA GLY I 417 -28.54 1.60 -43.77
C GLY I 417 -29.38 1.71 -45.04
N THR I 418 -29.07 0.87 -46.05
CA THR I 418 -29.81 0.89 -47.30
C THR I 418 -30.79 -0.28 -47.37
N ASN I 419 -31.29 -0.71 -46.21
CA ASN I 419 -32.30 -1.76 -46.19
C ASN I 419 -33.58 -1.26 -46.85
N SER I 420 -34.46 -2.20 -47.19
CA SER I 420 -35.78 -1.84 -47.70
C SER I 420 -36.49 -0.97 -46.67
N ASN I 421 -37.12 0.11 -47.14
CA ASN I 421 -37.59 1.17 -46.25
C ASN I 421 -38.68 0.69 -45.29
N GLU I 422 -39.31 -0.45 -45.55
CA GLU I 422 -40.35 -0.99 -44.67
C GLU I 422 -39.82 -2.03 -43.69
N THR I 423 -38.49 -2.26 -43.64
CA THR I 423 -37.91 -3.31 -42.80
C THR I 423 -36.70 -2.78 -42.05
N GLU I 424 -36.40 -3.42 -40.93
CA GLU I 424 -35.24 -3.07 -40.12
C GLU I 424 -34.83 -4.30 -39.32
N THR I 425 -33.55 -4.64 -39.35
CA THR I 425 -33.02 -5.87 -38.76
C THR I 425 -32.27 -5.53 -37.48
N PHE I 426 -32.54 -6.29 -36.42
CA PHE I 426 -31.89 -6.13 -35.12
C PHE I 426 -31.20 -7.43 -34.74
N ARG I 427 -30.05 -7.33 -34.10
CA ARG I 427 -29.26 -8.48 -33.71
C ARG I 427 -28.72 -8.29 -32.30
N PRO I 428 -28.38 -9.37 -31.59
CA PRO I 428 -27.82 -9.19 -30.25
C PRO I 428 -26.45 -8.52 -30.29
N ALA I 429 -25.96 -8.16 -29.10
CA ALA I 429 -24.68 -7.50 -28.96
C ALA I 429 -24.07 -7.90 -27.62
N GLY I 430 -22.96 -7.26 -27.28
CA GLY I 430 -22.31 -7.50 -26.01
C GLY I 430 -20.82 -7.28 -26.12
N GLY I 431 -20.10 -7.77 -25.12
CA GLY I 431 -18.65 -7.75 -25.09
C GLY I 431 -18.04 -6.72 -24.17
N ASP I 432 -18.78 -5.68 -23.79
CA ASP I 432 -18.30 -4.63 -22.91
C ASP I 432 -19.03 -4.74 -21.57
N MET I 433 -18.28 -4.86 -20.48
CA MET I 433 -18.89 -5.06 -19.17
C MET I 433 -19.75 -3.87 -18.77
N ARG I 434 -19.35 -2.66 -19.16
CA ARG I 434 -19.99 -1.45 -18.63
C ARG I 434 -21.45 -1.35 -19.05
N ASP I 435 -21.79 -1.80 -20.26
CA ASP I 435 -23.18 -1.71 -20.71
C ASP I 435 -24.11 -2.66 -19.96
N ASN I 436 -23.58 -3.72 -19.35
CA ASN I 436 -24.41 -4.54 -18.46
C ASN I 436 -24.78 -3.76 -17.21
N TRP I 437 -23.78 -3.11 -16.59
CA TRP I 437 -23.99 -2.40 -15.34
C TRP I 437 -24.59 -1.02 -15.56
N ARG I 438 -24.41 -0.44 -16.75
CA ARG I 438 -25.04 0.84 -17.06
C ARG I 438 -26.56 0.72 -17.16
N SER I 439 -27.10 -0.49 -17.27
CA SER I 439 -28.54 -0.69 -17.30
C SER I 439 -29.16 -0.67 -15.90
N GLU I 440 -28.35 -0.83 -14.85
CA GLU I 440 -28.82 -0.82 -13.47
C GLU I 440 -28.38 0.42 -12.71
N LEU I 441 -27.25 1.01 -13.09
CA LEU I 441 -26.64 2.13 -12.39
C LEU I 441 -26.95 3.42 -13.11
N TYR I 442 -28.16 3.52 -13.66
CA TYR I 442 -28.56 4.64 -14.51
C TYR I 442 -29.44 5.66 -13.80
N LYS I 443 -29.98 5.33 -12.62
CA LYS I 443 -30.86 6.24 -11.92
C LYS I 443 -30.12 7.31 -11.14
N TYR I 444 -28.81 7.15 -10.93
CA TYR I 444 -28.10 7.87 -9.88
C TYR I 444 -27.23 8.99 -10.44
N LYS I 445 -26.89 9.91 -9.55
CA LYS I 445 -25.84 10.91 -9.76
C LYS I 445 -25.04 11.03 -8.47
N VAL I 446 -23.89 11.68 -8.56
CA VAL I 446 -23.10 12.06 -7.39
C VAL I 446 -22.81 13.55 -7.49
N VAL I 447 -23.28 14.31 -6.51
CA VAL I 447 -23.15 15.76 -6.47
C VAL I 447 -22.55 16.15 -5.13
N LYS I 448 -21.53 17.00 -5.18
CA LYS I 448 -20.92 17.52 -3.95
C LYS I 448 -21.81 18.62 -3.39
N ILE I 449 -22.07 18.54 -2.09
CA ILE I 449 -22.84 19.59 -1.42
C ILE I 449 -21.90 20.73 -1.08
N GLU I 450 -22.25 21.94 -1.54
CA GLU I 450 -21.50 23.16 -1.30
C GLU I 450 -22.32 24.07 -0.38
N PRO I 451 -22.06 24.08 0.94
CA PRO I 451 -22.84 25.00 1.80
C PRO I 451 -22.52 26.45 1.47
N LEU I 452 -23.50 27.12 0.86
CA LEU I 452 -23.28 28.40 0.23
C LEU I 452 -23.15 29.52 1.25
N GLY I 453 -22.73 30.69 0.76
CA GLY I 453 -22.46 31.84 1.59
C GLY I 453 -23.42 32.98 1.36
N VAL I 454 -22.95 34.01 0.66
CA VAL I 454 -23.56 35.34 0.72
C VAL I 454 -24.95 35.33 0.10
N ALA I 455 -25.83 36.17 0.68
CA ALA I 455 -27.15 36.45 0.17
C ALA I 455 -27.63 37.71 0.89
N PRO I 456 -28.04 38.77 0.19
CA PRO I 456 -28.41 40.00 0.90
C PRO I 456 -29.67 39.81 1.73
N THR I 457 -29.75 40.56 2.84
CA THR I 457 -30.87 40.53 3.75
C THR I 457 -31.19 41.94 4.20
N ARG I 458 -32.30 42.08 4.93
CA ARG I 458 -32.67 43.34 5.55
C ARG I 458 -31.78 43.68 6.74
N CYS I 459 -30.90 42.77 7.17
CA CYS I 459 -29.98 43.02 8.26
C CYS I 459 -29.09 44.22 7.96
N LYS I 460 -28.38 44.67 9.00
CA LYS I 460 -27.47 45.79 8.91
C LYS I 460 -26.13 45.41 9.53
N ARG I 461 -25.16 46.29 9.38
CA ARG I 461 -23.78 46.00 9.74
C ARG I 461 -23.65 45.72 11.24
N ARG I 462 -22.51 45.13 11.60
CA ARG I 462 -22.19 44.84 13.00
C ARG I 462 -21.54 46.08 13.63
N VAL I 463 -22.36 46.90 14.29
CA VAL I 463 -21.94 48.24 14.71
C VAL I 463 -21.11 48.15 15.99
N VAL I 464 -19.81 48.46 15.86
CA VAL I 464 -18.85 48.51 16.97
C VAL I 464 -18.89 47.20 17.76
N GLY I 465 -19.01 46.08 17.05
CA GLY I 465 -18.88 44.77 17.66
C GLY I 465 -19.95 44.45 18.70
N ARG I 466 -21.04 45.20 18.71
CA ARG I 466 -22.10 44.94 19.69
C ARG I 466 -22.84 43.65 19.33
N ARG I 467 -23.24 42.91 20.36
CA ARG I 467 -23.92 41.65 20.15
C ARG I 467 -25.30 41.88 19.55
N ARG I 468 -25.70 40.96 18.67
CA ARG I 468 -27.03 40.99 18.07
C ARG I 468 -27.40 39.60 17.61
N ARG I 469 -28.65 39.22 17.89
CA ARG I 469 -29.18 37.91 17.52
C ARG I 469 -30.29 38.05 16.50
N ARG I 470 -31.32 38.82 16.84
CA ARG I 470 -32.58 38.78 16.12
C ARG I 470 -32.49 39.53 14.80
N ARG I 471 -32.70 38.78 13.70
CA ARG I 471 -32.44 39.14 12.29
C ARG I 471 -31.04 38.92 11.69
N ALA J 1 -38.43 22.28 5.52
CA ALA J 1 -39.09 21.82 6.73
C ALA J 1 -38.49 22.49 7.97
N VAL J 2 -39.30 22.62 9.01
CA VAL J 2 -38.89 23.25 10.26
C VAL J 2 -38.80 22.16 11.33
N GLY J 3 -37.75 22.22 12.14
CA GLY J 3 -37.41 21.13 13.04
C GLY J 3 -35.94 20.83 12.90
N ILE J 4 -35.37 20.26 13.95
CA ILE J 4 -33.91 20.07 14.03
C ILE J 4 -33.52 18.67 14.49
N GLY J 5 -34.45 17.93 15.08
CA GLY J 5 -34.16 16.55 15.40
C GLY J 5 -33.94 15.80 14.10
N ALA J 6 -35.04 15.58 13.37
CA ALA J 6 -35.04 15.31 11.94
C ALA J 6 -34.06 14.22 11.52
N VAL J 7 -33.75 14.18 10.23
CA VAL J 7 -32.64 13.40 9.69
C VAL J 7 -32.05 14.23 8.56
N PHE J 8 -30.79 13.96 8.21
CA PHE J 8 -30.19 14.61 7.04
C PHE J 8 -31.07 14.38 5.81
N LEU J 9 -31.59 13.16 5.67
CA LEU J 9 -32.71 12.90 4.77
C LEU J 9 -34.04 13.14 5.48
N GLY J 10 -34.16 14.28 6.17
CA GLY J 10 -35.42 14.75 6.72
C GLY J 10 -35.73 16.20 6.40
N PHE J 11 -34.69 16.97 6.03
CA PHE J 11 -34.80 18.41 5.81
C PHE J 11 -34.53 18.79 4.35
N LEU J 12 -33.82 17.96 3.59
CA LEU J 12 -33.39 18.32 2.26
C LEU J 12 -34.52 18.57 1.28
N GLY J 13 -35.78 18.37 1.67
CA GLY J 13 -36.90 18.86 0.91
C GLY J 13 -36.90 20.37 0.77
N ALA J 14 -36.16 21.05 1.67
CA ALA J 14 -35.97 22.49 1.54
C ALA J 14 -35.12 22.87 0.34
N ALA J 15 -34.49 21.90 -0.32
CA ALA J 15 -33.77 22.19 -1.56
C ALA J 15 -34.67 22.76 -2.64
N GLY J 16 -35.98 22.49 -2.56
CA GLY J 16 -36.96 23.10 -3.45
C GLY J 16 -37.78 24.19 -2.77
N SER J 17 -37.87 24.15 -1.44
CA SER J 17 -38.69 25.11 -0.73
C SER J 17 -38.05 26.50 -0.77
N THR J 18 -38.73 27.44 -0.11
CA THR J 18 -38.27 28.82 -0.13
C THR J 18 -36.99 28.97 0.69
N MET J 19 -36.24 30.04 0.41
CA MET J 19 -35.01 30.29 1.17
C MET J 19 -35.31 30.58 2.62
N GLY J 20 -36.47 31.16 2.91
CA GLY J 20 -36.87 31.40 4.28
C GLY J 20 -37.06 30.13 5.07
N ALA J 21 -37.78 29.17 4.47
CA ALA J 21 -37.97 27.88 5.13
C ALA J 21 -36.67 27.09 5.18
N ALA J 22 -35.84 27.24 4.15
CA ALA J 22 -34.54 26.58 4.13
C ALA J 22 -33.57 27.18 5.14
N SER J 23 -33.74 28.45 5.51
CA SER J 23 -32.87 29.09 6.49
C SER J 23 -32.97 28.47 7.88
N MET J 24 -34.09 27.84 8.20
CA MET J 24 -34.25 27.10 9.45
C MET J 24 -33.88 25.64 9.21
N THR J 25 -33.54 24.95 10.29
CA THR J 25 -32.88 23.65 10.23
C THR J 25 -31.60 23.73 9.40
N LEU J 26 -30.86 24.83 9.55
CA LEU J 26 -29.61 25.00 8.84
C LEU J 26 -28.48 24.20 9.48
N THR J 27 -28.71 23.60 10.65
CA THR J 27 -27.67 22.89 11.38
C THR J 27 -27.49 21.45 10.89
N VAL J 28 -28.53 20.85 10.32
CA VAL J 28 -28.46 19.43 9.99
C VAL J 28 -27.41 19.15 8.91
N GLN J 29 -27.25 20.07 7.95
CA GLN J 29 -26.16 19.92 6.99
C GLN J 29 -24.81 20.01 7.68
N ALA J 30 -24.66 20.94 8.63
CA ALA J 30 -23.40 21.08 9.35
C ALA J 30 -23.04 19.81 10.13
N ARG J 31 -24.03 19.03 10.55
CA ARG J 31 -23.76 17.75 11.21
C ARG J 31 -23.31 16.69 10.20
N ASN J 32 -23.94 16.67 9.01
CA ASN J 32 -23.73 15.57 8.08
C ASN J 32 -22.37 15.66 7.41
N LEU J 33 -21.83 16.87 7.26
CA LEU J 33 -20.57 17.03 6.52
C LEU J 33 -19.38 16.44 7.25
N LEU J 34 -19.52 16.07 8.52
CA LEU J 34 -18.36 15.68 9.32
C LEU J 34 -17.88 14.27 8.95
N SER J 35 -18.70 13.25 9.23
CA SER J 35 -18.31 11.86 9.04
C SER J 35 -19.31 11.11 8.17
N GLY J 36 -20.60 11.41 8.32
CA GLY J 36 -21.61 10.75 7.51
C GLY J 36 -21.64 9.25 7.77
N ILE J 37 -21.64 8.48 6.69
CA ILE J 37 -21.73 7.02 6.74
C ILE J 37 -20.35 6.36 6.60
N VAL J 38 -19.27 7.11 6.80
CA VAL J 38 -17.92 6.57 6.66
C VAL J 38 -17.02 7.15 7.75
N LYS J 56 -7.50 -8.56 4.70
CA LYS J 56 -6.35 -7.93 4.05
C LYS J 56 -6.76 -6.66 3.33
N LEU J 57 -5.78 -5.84 2.96
CA LEU J 57 -6.06 -4.61 2.24
C LEU J 57 -6.61 -4.92 0.86
N THR J 58 -7.62 -4.15 0.45
CA THR J 58 -8.20 -4.26 -0.88
C THR J 58 -8.73 -2.89 -1.28
N VAL J 59 -9.59 -2.87 -2.30
CA VAL J 59 -9.99 -1.61 -2.93
C VAL J 59 -10.72 -0.71 -1.94
N TRP J 60 -11.70 -1.26 -1.22
CA TRP J 60 -12.47 -0.40 -0.29
C TRP J 60 -11.62 0.07 0.87
N GLY J 61 -10.61 -0.71 1.26
CA GLY J 61 -9.76 -0.30 2.37
C GLY J 61 -9.00 0.99 2.08
N ILE J 62 -8.40 1.07 0.89
CA ILE J 62 -7.72 2.31 0.52
C ILE J 62 -8.73 3.42 0.23
N LYS J 63 -9.92 3.07 -0.26
CA LYS J 63 -10.94 4.10 -0.53
C LYS J 63 -11.40 4.75 0.77
N GLN J 64 -11.38 4.01 1.88
CA GLN J 64 -11.75 4.59 3.16
C GLN J 64 -10.72 5.60 3.65
N LEU J 65 -9.50 5.57 3.13
CA LEU J 65 -8.49 6.59 3.42
C LEU J 65 -8.50 7.71 2.38
N GLN J 66 -8.81 7.38 1.13
CA GLN J 66 -8.87 8.40 0.09
C GLN J 66 -10.04 9.35 0.32
N ALA J 67 -11.23 8.80 0.55
CA ALA J 67 -12.43 9.63 0.68
C ALA J 67 -12.51 10.32 2.03
N ARG J 68 -12.10 9.62 3.09
CA ARG J 68 -12.25 10.16 4.44
C ARG J 68 -11.42 11.41 4.64
N VAL J 69 -10.18 11.42 4.14
CA VAL J 69 -9.30 12.56 4.37
C VAL J 69 -9.81 13.78 3.62
N LEU J 70 -10.40 13.60 2.44
CA LEU J 70 -10.97 14.74 1.72
C LEU J 70 -12.24 15.25 2.39
N ALA J 71 -13.03 14.37 3.01
CA ALA J 71 -14.20 14.83 3.74
C ALA J 71 -13.80 15.74 4.90
N VAL J 72 -12.74 15.38 5.61
CA VAL J 72 -12.22 16.26 6.66
C VAL J 72 -11.64 17.52 6.04
N GLU J 73 -10.93 17.38 4.92
CA GLU J 73 -10.25 18.53 4.32
C GLU J 73 -11.22 19.59 3.85
N ARG J 74 -12.34 19.17 3.25
CA ARG J 74 -13.33 20.15 2.80
C ARG J 74 -13.99 20.88 3.97
N TYR J 75 -14.21 20.18 5.07
CA TYR J 75 -14.84 20.81 6.24
C TYR J 75 -13.95 21.90 6.82
N LEU J 76 -12.64 21.64 6.90
CA LEU J 76 -11.74 22.65 7.44
C LEU J 76 -11.70 23.89 6.58
N ARG J 77 -11.73 23.72 5.26
CA ARG J 77 -11.70 24.87 4.35
C ARG J 77 -12.93 25.76 4.51
N ASP J 78 -14.07 25.19 4.91
CA ASP J 78 -15.27 25.99 5.13
C ASP J 78 -15.21 26.72 6.47
N GLN J 79 -14.80 26.03 7.52
CA GLN J 79 -14.65 26.68 8.83
C GLN J 79 -13.47 27.65 8.83
N GLN J 80 -12.53 27.48 7.91
CA GLN J 80 -11.42 28.42 7.79
C GLN J 80 -11.94 29.81 7.42
N LEU J 81 -12.95 29.88 6.55
CA LEU J 81 -13.45 31.17 6.08
C LEU J 81 -14.33 31.86 7.13
N LEU J 82 -15.10 31.09 7.88
CA LEU J 82 -15.88 31.69 8.96
C LEU J 82 -14.98 32.26 10.05
N GLY J 83 -13.91 31.54 10.39
CA GLY J 83 -13.00 32.01 11.43
C GLY J 83 -12.29 33.30 11.10
N ILE J 84 -12.24 33.69 9.83
CA ILE J 84 -11.63 34.93 9.39
C ILE J 84 -12.65 36.04 9.21
N TRP J 85 -13.83 35.72 8.67
CA TRP J 85 -14.83 36.74 8.40
C TRP J 85 -15.49 37.27 9.66
N GLY J 86 -15.23 36.66 10.82
CA GLY J 86 -15.92 37.03 12.04
C GLY J 86 -17.25 36.31 12.26
N CYS J 87 -17.59 35.34 11.42
CA CYS J 87 -18.79 34.53 11.59
C CYS J 87 -18.48 33.16 12.18
N SER J 88 -17.50 33.08 13.06
CA SER J 88 -17.11 31.80 13.63
C SER J 88 -18.22 31.23 14.50
N GLY J 89 -18.58 29.98 14.24
CA GLY J 89 -19.54 29.27 15.07
C GLY J 89 -20.99 29.65 14.87
N LYS J 90 -21.29 30.57 13.96
CA LYS J 90 -22.65 31.03 13.71
C LYS J 90 -23.11 30.52 12.36
N LEU J 91 -24.29 29.89 12.33
CA LEU J 91 -24.86 29.44 11.06
C LEU J 91 -25.26 30.64 10.22
N ILE J 92 -26.17 31.46 10.73
CA ILE J 92 -26.47 32.75 10.11
C ILE J 92 -25.43 33.76 10.61
N CYS J 93 -25.15 34.78 9.81
CA CYS J 93 -24.20 35.80 10.22
C CYS J 93 -24.33 37.01 9.33
N CYS J 94 -24.55 38.18 9.93
CA CYS J 94 -24.51 39.45 9.22
C CYS J 94 -23.06 39.92 9.12
N THR J 95 -22.77 40.64 8.05
CA THR J 95 -21.44 41.18 7.80
C THR J 95 -21.56 42.63 7.35
N ASN J 96 -20.53 43.42 7.67
CA ASN J 96 -20.51 44.84 7.34
C ASN J 96 -20.01 45.02 5.91
N VAL J 97 -20.89 44.71 4.97
CA VAL J 97 -20.68 44.95 3.55
C VAL J 97 -21.98 45.45 2.95
N PRO J 98 -22.03 46.60 2.28
CA PRO J 98 -23.27 46.98 1.58
C PRO J 98 -23.42 46.24 0.27
N TRP J 99 -24.63 45.75 0.02
CA TRP J 99 -24.89 44.95 -1.17
C TRP J 99 -24.90 45.85 -2.40
N ASN J 100 -23.95 45.63 -3.29
CA ASN J 100 -23.90 46.37 -4.55
C ASN J 100 -25.03 45.90 -5.46
N SER J 101 -25.77 46.85 -6.03
CA SER J 101 -26.90 46.50 -6.88
C SER J 101 -26.47 45.79 -8.16
N SER J 102 -25.21 45.93 -8.57
CA SER J 102 -24.73 45.25 -9.76
C SER J 102 -24.76 43.73 -9.62
N TRP J 103 -24.47 43.21 -8.42
CA TRP J 103 -24.53 41.77 -8.21
C TRP J 103 -25.95 41.24 -8.35
N SER J 104 -26.92 41.97 -7.81
CA SER J 104 -28.33 41.59 -7.95
C SER J 104 -29.18 42.80 -7.60
N ASN J 105 -30.44 42.75 -8.02
CA ASN J 105 -31.36 43.84 -7.71
C ASN J 105 -31.59 43.94 -6.21
N ARG J 106 -31.81 45.16 -5.73
CA ARG J 106 -31.98 45.40 -4.30
C ARG J 106 -33.44 45.22 -3.90
N ASN J 107 -34.03 44.07 -4.25
CA ASN J 107 -35.37 43.72 -3.79
C ASN J 107 -35.48 42.22 -3.49
N LEU J 108 -34.37 41.56 -3.16
CA LEU J 108 -34.42 40.14 -2.87
C LEU J 108 -35.28 39.84 -1.65
N SER J 109 -35.41 40.80 -0.73
CA SER J 109 -36.28 40.63 0.42
C SER J 109 -37.71 40.31 0.03
N GLU J 110 -38.17 40.82 -1.12
CA GLU J 110 -39.46 40.43 -1.68
C GLU J 110 -39.38 39.08 -2.39
N ILE J 111 -38.23 38.77 -2.98
CA ILE J 111 -38.16 37.66 -3.93
C ILE J 111 -37.89 36.33 -3.23
N TRP J 112 -37.11 36.32 -2.14
CA TRP J 112 -36.67 35.02 -1.64
C TRP J 112 -37.78 34.20 -0.99
N ASP J 113 -39.02 34.70 -0.93
CA ASP J 113 -40.16 33.85 -0.66
C ASP J 113 -40.52 32.96 -1.84
N ASN J 114 -39.99 33.24 -3.03
CA ASN J 114 -40.22 32.42 -4.22
C ASN J 114 -39.04 31.51 -4.53
N MET J 115 -37.84 32.06 -4.68
CA MET J 115 -36.69 31.28 -5.07
C MET J 115 -36.30 30.29 -3.97
N THR J 116 -35.73 29.17 -4.39
CA THR J 116 -35.01 28.29 -3.48
C THR J 116 -33.52 28.59 -3.55
N TRP J 117 -32.79 28.11 -2.53
CA TRP J 117 -31.35 28.33 -2.51
C TRP J 117 -30.66 27.71 -3.72
N LEU J 118 -31.21 26.59 -4.21
CA LEU J 118 -30.67 25.96 -5.41
C LEU J 118 -30.79 26.86 -6.64
N GLN J 119 -31.74 27.79 -6.65
CA GLN J 119 -31.91 28.73 -7.75
C GLN J 119 -31.16 30.04 -7.50
N TRP J 120 -30.96 30.41 -6.24
CA TRP J 120 -30.27 31.65 -5.94
C TRP J 120 -28.80 31.58 -6.36
N ASP J 121 -28.19 30.39 -6.23
CA ASP J 121 -26.76 30.26 -6.50
C ASP J 121 -26.43 30.59 -7.94
N LYS J 122 -27.35 30.34 -8.86
CA LYS J 122 -27.10 30.62 -10.27
C LYS J 122 -26.91 32.11 -10.54
N GLU J 123 -27.45 32.97 -9.70
CA GLU J 123 -27.34 34.41 -9.92
C GLU J 123 -25.97 34.94 -9.51
N ILE J 124 -25.44 34.47 -8.38
CA ILE J 124 -24.19 34.98 -7.82
C ILE J 124 -23.02 34.09 -8.20
N SER J 125 -23.17 33.28 -9.26
CA SER J 125 -22.15 32.31 -9.61
C SER J 125 -20.83 33.00 -9.98
N ASN J 126 -20.91 34.06 -10.78
CA ASN J 126 -19.70 34.76 -11.19
C ASN J 126 -19.18 35.66 -10.07
N TYR J 127 -20.09 36.22 -9.26
CA TYR J 127 -19.73 37.27 -8.31
C TYR J 127 -19.29 36.73 -6.95
N THR J 128 -19.41 35.43 -6.70
CA THR J 128 -19.15 34.91 -5.36
C THR J 128 -17.69 35.11 -4.96
N GLN J 129 -16.75 34.83 -5.87
CA GLN J 129 -15.35 35.02 -5.53
C GLN J 129 -15.01 36.49 -5.35
N ILE J 130 -15.71 37.38 -6.06
CA ILE J 130 -15.48 38.82 -5.88
C ILE J 130 -16.01 39.27 -4.52
N ILE J 131 -17.17 38.74 -4.12
CA ILE J 131 -17.80 39.18 -2.87
C ILE J 131 -16.94 38.80 -1.67
N TYR J 132 -16.28 37.64 -1.72
CA TYR J 132 -15.45 37.20 -0.60
C TYR J 132 -14.33 38.19 -0.31
N GLY J 133 -13.88 38.93 -1.33
CA GLY J 133 -12.91 39.99 -1.08
C GLY J 133 -13.49 41.07 -0.20
N LEU J 134 -14.74 41.49 -0.46
CA LEU J 134 -15.36 42.51 0.35
C LEU J 134 -15.55 42.07 1.80
N LEU J 135 -15.97 40.82 2.02
CA LEU J 135 -16.12 40.31 3.38
C LEU J 135 -14.77 40.27 4.09
N GLU J 136 -13.72 39.91 3.37
CA GLU J 136 -12.37 40.03 3.90
C GLU J 136 -12.02 41.48 4.19
N GLU J 137 -12.40 42.39 3.29
CA GLU J 137 -12.19 43.81 3.56
C GLU J 137 -13.00 44.26 4.76
N SER J 138 -14.20 43.71 4.92
CA SER J 138 -15.06 44.08 6.05
C SER J 138 -14.39 43.75 7.37
N GLN J 139 -13.80 42.55 7.48
CA GLN J 139 -13.04 42.21 8.68
C GLN J 139 -11.85 43.13 8.85
N ASN J 140 -11.27 43.61 7.75
CA ASN J 140 -10.09 44.46 7.83
C ASN J 140 -10.43 45.95 7.89
N GLN J 141 -11.71 46.30 7.91
CA GLN J 141 -12.11 47.54 8.56
C GLN J 141 -11.99 47.39 10.07
N GLN J 142 -12.25 46.17 10.58
CA GLN J 142 -11.99 45.89 11.99
C GLN J 142 -10.53 45.66 12.28
N GLU J 143 -9.78 45.00 11.39
CA GLU J 143 -8.38 44.70 11.67
C GLU J 143 -7.51 45.95 11.60
N LYS J 144 -7.82 46.87 10.67
CA LYS J 144 -7.16 48.18 10.69
C LYS J 144 -7.37 48.86 12.03
N ASN J 145 -8.54 48.64 12.63
CA ASN J 145 -8.81 49.05 14.01
C ASN J 145 -8.53 47.90 14.96
N GLU J 146 -7.28 47.46 15.07
CA GLU J 146 -6.84 46.57 16.15
C GLU J 146 -5.46 46.94 16.65
N GLN J 147 -5.02 48.18 16.44
CA GLN J 147 -3.74 48.67 16.95
C GLN J 147 -3.78 50.07 17.54
N ASP J 148 -4.77 50.91 17.21
CA ASP J 148 -4.58 52.35 17.40
C ASP J 148 -4.91 52.83 18.81
N LEU J 149 -6.19 52.84 19.21
CA LEU J 149 -6.61 53.66 20.36
C LEU J 149 -7.35 52.94 21.48
N LEU J 150 -8.46 52.26 21.16
CA LEU J 150 -9.50 52.05 22.16
C LEU J 150 -9.08 51.09 23.25
N ALA J 151 -8.47 49.96 22.87
CA ALA J 151 -8.21 48.90 23.81
C ALA J 151 -6.93 49.13 24.62
N LEU J 152 -6.82 50.31 25.23
CA LEU J 152 -5.94 50.45 26.38
C LEU J 152 -6.45 49.62 27.54
N ASP J 153 -7.75 49.36 27.58
CA ASP J 153 -8.34 48.37 28.48
C ASP J 153 -8.20 46.98 27.86
N GLN K 1 -1.19 11.10 -33.11
CA GLN K 1 -0.30 10.62 -34.18
C GLN K 1 -0.64 9.18 -34.56
N VAL K 2 -1.94 8.84 -34.49
CA VAL K 2 -2.38 7.51 -34.89
C VAL K 2 -2.51 7.47 -36.41
N GLN K 3 -1.99 6.41 -37.01
CA GLN K 3 -2.00 6.25 -38.45
C GLN K 3 -2.25 4.78 -38.78
N LEU K 4 -2.83 4.56 -39.97
CA LEU K 4 -3.36 3.24 -40.37
C LEU K 4 -2.58 2.77 -41.60
N VAL K 5 -1.61 1.88 -41.37
CA VAL K 5 -0.84 1.31 -42.46
C VAL K 5 -1.68 0.24 -43.14
N GLN K 6 -1.81 0.32 -44.46
CA GLN K 6 -2.71 -0.51 -45.24
C GLN K 6 -1.98 -1.11 -46.43
N SER K 7 -2.38 -2.32 -46.79
CA SER K 7 -1.87 -2.98 -47.99
C SER K 7 -2.93 -3.92 -48.51
N GLY K 8 -2.95 -4.17 -49.83
CA GLY K 8 -2.09 -3.67 -50.90
C GLY K 8 -2.75 -3.93 -52.24
N GLY K 9 -2.38 -3.15 -53.25
CA GLY K 9 -3.01 -3.24 -54.56
C GLY K 9 -2.89 -4.62 -55.18
N GLN K 10 -3.96 -5.08 -55.83
CA GLN K 10 -3.97 -6.43 -56.38
C GLN K 10 -5.02 -6.53 -57.48
N MET K 11 -4.85 -7.54 -58.34
CA MET K 11 -5.74 -7.85 -59.44
C MET K 11 -6.41 -9.18 -59.15
N LYS K 12 -7.67 -9.33 -59.58
CA LYS K 12 -8.43 -10.55 -59.35
C LYS K 12 -9.29 -10.86 -60.56
N LYS K 13 -9.68 -12.14 -60.67
CA LYS K 13 -10.67 -12.56 -61.63
C LYS K 13 -12.07 -12.48 -61.02
N PRO K 14 -13.12 -12.54 -61.83
CA PRO K 14 -14.46 -12.65 -61.25
C PRO K 14 -14.64 -13.96 -60.50
N GLY K 15 -15.47 -13.91 -59.46
CA GLY K 15 -15.85 -15.11 -58.72
C GLY K 15 -14.97 -15.43 -57.53
N GLU K 16 -13.67 -15.20 -57.64
CA GLU K 16 -12.77 -15.55 -56.55
C GLU K 16 -12.80 -14.49 -55.46
N SER K 17 -12.37 -14.89 -54.27
CA SER K 17 -12.42 -14.03 -53.10
C SER K 17 -11.15 -13.17 -53.01
N MET K 18 -11.10 -12.33 -51.98
CA MET K 18 -10.06 -11.33 -51.82
C MET K 18 -9.92 -11.02 -50.33
N ARG K 19 -8.71 -10.65 -49.92
CA ARG K 19 -8.42 -10.33 -48.52
C ARG K 19 -7.52 -9.11 -48.45
N ILE K 20 -7.87 -8.17 -47.56
CA ILE K 20 -7.15 -6.92 -47.38
C ILE K 20 -6.84 -6.78 -45.89
N SER K 21 -5.71 -6.13 -45.59
CA SER K 21 -5.26 -5.91 -44.22
C SER K 21 -5.23 -4.42 -43.91
N CYS K 22 -5.19 -4.11 -42.61
CA CYS K 22 -5.05 -2.74 -42.12
C CYS K 22 -4.46 -2.80 -40.72
N ARG K 23 -3.36 -2.09 -40.50
CA ARG K 23 -2.64 -2.11 -39.23
C ARG K 23 -2.73 -0.74 -38.58
N ALA K 24 -3.13 -0.71 -37.32
CA ALA K 24 -3.21 0.52 -36.55
C ALA K 24 -1.93 0.67 -35.72
N SER K 25 -1.26 1.81 -35.87
CA SER K 25 0.03 2.05 -35.24
C SER K 25 0.04 3.42 -34.58
N GLY K 26 1.09 3.68 -33.81
CA GLY K 26 1.20 4.92 -33.07
C GLY K 26 0.06 5.16 -32.12
N TYR K 27 -0.37 4.13 -31.39
CA TYR K 27 -1.66 4.12 -30.71
C TYR K 27 -1.61 3.04 -29.65
N GLU K 28 -1.97 3.42 -28.41
CA GLU K 28 -1.67 2.57 -27.26
C GLU K 28 -2.35 1.20 -27.36
N PHE K 29 -3.66 1.18 -27.58
CA PHE K 29 -4.37 -0.07 -27.75
C PHE K 29 -5.57 0.18 -28.65
N ILE K 30 -5.91 -0.83 -29.44
CA ILE K 30 -7.10 -0.75 -30.29
C ILE K 30 -8.32 -1.06 -29.45
N ASP K 31 -8.90 0.00 -28.87
CA ASP K 31 -10.14 -0.08 -28.11
C ASP K 31 -11.32 0.58 -28.83
N CYS K 32 -11.06 1.30 -29.92
CA CYS K 32 -12.05 2.12 -30.58
C CYS K 32 -12.39 1.52 -31.94
N THR K 33 -13.57 1.89 -32.46
CA THR K 33 -14.10 1.24 -33.65
C THR K 33 -13.21 1.51 -34.85
N LEU K 34 -13.51 0.82 -35.95
CA LEU K 34 -12.71 0.88 -37.16
C LEU K 34 -13.58 0.42 -38.32
N ASN K 35 -13.38 1.03 -39.49
CA ASN K 35 -14.32 0.96 -40.60
C ASN K 35 -13.60 0.61 -41.89
N TRP K 36 -14.40 0.29 -42.91
CA TRP K 36 -13.94 0.18 -44.30
C TRP K 36 -14.94 0.86 -45.21
N ILE K 37 -14.41 1.52 -46.25
CA ILE K 37 -15.21 2.33 -47.18
C ILE K 37 -14.72 2.06 -48.60
N ARG K 38 -15.65 2.07 -49.54
CA ARG K 38 -15.40 1.79 -50.96
C ARG K 38 -15.57 3.09 -51.73
N LEU K 39 -14.46 3.67 -52.18
CA LEU K 39 -14.49 4.91 -52.95
C LEU K 39 -14.44 4.61 -54.45
N ALA K 40 -15.54 4.08 -54.96
CA ALA K 40 -15.61 3.73 -56.37
C ALA K 40 -15.65 4.99 -57.22
N PRO K 41 -14.78 5.13 -58.23
CA PRO K 41 -14.90 6.30 -59.12
C PRO K 41 -16.22 6.32 -59.86
N GLY K 42 -16.78 7.51 -60.04
CA GLY K 42 -18.02 7.68 -60.76
C GLY K 42 -19.26 7.26 -60.00
N LYS K 43 -19.14 6.90 -58.73
CA LYS K 43 -20.25 6.46 -57.90
C LYS K 43 -20.13 7.09 -56.52
N ARG K 44 -21.25 7.17 -55.82
CA ARG K 44 -21.21 7.67 -54.46
C ARG K 44 -20.41 6.68 -53.59
N PRO K 45 -19.71 7.14 -52.56
CA PRO K 45 -19.00 6.21 -51.69
C PRO K 45 -19.97 5.24 -51.01
N GLU K 46 -19.55 3.99 -50.90
CA GLU K 46 -20.29 2.96 -50.19
C GLU K 46 -19.56 2.63 -48.89
N TRP K 47 -20.32 2.47 -47.82
CA TRP K 47 -19.75 2.14 -46.52
C TRP K 47 -19.95 0.66 -46.22
N MET K 48 -18.89 0.04 -45.70
CA MET K 48 -18.88 -1.36 -45.31
C MET K 48 -18.59 -1.44 -43.81
N GLY K 49 -19.14 -2.46 -43.16
CA GLY K 49 -19.36 -2.49 -41.73
C GLY K 49 -18.25 -2.04 -40.81
N TRP K 50 -18.61 -1.54 -39.63
CA TRP K 50 -17.59 -1.21 -38.64
C TRP K 50 -17.03 -2.49 -38.03
N LEU K 51 -16.03 -2.33 -37.18
CA LEU K 51 -15.46 -3.43 -36.44
C LEU K 51 -15.00 -2.90 -35.09
N LYS K 52 -15.49 -3.51 -34.01
CA LYS K 52 -15.14 -3.13 -32.66
C LYS K 52 -14.02 -4.05 -32.18
N PRO K 53 -12.74 -3.68 -32.29
CA PRO K 53 -11.67 -4.67 -32.08
C PRO K 53 -11.59 -5.23 -30.67
N ARG K 54 -12.24 -4.62 -29.69
CA ARG K 54 -12.22 -5.15 -28.33
C ARG K 54 -12.85 -6.52 -28.27
N GLY K 55 -14.15 -6.60 -28.56
CA GLY K 55 -14.86 -7.86 -28.59
C GLY K 55 -14.99 -8.50 -29.95
N GLY K 56 -14.65 -7.78 -31.02
CA GLY K 56 -14.78 -8.28 -32.37
C GLY K 56 -16.15 -8.10 -32.99
N ALA K 57 -17.06 -7.39 -32.33
CA ALA K 57 -18.41 -7.21 -32.86
C ALA K 57 -18.37 -6.46 -34.18
N VAL K 58 -19.25 -6.84 -35.10
CA VAL K 58 -19.19 -6.39 -36.48
C VAL K 58 -20.60 -6.17 -36.99
N ASN K 59 -20.74 -5.27 -37.99
CA ASN K 59 -22.05 -4.87 -38.49
C ASN K 59 -21.98 -4.65 -40.01
N TYR K 60 -22.21 -5.73 -40.77
CA TYR K 60 -22.12 -5.63 -42.22
C TYR K 60 -23.32 -4.87 -42.76
N ALA K 61 -23.06 -3.96 -43.70
CA ALA K 61 -23.99 -2.87 -43.93
C ALA K 61 -24.99 -3.09 -45.07
N ARG K 62 -24.48 -3.16 -46.27
CA ARG K 62 -25.22 -3.07 -47.52
C ARG K 62 -25.66 -4.49 -47.89
N PRO K 63 -26.21 -4.75 -49.07
CA PRO K 63 -26.33 -6.15 -49.52
C PRO K 63 -25.02 -6.96 -49.51
N LEU K 64 -23.86 -6.34 -49.23
CA LEU K 64 -22.64 -7.08 -48.92
C LEU K 64 -22.73 -7.94 -47.66
N GLN K 65 -23.81 -7.89 -46.88
CA GLN K 65 -23.85 -8.68 -45.65
C GLN K 65 -23.82 -10.18 -45.92
N GLY K 66 -24.17 -10.62 -47.12
CA GLY K 66 -24.00 -12.01 -47.50
C GLY K 66 -22.64 -12.38 -48.02
N ARG K 67 -21.75 -11.40 -48.23
CA ARG K 67 -20.45 -11.61 -48.87
C ARG K 67 -19.29 -11.25 -47.96
N VAL K 68 -19.33 -10.09 -47.30
CA VAL K 68 -18.17 -9.62 -46.56
C VAL K 68 -18.04 -10.37 -45.25
N THR K 69 -16.80 -10.69 -44.87
CA THR K 69 -16.48 -11.20 -43.55
C THR K 69 -15.22 -10.52 -43.06
N MET K 70 -15.20 -10.19 -41.78
CA MET K 70 -14.23 -9.27 -41.21
C MET K 70 -13.73 -9.80 -39.87
N THR K 71 -12.42 -9.74 -39.66
CA THR K 71 -11.79 -10.27 -38.46
C THR K 71 -10.77 -9.26 -37.96
N ARG K 72 -10.05 -9.65 -36.91
CA ARG K 72 -8.96 -8.84 -36.39
C ARG K 72 -7.99 -9.72 -35.63
N ASP K 73 -6.83 -9.17 -35.31
CA ASP K 73 -5.77 -9.86 -34.58
C ASP K 73 -5.27 -8.89 -33.49
N VAL K 74 -5.89 -8.97 -32.31
CA VAL K 74 -5.65 -7.97 -31.28
C VAL K 74 -4.22 -8.00 -30.77
N TYR K 75 -3.51 -9.13 -30.89
CA TYR K 75 -2.14 -9.22 -30.42
C TYR K 75 -1.12 -8.67 -31.42
N SER K 76 -1.57 -8.25 -32.61
CA SER K 76 -0.71 -7.64 -33.61
C SER K 76 -1.23 -6.27 -34.05
N ASP K 77 -2.34 -5.80 -33.48
CA ASP K 77 -2.93 -4.51 -33.81
C ASP K 77 -3.23 -4.42 -35.30
N THR K 78 -3.91 -5.43 -35.83
CA THR K 78 -4.22 -5.53 -37.25
C THR K 78 -5.69 -5.90 -37.41
N ALA K 79 -6.30 -5.41 -38.50
CA ALA K 79 -7.67 -5.75 -38.84
C ALA K 79 -7.74 -6.09 -40.32
N PHE K 80 -8.63 -7.03 -40.67
CA PHE K 80 -8.70 -7.58 -42.01
C PHE K 80 -10.11 -7.42 -42.57
N LEU K 81 -10.19 -7.26 -43.88
CA LEU K 81 -11.45 -7.34 -44.62
C LEU K 81 -11.32 -8.45 -45.65
N GLU K 82 -12.39 -9.23 -45.80
CA GLU K 82 -12.43 -10.32 -46.76
C GLU K 82 -13.77 -10.29 -47.47
N LEU K 83 -13.74 -10.34 -48.79
CA LEU K 83 -14.93 -10.23 -49.63
C LEU K 83 -14.98 -11.44 -50.55
N ARG K 84 -16.10 -12.15 -50.52
CA ARG K 84 -16.29 -13.36 -51.32
C ARG K 84 -17.15 -13.05 -52.54
N SER K 85 -16.95 -13.85 -53.59
CA SER K 85 -17.76 -13.76 -54.81
C SER K 85 -17.64 -12.38 -55.45
N LEU K 86 -16.41 -12.03 -55.84
CA LEU K 86 -16.17 -10.74 -56.48
C LEU K 86 -16.88 -10.67 -57.82
N THR K 87 -17.72 -9.66 -57.98
CA THR K 87 -18.32 -9.33 -59.27
C THR K 87 -17.46 -8.28 -59.98
N VAL K 88 -17.79 -8.02 -61.24
CA VAL K 88 -17.06 -7.01 -62.00
C VAL K 88 -17.29 -5.62 -61.44
N ASP K 89 -18.43 -5.39 -60.78
CA ASP K 89 -18.75 -4.06 -60.27
C ASP K 89 -17.98 -3.72 -59.00
N ASP K 90 -17.31 -4.69 -58.38
CA ASP K 90 -16.63 -4.45 -57.11
C ASP K 90 -15.26 -3.80 -57.25
N THR K 91 -14.88 -3.35 -58.46
CA THR K 91 -13.62 -2.65 -58.62
C THR K 91 -13.72 -1.25 -58.04
N ALA K 92 -12.83 -0.92 -57.11
CA ALA K 92 -12.87 0.35 -56.39
C ALA K 92 -11.63 0.42 -55.51
N VAL K 93 -11.53 1.51 -54.74
CA VAL K 93 -10.48 1.69 -53.74
C VAL K 93 -11.10 1.46 -52.36
N TYR K 94 -10.40 0.70 -51.53
CA TYR K 94 -10.90 0.27 -50.23
C TYR K 94 -10.07 0.94 -49.13
N PHE K 95 -10.71 1.79 -48.33
CA PHE K 95 -10.05 2.66 -47.38
C PHE K 95 -10.32 2.20 -45.96
N CYS K 96 -9.26 1.92 -45.20
CA CYS K 96 -9.39 1.60 -43.79
C CYS K 96 -9.36 2.88 -42.97
N THR K 97 -10.49 3.21 -42.33
CA THR K 97 -10.68 4.53 -41.73
C THR K 97 -10.93 4.38 -40.24
N ARG K 98 -10.88 5.52 -39.55
CA ARG K 98 -11.17 5.61 -38.12
C ARG K 98 -11.74 7.00 -37.87
N GLY K 99 -12.57 7.11 -36.83
CA GLY K 99 -13.20 8.36 -36.52
C GLY K 99 -12.25 9.35 -35.88
N LYS K 100 -12.77 10.56 -35.67
CA LYS K 100 -11.97 11.62 -35.06
C LYS K 100 -11.56 11.24 -33.63
N ASN K 101 -12.48 10.65 -32.88
CA ASN K 101 -12.20 10.21 -31.52
C ASN K 101 -13.17 9.09 -31.18
N CYS K 102 -12.84 8.36 -30.12
CA CYS K 102 -13.51 7.10 -29.82
C CYS K 102 -14.96 7.28 -29.37
N ASP K 103 -15.39 8.51 -29.07
CA ASP K 103 -16.76 8.75 -28.62
C ASP K 103 -17.76 8.86 -29.77
N TYR K 104 -17.30 9.23 -30.96
CA TYR K 104 -18.20 9.39 -32.12
C TYR K 104 -17.38 9.08 -33.37
N ASN K 105 -17.60 7.91 -33.95
CA ASN K 105 -16.70 7.39 -34.98
C ASN K 105 -17.09 7.82 -36.40
N TRP K 106 -18.20 8.52 -36.58
CA TRP K 106 -18.70 8.81 -37.92
C TRP K 106 -18.04 10.02 -38.57
N ASP K 107 -17.12 10.69 -37.89
CA ASP K 107 -16.29 11.74 -38.49
C ASP K 107 -14.92 11.12 -38.80
N PHE K 108 -14.84 10.50 -39.98
CA PHE K 108 -13.64 9.77 -40.38
C PHE K 108 -12.50 10.73 -40.66
N GLU K 109 -11.67 10.99 -39.65
CA GLU K 109 -10.54 11.91 -39.81
C GLU K 109 -9.27 11.19 -40.27
N HIS K 110 -9.10 9.93 -39.89
CA HIS K 110 -7.91 9.16 -40.20
C HIS K 110 -8.26 8.08 -41.21
N TRP K 111 -7.54 8.07 -42.33
CA TRP K 111 -7.77 7.13 -43.42
C TRP K 111 -6.47 6.42 -43.74
N GLY K 112 -6.58 5.23 -44.32
CA GLY K 112 -5.42 4.52 -44.80
C GLY K 112 -4.98 5.04 -46.16
N ARG K 113 -3.94 4.40 -46.69
CA ARG K 113 -3.43 4.80 -48.00
C ARG K 113 -4.47 4.61 -49.10
N GLY K 114 -5.18 3.48 -49.06
CA GLY K 114 -6.10 3.09 -50.11
C GLY K 114 -5.59 1.90 -50.89
N THR K 115 -6.37 0.83 -50.92
CA THR K 115 -5.97 -0.42 -51.55
C THR K 115 -6.79 -0.64 -52.82
N PRO K 116 -6.31 -0.29 -54.01
CA PRO K 116 -7.12 -0.48 -55.21
C PRO K 116 -7.24 -1.95 -55.57
N VAL K 117 -8.47 -2.41 -55.75
CA VAL K 117 -8.78 -3.77 -56.17
C VAL K 117 -9.42 -3.68 -57.54
N ILE K 118 -8.79 -4.32 -58.53
CA ILE K 118 -9.27 -4.36 -59.90
C ILE K 118 -9.73 -5.78 -60.19
N VAL K 119 -10.99 -5.93 -60.57
CA VAL K 119 -11.57 -7.22 -60.94
C VAL K 119 -12.22 -7.06 -62.31
N SER K 120 -11.74 -7.83 -63.28
CA SER K 120 -12.25 -7.75 -64.64
C SER K 120 -11.91 -9.05 -65.36
N SER K 121 -12.64 -9.32 -66.43
CA SER K 121 -12.46 -10.54 -67.20
C SER K 121 -11.08 -10.56 -67.86
N GLU L 1 -35.69 6.05 -47.54
CA GLU L 1 -35.83 7.45 -47.93
C GLU L 1 -34.68 8.33 -47.42
N ILE L 2 -33.66 7.71 -46.81
CA ILE L 2 -32.53 8.44 -46.25
C ILE L 2 -31.51 8.61 -47.37
N VAL L 3 -31.47 9.81 -47.97
CA VAL L 3 -30.63 10.10 -49.12
C VAL L 3 -30.03 11.49 -48.94
N LEU L 4 -28.75 11.62 -49.29
CA LEU L 4 -28.07 12.91 -49.35
C LEU L 4 -27.83 13.25 -50.80
N THR L 5 -28.22 14.46 -51.20
CA THR L 5 -28.13 14.91 -52.59
C THR L 5 -27.27 16.17 -52.63
N GLN L 6 -26.10 16.06 -53.26
CA GLN L 6 -25.25 17.20 -53.52
C GLN L 6 -25.59 17.83 -54.86
N SER L 7 -25.49 19.16 -54.92
CA SER L 7 -25.69 19.90 -56.16
C SER L 7 -24.87 21.17 -56.09
N PRO L 8 -24.36 21.67 -57.24
CA PRO L 8 -24.48 21.16 -58.61
C PRO L 8 -23.55 19.97 -58.84
N GLY L 9 -23.67 19.29 -59.98
CA GLY L 9 -22.82 18.13 -60.24
C GLY L 9 -21.35 18.50 -60.31
N THR L 10 -21.03 19.62 -60.96
CA THR L 10 -19.66 20.07 -61.07
C THR L 10 -19.63 21.59 -61.19
N LEU L 11 -18.55 22.18 -60.72
CA LEU L 11 -18.33 23.63 -60.76
C LEU L 11 -17.08 23.93 -61.56
N SER L 12 -17.19 24.81 -62.55
CA SER L 12 -16.06 25.31 -63.31
C SER L 12 -15.68 26.68 -62.75
N LEU L 13 -14.46 26.81 -62.24
CA LEU L 13 -14.03 27.99 -61.53
C LEU L 13 -12.62 28.38 -61.94
N SER L 14 -12.41 29.68 -62.15
CA SER L 14 -11.06 30.20 -62.26
C SER L 14 -10.43 30.30 -60.87
N PRO L 15 -9.14 30.02 -60.71
CA PRO L 15 -8.56 30.09 -59.35
C PRO L 15 -8.61 31.51 -58.79
N GLY L 16 -8.87 31.60 -57.49
CA GLY L 16 -8.92 32.85 -56.78
C GLY L 16 -10.32 33.39 -56.53
N GLU L 17 -11.35 32.78 -57.10
CA GLU L 17 -12.72 33.25 -56.94
C GLU L 17 -13.44 32.47 -55.84
N THR L 18 -14.74 32.72 -55.70
CA THR L 18 -15.56 32.16 -54.63
C THR L 18 -16.58 31.19 -55.22
N ALA L 19 -16.92 30.16 -54.43
CA ALA L 19 -17.87 29.14 -54.87
C ALA L 19 -18.56 28.53 -53.66
N ILE L 20 -19.72 27.92 -53.91
CA ILE L 20 -20.56 27.32 -52.87
C ILE L 20 -21.04 25.96 -53.35
N ILE L 21 -21.11 25.00 -52.43
CA ILE L 21 -21.61 23.66 -52.69
C ILE L 21 -22.68 23.35 -51.65
N SER L 22 -23.70 22.58 -52.06
CA SER L 22 -24.85 22.27 -51.21
C SER L 22 -24.93 20.77 -50.97
N CYS L 23 -25.60 20.41 -49.87
CA CYS L 23 -25.89 19.02 -49.54
C CYS L 23 -27.23 18.97 -48.81
N ARG L 24 -28.29 18.72 -49.55
CA ARG L 24 -29.60 18.55 -48.95
C ARG L 24 -29.67 17.21 -48.23
N THR L 25 -30.52 17.14 -47.21
CA THR L 25 -30.66 15.94 -46.39
C THR L 25 -32.14 15.71 -46.09
N SER L 26 -32.45 14.49 -45.67
CA SER L 26 -33.83 14.07 -45.38
C SER L 26 -33.98 13.45 -44.00
N GLN L 27 -33.00 13.59 -43.12
CA GLN L 27 -33.09 13.07 -41.76
C GLN L 27 -32.32 13.99 -40.83
N TYR L 28 -32.63 13.89 -39.54
CA TYR L 28 -31.95 14.70 -38.53
C TYR L 28 -30.66 14.03 -38.09
N GLY L 29 -29.54 14.74 -38.23
CA GLY L 29 -28.26 14.19 -37.82
C GLY L 29 -27.14 15.12 -38.23
N SER L 30 -25.96 14.82 -37.71
CA SER L 30 -24.79 15.65 -37.96
C SER L 30 -24.36 15.54 -39.42
N LEU L 31 -23.51 16.48 -39.84
CA LEU L 31 -22.98 16.53 -41.19
C LEU L 31 -21.48 16.74 -41.16
N ALA L 32 -20.82 16.32 -42.24
CA ALA L 32 -19.39 16.53 -42.41
C ALA L 32 -19.09 16.57 -43.90
N TRP L 33 -17.96 17.18 -44.25
CA TRP L 33 -17.55 17.36 -45.64
C TRP L 33 -16.11 16.91 -45.80
N TYR L 34 -15.82 16.36 -46.98
CA TYR L 34 -14.54 15.74 -47.29
C TYR L 34 -13.97 16.34 -48.56
N GLN L 35 -12.64 16.28 -48.69
CA GLN L 35 -11.93 16.73 -49.87
C GLN L 35 -11.10 15.57 -50.40
N GLN L 36 -11.29 15.25 -51.68
CA GLN L 36 -10.48 14.24 -52.37
C GLN L 36 -9.86 14.87 -53.60
N ARG L 37 -8.52 14.87 -53.65
CA ARG L 37 -7.79 15.11 -54.88
C ARG L 37 -7.35 13.77 -55.49
N PRO L 38 -7.10 13.70 -56.79
CA PRO L 38 -6.59 12.43 -57.35
C PRO L 38 -5.25 12.06 -56.73
N GLY L 39 -5.08 10.76 -56.49
CA GLY L 39 -3.82 10.26 -55.97
C GLY L 39 -3.63 10.38 -54.47
N GLN L 40 -4.72 10.56 -53.70
CA GLN L 40 -4.62 10.58 -52.25
C GLN L 40 -5.93 10.09 -51.65
N ALA L 41 -5.89 9.86 -50.34
CA ALA L 41 -7.09 9.51 -49.61
C ALA L 41 -7.91 10.78 -49.33
N PRO L 42 -9.24 10.68 -49.19
CA PRO L 42 -10.01 11.85 -48.79
C PRO L 42 -9.62 12.32 -47.40
N ARG L 43 -9.83 13.62 -47.16
CA ARG L 43 -9.48 14.26 -45.89
C ARG L 43 -10.69 15.00 -45.34
N LEU L 44 -10.79 15.05 -44.01
CA LEU L 44 -11.89 15.76 -43.37
C LEU L 44 -11.66 17.26 -43.47
N VAL L 45 -12.75 18.00 -43.70
CA VAL L 45 -12.71 19.46 -43.79
C VAL L 45 -13.47 20.12 -42.65
N ILE L 46 -14.78 19.86 -42.55
CA ILE L 46 -15.62 20.38 -41.49
C ILE L 46 -16.48 19.25 -40.95
N TYR L 47 -16.98 19.44 -39.72
CA TYR L 47 -17.79 18.41 -39.08
C TYR L 47 -18.68 19.05 -38.04
N SER L 48 -19.66 18.27 -37.57
CA SER L 48 -20.64 18.73 -36.59
C SER L 48 -21.36 19.97 -37.09
N GLY L 49 -21.65 20.00 -38.38
CA GLY L 49 -22.26 21.16 -39.00
C GLY L 49 -21.21 22.13 -39.51
N SER L 50 -20.92 23.17 -38.72
CA SER L 50 -20.10 24.29 -39.17
C SER L 50 -18.70 24.31 -38.57
N THR L 51 -18.40 23.51 -37.55
CA THR L 51 -17.07 23.52 -36.96
C THR L 51 -16.05 23.01 -37.98
N ARG L 52 -14.78 23.25 -37.70
CA ARG L 52 -13.70 23.05 -38.66
C ARG L 52 -12.68 22.03 -38.19
N ALA L 53 -12.12 21.30 -39.14
CA ALA L 53 -11.04 20.37 -38.84
C ALA L 53 -9.73 21.11 -38.65
N ALA L 54 -8.82 20.48 -37.92
CA ALA L 54 -7.55 21.13 -37.58
C ALA L 54 -6.60 21.16 -38.77
N GLY L 55 -5.87 22.26 -38.89
CA GLY L 55 -4.79 22.37 -39.85
C GLY L 55 -5.18 22.80 -41.24
N ILE L 56 -6.45 23.09 -41.48
CA ILE L 56 -6.94 23.49 -42.80
C ILE L 56 -7.15 25.00 -42.80
N PRO L 57 -6.80 25.74 -43.87
CA PRO L 57 -7.00 27.20 -43.85
C PRO L 57 -8.47 27.58 -43.68
N ASP L 58 -8.70 28.86 -43.44
CA ASP L 58 -10.04 29.38 -43.15
C ASP L 58 -10.89 29.59 -44.40
N ARG L 59 -10.42 29.17 -45.58
CA ARG L 59 -11.20 29.35 -46.80
C ARG L 59 -12.52 28.59 -46.73
N PHE L 60 -12.56 27.46 -46.03
CA PHE L 60 -13.71 26.57 -46.01
C PHE L 60 -14.61 26.92 -44.82
N SER L 61 -15.91 27.00 -45.08
CA SER L 61 -16.89 27.24 -44.03
C SER L 61 -18.22 26.66 -44.48
N GLY L 62 -19.14 26.49 -43.53
CA GLY L 62 -20.42 25.87 -43.81
C GLY L 62 -21.54 26.54 -43.05
N SER L 63 -22.76 26.35 -43.57
CA SER L 63 -23.97 26.96 -43.02
C SER L 63 -25.09 25.93 -43.03
N ARG L 64 -25.87 25.91 -41.96
CA ARG L 64 -26.99 24.98 -41.80
C ARG L 64 -28.30 25.74 -41.93
N TRP L 65 -29.17 25.26 -42.82
CA TRP L 65 -30.50 25.84 -43.03
C TRP L 65 -31.61 24.87 -42.64
N GLY L 66 -31.30 23.87 -41.82
CA GLY L 66 -32.27 22.87 -41.42
C GLY L 66 -32.20 21.63 -42.29
N PRO L 67 -33.19 21.40 -43.17
CA PRO L 67 -33.07 20.27 -44.09
C PRO L 67 -32.12 20.52 -45.26
N ASP L 68 -31.50 21.70 -45.35
CA ASP L 68 -30.51 22.02 -46.36
C ASP L 68 -29.24 22.51 -45.69
N TYR L 69 -28.11 22.24 -46.33
CA TYR L 69 -26.80 22.63 -45.82
C TYR L 69 -25.94 23.05 -46.99
N ASN L 70 -25.04 24.02 -46.75
CA ASN L 70 -24.14 24.53 -47.79
C ASN L 70 -22.72 24.62 -47.25
N LEU L 71 -21.76 24.42 -48.15
CA LEU L 71 -20.36 24.70 -47.91
C LEU L 71 -19.94 25.85 -48.81
N THR L 72 -19.30 26.86 -48.22
CA THR L 72 -18.82 28.03 -48.94
C THR L 72 -17.30 28.02 -48.95
N ILE L 73 -16.71 28.10 -50.14
CA ILE L 73 -15.28 28.14 -50.33
C ILE L 73 -14.94 29.47 -50.97
N SER L 74 -14.02 30.21 -50.35
CA SER L 74 -13.70 31.58 -50.71
C SER L 74 -12.25 31.67 -51.16
N ASN L 75 -12.01 32.31 -52.31
CA ASN L 75 -10.69 32.49 -52.87
C ASN L 75 -10.00 31.13 -53.07
N LEU L 76 -10.63 30.31 -53.90
CA LEU L 76 -10.18 28.94 -54.09
C LEU L 76 -8.86 28.87 -54.85
N GLU L 77 -7.80 28.46 -54.17
CA GLU L 77 -6.51 28.30 -54.80
C GLU L 77 -6.51 27.03 -55.67
N SER L 78 -5.46 26.90 -56.48
CA SER L 78 -5.37 25.76 -57.39
C SER L 78 -5.27 24.44 -56.63
N GLY L 79 -4.57 24.43 -55.50
CA GLY L 79 -4.37 23.19 -54.75
C GLY L 79 -5.63 22.65 -54.10
N ASP L 80 -6.64 23.48 -53.92
CA ASP L 80 -7.88 23.05 -53.26
C ASP L 80 -8.87 22.38 -54.20
N PHE L 81 -8.60 22.35 -55.50
CA PHE L 81 -9.54 21.73 -56.42
C PHE L 81 -9.54 20.21 -56.26
N GLY L 82 -10.71 19.61 -56.45
CA GLY L 82 -10.87 18.18 -56.29
C GLY L 82 -12.33 17.80 -56.33
N VAL L 83 -12.65 16.72 -55.60
CA VAL L 83 -14.01 16.21 -55.47
C VAL L 83 -14.40 16.25 -54.01
N TYR L 84 -15.59 16.78 -53.71
CA TYR L 84 -16.05 17.02 -52.35
C TYR L 84 -17.27 16.19 -52.05
N TYR L 85 -17.26 15.47 -50.92
CA TYR L 85 -18.32 14.56 -50.52
C TYR L 85 -19.02 15.06 -49.27
N CYS L 86 -20.32 14.79 -49.19
CA CYS L 86 -21.12 15.03 -47.99
C CYS L 86 -21.26 13.73 -47.21
N GLN L 87 -21.63 13.84 -45.94
CA GLN L 87 -21.80 12.66 -45.10
C GLN L 87 -22.79 12.96 -43.98
N GLN L 88 -23.59 11.95 -43.62
CA GLN L 88 -24.44 12.01 -42.42
C GLN L 88 -24.30 10.68 -41.67
N TYR L 89 -24.13 10.69 -40.35
CA TYR L 89 -23.91 9.50 -39.53
C TYR L 89 -22.85 8.57 -40.13
N GLU L 90 -22.27 7.02 -42.70
CA GLU L 90 -22.50 5.86 -43.53
C GLU L 90 -23.09 6.27 -44.88
N PHE L 91 -23.96 7.28 -44.86
CA PHE L 91 -24.59 7.79 -46.06
C PHE L 91 -23.73 8.92 -46.63
N PHE L 92 -23.40 8.82 -47.91
CA PHE L 92 -22.56 9.79 -48.59
C PHE L 92 -23.28 10.34 -49.81
N GLY L 93 -23.00 11.59 -50.13
CA GLY L 93 -23.50 12.17 -51.36
C GLY L 93 -22.72 11.71 -52.56
N GLN L 94 -23.28 11.95 -53.74
CA GLN L 94 -22.64 11.47 -54.97
C GLN L 94 -21.41 12.28 -55.38
N GLY L 95 -20.92 13.23 -54.57
CA GLY L 95 -19.69 13.92 -54.89
C GLY L 95 -19.86 15.04 -55.88
N THR L 96 -19.22 16.17 -55.60
CA THR L 96 -19.22 17.33 -56.49
C THR L 96 -17.77 17.66 -56.84
N LYS L 97 -17.51 17.77 -58.14
CA LYS L 97 -16.16 18.01 -58.65
C LYS L 97 -16.01 19.47 -59.05
N VAL L 98 -15.09 20.16 -58.38
CA VAL L 98 -14.74 21.54 -58.72
C VAL L 98 -13.49 21.50 -59.59
N GLN L 99 -13.54 22.18 -60.74
CA GLN L 99 -12.56 22.02 -61.80
C GLN L 99 -11.99 23.39 -62.18
N VAL L 100 -10.72 23.40 -62.58
CA VAL L 100 -10.01 24.64 -62.88
C VAL L 100 -10.35 25.07 -64.31
N ASP L 101 -10.61 26.36 -64.49
CA ASP L 101 -10.82 26.91 -65.83
C ASP L 101 -9.48 27.02 -66.57
#